data_5YPZ
#
_entry.id   5YPZ
#
_cell.length_a   157.216
_cell.length_b   157.216
_cell.length_c   118.132
_cell.angle_alpha   90.000
_cell.angle_beta   90.000
_cell.angle_gamma   120.000
#
_symmetry.space_group_name_H-M   'P 65'
#
loop_
_entity.id
_entity.type
_entity.pdbx_description
1 polymer CofB
2 polymer CofJ
#
loop_
_entity_poly.entity_id
_entity_poly.type
_entity_poly.pdbx_seq_one_letter_code
_entity_poly.pdbx_strand_id
1 'polypeptide(L)'
;GPDEARRQIVSNALISEIAGIVDFVAEEQITVIEQGIEKEITNPLYEQSSGIPYINRTTNKDLNSTMSTNASEFINWGAG
TSTRIFFTRKYCISTGTQGNYEFSKDYIPCEEPAILSNSDLKIDRIDFVATDNTVGSAIERVDFILTFDKSNANESFYFS
NYVSSLEKAAEQHSISFKDIYVVERNSSGAAGWRLTTISGKPLTFSGLSKNIGSLDKTKNYGLRLSIDPNLGKFLRADGR
VGADKLCWNIDNKMSGPCLAADDSGNNLVLTKGKGAKSNEPGLCWDLNTGTSKLCLTQIEGKDNNDKDASLIKLKDDNGN
PATMLANILVEEKSMTDSTKKELRTIPNTIYAAFSNSNASDLVITNPGNYIGNVTSEKGRIELNVQDCPVSPDGNKLHPR
LSASIASIVADTKDSNGKYQADFSSLAGNRNSGGQLGYLSGTAIQVNQSGSKWYITATMGVFDPLTNTTYVYLNPKFLSV
NITTWCSTEPQT
;
A,B,C
2 'polypeptide(L)' SPSSSEGGAFTVNMPKTSTVDDIR D,E,F
#
# COMPACT_ATOMS: atom_id res chain seq x y z
N ASP A 3 24.55 41.95 -9.72
CA ASP A 3 23.21 41.39 -9.86
C ASP A 3 23.28 39.86 -9.73
N GLU A 4 22.67 39.32 -8.68
CA GLU A 4 22.65 37.87 -8.43
C GLU A 4 21.55 37.14 -9.19
N ALA A 5 20.60 37.85 -9.79
CA ALA A 5 19.58 37.18 -10.60
C ALA A 5 20.18 36.67 -11.90
N ARG A 6 21.15 37.41 -12.45
CA ARG A 6 21.87 36.93 -13.63
C ARG A 6 22.82 35.80 -13.26
N ARG A 7 23.52 35.94 -12.13
CA ARG A 7 24.37 34.86 -11.64
C ARG A 7 23.61 33.57 -11.42
N GLN A 8 22.34 33.66 -11.00
CA GLN A 8 21.56 32.47 -10.73
C GLN A 8 21.22 31.72 -12.02
N ILE A 9 20.98 32.45 -13.10
CA ILE A 9 20.71 31.81 -14.39
C ILE A 9 21.96 31.10 -14.89
N VAL A 10 23.11 31.78 -14.83
CA VAL A 10 24.37 31.17 -15.24
C VAL A 10 24.65 29.90 -14.43
N SER A 11 24.42 29.96 -13.12
CA SER A 11 24.69 28.79 -12.29
C SER A 11 23.71 27.65 -12.55
N ASN A 12 22.43 27.99 -12.82
CA ASN A 12 21.46 26.94 -13.12
C ASN A 12 21.81 26.22 -14.41
N ALA A 13 22.23 26.97 -15.44
CA ALA A 13 22.71 26.34 -16.66
C ALA A 13 23.97 25.51 -16.40
N LEU A 14 24.95 26.10 -15.70
CA LEU A 14 26.18 25.39 -15.38
C LEU A 14 25.90 24.07 -14.66
N ILE A 15 25.05 24.12 -13.62
CA ILE A 15 24.74 22.92 -12.87
C ILE A 15 23.92 21.95 -13.72
N SER A 16 23.07 22.47 -14.62
CA SER A 16 22.37 21.60 -15.56
C SER A 16 23.37 20.81 -16.41
N GLU A 17 24.33 21.51 -17.02
CA GLU A 17 25.39 20.83 -17.76
C GLU A 17 26.15 19.85 -16.89
N ILE A 18 26.62 20.30 -15.73
CA ILE A 18 27.35 19.43 -14.82
C ILE A 18 26.53 18.20 -14.46
N ALA A 19 25.25 18.39 -14.15
CA ALA A 19 24.41 17.27 -13.72
C ALA A 19 24.25 16.23 -14.82
N GLY A 20 24.02 16.68 -16.06
CA GLY A 20 23.89 15.75 -17.17
C GLY A 20 25.14 14.90 -17.37
N ILE A 21 26.31 15.54 -17.37
CA ILE A 21 27.58 14.83 -17.55
C ILE A 21 27.75 13.76 -16.48
N VAL A 22 27.48 14.11 -15.22
CA VAL A 22 27.58 13.13 -14.14
C VAL A 22 26.64 11.96 -14.39
N ASP A 23 25.42 12.26 -14.87
CA ASP A 23 24.48 11.19 -15.20
C ASP A 23 25.06 10.25 -16.24
N PHE A 24 25.75 10.80 -17.25
CA PHE A 24 26.34 9.97 -18.28
C PHE A 24 27.45 9.09 -17.73
N VAL A 25 28.29 9.65 -16.86
CA VAL A 25 29.36 8.87 -16.25
C VAL A 25 28.79 7.73 -15.40
N ALA A 26 27.67 7.99 -14.72
CA ALA A 26 27.08 7.07 -13.75
C ALA A 26 26.23 5.98 -14.37
N GLU A 27 26.27 5.77 -15.68
CA GLU A 27 25.51 4.70 -16.35
C GLU A 27 26.49 3.76 -17.02
N GLU A 28 26.69 2.58 -16.43
CA GLU A 28 27.59 1.61 -17.04
C GLU A 28 26.92 0.98 -18.26
N GLN A 29 25.61 0.75 -18.20
CA GLN A 29 24.80 0.36 -19.33
C GLN A 29 23.92 1.53 -19.75
N ILE A 30 23.99 1.93 -21.01
CA ILE A 30 23.20 3.03 -21.51
C ILE A 30 22.21 2.52 -22.54
N THR A 31 21.08 3.20 -22.62
CA THR A 31 20.01 2.84 -23.56
C THR A 31 20.26 3.62 -24.85
N VAL A 32 20.57 2.87 -25.92
CA VAL A 32 20.96 3.44 -27.20
C VAL A 32 19.90 3.03 -28.21
N ILE A 33 19.91 3.70 -29.35
CA ILE A 33 19.00 3.40 -30.41
C ILE A 33 19.63 2.94 -31.71
N GLU A 34 19.74 1.64 -31.87
CA GLU A 34 20.33 1.03 -33.03
C GLU A 34 19.23 0.60 -33.93
N GLN A 35 19.31 0.99 -35.20
CA GLN A 35 18.29 0.61 -36.18
C GLN A 35 16.85 0.65 -35.64
N GLY A 36 16.44 1.79 -35.13
CA GLY A 36 15.10 1.97 -34.61
C GLY A 36 14.53 1.21 -33.44
N ILE A 37 15.32 0.34 -32.82
CA ILE A 37 14.83 -0.43 -31.69
C ILE A 37 15.78 -0.22 -30.52
N GLU A 38 15.25 0.27 -29.40
CA GLU A 38 16.11 0.52 -28.27
C GLU A 38 16.98 -0.70 -28.00
N LYS A 39 18.25 -0.45 -27.71
CA LYS A 39 19.18 -1.52 -27.35
C LYS A 39 20.11 -1.01 -26.24
N GLU A 40 20.37 -1.88 -25.26
CA GLU A 40 21.31 -1.58 -24.20
C GLU A 40 22.72 -1.96 -24.62
N ILE A 41 23.64 -1.00 -24.55
CA ILE A 41 25.05 -1.26 -24.80
C ILE A 41 25.87 -0.69 -23.65
N THR A 42 27.08 -1.20 -23.53
CA THR A 42 28.03 -0.68 -22.54
C THR A 42 28.41 0.75 -22.89
N ASN A 43 28.37 1.62 -21.90
CA ASN A 43 28.76 3.01 -22.07
C ASN A 43 30.13 3.10 -22.72
N PRO A 44 30.29 3.87 -23.80
CA PRO A 44 31.61 4.01 -24.45
C PRO A 44 32.73 4.44 -23.50
N LEU A 45 32.36 5.00 -22.34
CA LEU A 45 33.37 5.35 -21.35
C LEU A 45 34.13 4.13 -20.86
N TYR A 46 33.48 2.97 -20.81
CA TYR A 46 34.04 1.78 -20.20
C TYR A 46 34.32 0.67 -21.20
N GLU A 47 34.44 1.03 -22.48
CA GLU A 47 34.97 0.13 -23.49
C GLU A 47 36.43 0.48 -23.72
N GLN A 48 37.32 -0.47 -23.43
CA GLN A 48 38.73 -0.24 -23.72
C GLN A 48 39.00 -0.24 -25.22
N SER A 49 37.92 -0.22 -25.97
CA SER A 49 37.95 -0.17 -27.43
C SER A 49 37.46 1.16 -27.99
N SER A 50 36.87 2.02 -27.17
CA SER A 50 36.45 3.32 -27.67
C SER A 50 37.67 4.22 -27.80
N GLY A 51 37.47 5.35 -28.47
CA GLY A 51 38.56 6.26 -28.77
C GLY A 51 38.48 7.53 -27.95
N ILE A 52 39.30 8.50 -28.36
CA ILE A 52 39.24 9.82 -27.73
C ILE A 52 37.87 10.43 -27.97
N PRO A 53 37.21 11.02 -26.96
CA PRO A 53 37.72 11.19 -25.60
C PRO A 53 37.14 10.24 -24.55
N TYR A 54 36.53 9.12 -24.99
CA TYR A 54 35.82 8.26 -24.04
C TYR A 54 36.77 7.56 -23.08
N ILE A 55 38.02 7.32 -23.51
CA ILE A 55 38.99 6.61 -22.70
C ILE A 55 39.91 7.53 -21.90
N ASN A 56 39.79 8.84 -22.08
CA ASN A 56 40.69 9.79 -21.41
C ASN A 56 40.55 9.72 -19.89
N ARG A 57 41.68 9.58 -19.20
CA ARG A 57 41.69 9.47 -17.75
C ARG A 57 42.88 10.20 -17.16
N THR A 58 42.64 11.01 -16.13
CA THR A 58 43.68 11.49 -15.22
C THR A 58 43.72 10.59 -14.00
N THR A 59 44.80 10.71 -13.21
CA THR A 59 45.02 9.83 -12.06
C THR A 59 45.20 10.56 -10.73
N ASN A 60 44.88 11.85 -10.66
CA ASN A 60 45.03 12.54 -9.38
C ASN A 60 43.83 12.13 -8.52
N LYS A 61 43.93 10.91 -7.99
CA LYS A 61 42.92 10.39 -7.08
C LYS A 61 42.77 11.31 -5.89
N ASP A 62 43.89 11.80 -5.37
CA ASP A 62 43.87 12.77 -4.28
C ASP A 62 43.38 14.11 -4.80
N LEU A 63 42.47 14.73 -4.05
CA LEU A 63 42.04 16.08 -4.38
C LEU A 63 43.19 17.08 -4.28
N ASN A 64 44.26 16.71 -3.58
CA ASN A 64 45.43 17.56 -3.41
C ASN A 64 46.57 17.19 -4.33
N SER A 65 46.38 16.22 -5.22
CA SER A 65 47.46 15.85 -6.12
C SER A 65 47.51 16.81 -7.30
N THR A 66 48.64 16.78 -7.99
CA THR A 66 48.84 17.68 -9.12
C THR A 66 47.87 17.34 -10.25
N MET A 67 47.17 18.36 -10.74
CA MET A 67 46.28 18.16 -11.87
C MET A 67 47.07 17.89 -13.14
N SER A 68 46.53 17.02 -13.99
CA SER A 68 47.20 16.58 -15.21
C SER A 68 47.47 17.74 -16.16
N THR A 69 48.51 17.57 -16.97
CA THR A 69 48.86 18.50 -18.04
C THR A 69 48.82 17.83 -19.41
N ASN A 70 48.18 16.66 -19.49
CA ASN A 70 48.14 15.85 -20.71
C ASN A 70 46.77 15.98 -21.39
N ALA A 71 46.78 16.34 -22.68
CA ALA A 71 45.54 16.62 -23.37
C ALA A 71 44.69 15.37 -23.63
N SER A 72 45.28 14.18 -23.66
CA SER A 72 44.51 12.96 -23.77
C SER A 72 44.17 12.33 -22.42
N GLU A 73 44.30 13.09 -21.34
CA GLU A 73 43.88 12.65 -20.02
C GLU A 73 42.69 13.43 -19.51
N PHE A 74 42.76 14.75 -19.54
CA PHE A 74 41.60 15.58 -19.29
C PHE A 74 40.84 15.79 -20.60
N ILE A 75 39.69 16.44 -20.51
CA ILE A 75 38.83 16.69 -21.66
C ILE A 75 38.60 18.19 -21.79
N ASN A 76 39.18 18.80 -22.83
CA ASN A 76 38.92 20.21 -23.11
C ASN A 76 37.47 20.38 -23.52
N TRP A 77 36.83 21.42 -22.98
CA TRP A 77 35.41 21.62 -23.17
C TRP A 77 35.15 23.01 -23.74
N GLY A 78 33.99 23.16 -24.36
CA GLY A 78 33.49 24.47 -24.75
C GLY A 78 33.79 24.96 -26.16
N ALA A 79 34.03 26.26 -26.27
CA ALA A 79 34.23 26.90 -27.56
C ALA A 79 35.50 26.40 -28.23
N GLY A 80 35.42 26.21 -29.54
CA GLY A 80 36.55 25.72 -30.29
C GLY A 80 36.75 24.23 -30.21
N THR A 81 35.93 23.55 -29.42
CA THR A 81 36.05 22.13 -29.18
C THR A 81 34.89 21.37 -29.82
N SER A 82 35.18 20.21 -30.37
CA SER A 82 34.16 19.30 -30.87
C SER A 82 33.71 18.32 -29.82
N THR A 83 34.05 18.59 -28.55
CA THR A 83 33.81 17.64 -27.47
C THR A 83 32.33 17.30 -27.35
N ARG A 84 31.46 18.30 -27.45
CA ARG A 84 30.04 18.10 -27.18
C ARG A 84 29.42 17.02 -28.07
N ILE A 85 29.96 16.83 -29.29
CA ILE A 85 29.47 15.79 -30.20
C ILE A 85 29.46 14.43 -29.52
N PHE A 86 30.50 14.13 -28.73
CA PHE A 86 30.65 12.80 -28.15
C PHE A 86 29.73 12.56 -26.96
N PHE A 87 29.01 13.57 -26.49
CA PHE A 87 28.12 13.42 -25.35
C PHE A 87 26.69 13.82 -25.66
N THR A 88 26.36 13.98 -26.94
CA THR A 88 25.01 14.25 -27.40
C THR A 88 24.66 13.24 -28.48
N ARG A 89 23.36 13.19 -28.82
CA ARG A 89 22.89 12.24 -29.81
C ARG A 89 23.58 12.44 -31.16
N LYS A 90 23.75 11.33 -31.89
CA LYS A 90 24.32 11.41 -33.24
C LYS A 90 23.45 12.25 -34.16
N TYR A 91 22.13 12.20 -33.97
CA TYR A 91 21.21 12.93 -34.82
C TYR A 91 20.63 14.14 -34.11
N CYS A 92 21.52 14.95 -33.52
CA CYS A 92 21.16 16.30 -33.16
C CYS A 92 21.06 17.18 -34.39
N ILE A 93 21.73 16.79 -35.46
CA ILE A 93 21.48 17.31 -36.80
C ILE A 93 20.78 16.20 -37.58
N SER A 94 19.89 16.61 -38.50
CA SER A 94 19.10 15.64 -39.25
C SER A 94 19.97 14.71 -40.06
N THR A 95 21.18 15.15 -40.38
CA THR A 95 22.12 14.40 -41.21
C THR A 95 22.87 13.34 -40.40
N GLY A 96 23.27 13.68 -39.19
CA GLY A 96 24.04 12.80 -38.31
C GLY A 96 25.39 13.48 -38.10
N THR A 97 25.82 13.50 -36.85
CA THR A 97 27.11 14.12 -36.53
C THR A 97 28.20 13.07 -36.61
N GLN A 98 29.41 13.44 -36.24
CA GLN A 98 30.50 12.49 -36.27
C GLN A 98 30.47 11.52 -35.09
N GLY A 99 29.62 11.78 -34.10
CA GLY A 99 29.45 10.82 -33.03
C GLY A 99 28.80 9.55 -33.54
N ASN A 100 29.03 8.45 -32.82
CA ASN A 100 28.58 7.14 -33.27
C ASN A 100 27.44 6.58 -32.43
N TYR A 101 26.85 7.39 -31.53
CA TYR A 101 25.84 6.90 -30.62
C TYR A 101 24.59 7.78 -30.65
N GLU A 102 23.43 7.14 -30.74
CA GLU A 102 22.12 7.76 -30.61
C GLU A 102 21.52 7.33 -29.27
N PHE A 103 21.74 8.15 -28.24
CA PHE A 103 21.21 7.87 -26.92
C PHE A 103 19.68 7.97 -26.95
N SER A 104 19.03 7.14 -26.14
CA SER A 104 17.57 7.16 -26.07
C SER A 104 17.05 8.42 -25.38
N LYS A 105 17.91 9.11 -24.62
CA LYS A 105 17.56 10.35 -23.94
C LYS A 105 18.71 11.32 -24.07
N ASP A 106 18.40 12.60 -24.04
CA ASP A 106 19.41 13.66 -24.09
C ASP A 106 19.98 13.89 -22.69
N TYR A 107 21.26 13.57 -22.49
CA TYR A 107 21.88 13.85 -21.20
C TYR A 107 22.17 15.34 -21.05
N ILE A 108 22.67 15.97 -22.10
CA ILE A 108 22.80 17.42 -22.18
C ILE A 108 22.21 17.87 -23.50
N PRO A 109 21.72 19.11 -23.60
CA PRO A 109 21.21 19.58 -24.89
C PRO A 109 22.29 19.57 -25.96
N CYS A 110 21.87 19.29 -27.19
CA CYS A 110 22.80 19.20 -28.29
C CYS A 110 23.52 20.51 -28.52
N GLU A 111 22.79 21.61 -28.41
CA GLU A 111 23.33 22.95 -28.49
C GLU A 111 23.55 23.47 -27.08
N GLU A 112 24.77 23.93 -26.81
CA GLU A 112 25.09 24.40 -25.47
C GLU A 112 24.17 25.56 -25.09
N PRO A 113 23.63 25.57 -23.84
CA PRO A 113 22.79 26.69 -23.39
C PRO A 113 23.35 28.06 -23.73
N ALA A 114 22.57 28.85 -24.47
CA ALA A 114 23.05 30.13 -24.99
C ALA A 114 23.56 31.07 -23.90
N ILE A 115 23.09 30.91 -22.67
CA ILE A 115 23.54 31.79 -21.59
C ILE A 115 25.02 31.60 -21.34
N LEU A 116 25.53 30.39 -21.56
CA LEU A 116 26.92 30.07 -21.29
C LEU A 116 27.86 30.45 -22.44
N SER A 117 27.32 30.93 -23.56
CA SER A 117 28.13 31.23 -24.74
C SER A 117 29.02 32.46 -24.55
N ASN A 118 28.66 33.36 -23.63
CA ASN A 118 29.41 34.59 -23.43
C ASN A 118 29.46 34.97 -21.96
N SER A 119 29.18 34.03 -21.07
CA SER A 119 29.12 34.29 -19.63
C SER A 119 30.52 34.40 -19.04
N ASP A 120 30.58 34.95 -17.83
CA ASP A 120 31.85 35.15 -17.14
C ASP A 120 32.39 33.86 -16.52
N LEU A 121 31.55 32.85 -16.35
CA LEU A 121 31.97 31.57 -15.81
C LEU A 121 31.57 30.49 -16.80
N LYS A 122 32.55 29.72 -17.27
CA LYS A 122 32.32 28.68 -18.28
C LYS A 122 33.06 27.42 -17.87
N ILE A 123 32.46 26.26 -18.16
CA ILE A 123 33.16 24.99 -18.00
C ILE A 123 34.21 24.90 -19.10
N ASP A 124 35.49 24.97 -18.74
CA ASP A 124 36.54 24.96 -19.74
C ASP A 124 37.18 23.59 -19.93
N ARG A 125 37.13 22.73 -18.93
CA ARG A 125 37.83 21.45 -19.00
C ARG A 125 37.25 20.51 -17.95
N ILE A 126 37.13 19.24 -18.32
CA ILE A 126 36.53 18.21 -17.47
C ILE A 126 37.54 17.08 -17.27
N ASP A 127 37.81 16.74 -16.00
CA ASP A 127 38.77 15.70 -15.62
C ASP A 127 38.03 14.44 -15.15
N PHE A 128 38.38 13.29 -15.75
CA PHE A 128 37.86 11.98 -15.33
C PHE A 128 38.91 11.23 -14.52
N VAL A 129 38.76 11.22 -13.20
CA VAL A 129 39.72 10.59 -12.29
C VAL A 129 39.56 9.08 -12.34
N ALA A 130 40.60 8.38 -12.78
CA ALA A 130 40.55 6.93 -12.89
C ALA A 130 40.82 6.25 -11.55
N THR A 131 40.10 5.17 -11.29
CA THR A 131 40.28 4.40 -10.06
C THR A 131 41.44 3.41 -10.18
N ASP A 132 41.83 3.05 -11.39
CA ASP A 132 42.96 2.16 -11.60
C ASP A 132 43.64 2.56 -12.91
N ASN A 133 44.57 1.73 -13.37
CA ASN A 133 45.36 2.03 -14.56
C ASN A 133 45.03 1.09 -15.73
N THR A 134 43.80 0.60 -15.80
CA THR A 134 43.35 -0.17 -16.96
C THR A 134 42.60 0.75 -17.91
N VAL A 135 42.65 0.42 -19.20
CA VAL A 135 41.97 1.24 -20.18
C VAL A 135 40.47 1.07 -20.00
N GLY A 136 39.75 2.19 -19.96
CA GLY A 136 38.33 2.14 -19.68
C GLY A 136 38.02 1.89 -18.23
N SER A 137 38.88 2.33 -17.31
CA SER A 137 38.66 2.12 -15.89
C SER A 137 37.47 2.94 -15.40
N ALA A 138 36.96 2.57 -14.23
CA ALA A 138 35.88 3.32 -13.62
C ALA A 138 36.38 4.69 -13.18
N ILE A 139 35.47 5.66 -13.20
CA ILE A 139 35.77 7.04 -12.80
C ILE A 139 35.24 7.22 -11.38
N GLU A 140 36.11 7.68 -10.49
CA GLU A 140 35.76 7.83 -9.09
C GLU A 140 35.57 9.27 -8.66
N ARG A 141 35.93 10.24 -9.50
CA ARG A 141 35.65 11.64 -9.23
C ARG A 141 35.69 12.41 -10.55
N VAL A 142 34.76 13.35 -10.71
CA VAL A 142 34.71 14.21 -11.89
C VAL A 142 34.94 15.64 -11.43
N ASP A 143 36.01 16.27 -11.93
CA ASP A 143 36.36 17.64 -11.58
C ASP A 143 35.98 18.54 -12.75
N PHE A 144 35.26 19.62 -12.45
CA PHE A 144 34.85 20.60 -13.45
C PHE A 144 35.61 21.90 -13.23
N ILE A 145 36.51 22.21 -14.17
CA ILE A 145 37.26 23.45 -14.13
C ILE A 145 36.44 24.53 -14.83
N LEU A 146 36.01 25.52 -14.06
CA LEU A 146 35.20 26.63 -14.56
C LEU A 146 36.07 27.88 -14.56
N THR A 147 36.30 28.44 -15.74
CA THR A 147 37.16 29.61 -15.86
C THR A 147 36.38 30.90 -15.64
N PHE A 148 37.03 31.86 -14.97
CA PHE A 148 36.47 33.18 -14.72
C PHE A 148 36.96 34.13 -15.80
N ASP A 149 36.06 34.63 -16.61
CA ASP A 149 36.42 35.46 -17.76
C ASP A 149 36.45 36.94 -17.36
N PHE A 159 33.70 35.87 -6.45
CA PHE A 159 34.23 34.52 -6.38
C PHE A 159 33.52 33.69 -5.31
N SER A 160 32.90 34.39 -4.37
CA SER A 160 32.02 33.74 -3.41
C SER A 160 30.57 33.99 -3.74
N ASN A 161 30.33 34.97 -4.61
CA ASN A 161 28.99 35.19 -5.16
C ASN A 161 28.56 34.02 -6.01
N TYR A 162 29.46 33.56 -6.90
CA TYR A 162 29.13 32.45 -7.77
C TYR A 162 29.11 31.12 -7.01
N VAL A 163 29.91 30.99 -5.96
CA VAL A 163 29.90 29.74 -5.20
C VAL A 163 28.59 29.60 -4.45
N SER A 164 28.09 30.70 -3.88
CA SER A 164 26.75 30.66 -3.29
C SER A 164 25.70 30.34 -4.35
N SER A 165 25.82 30.95 -5.53
CA SER A 165 24.85 30.70 -6.60
C SER A 165 24.95 29.27 -7.09
N LEU A 166 26.16 28.77 -7.32
CA LEU A 166 26.32 27.39 -7.77
C LEU A 166 25.84 26.40 -6.71
N GLU A 167 26.09 26.68 -5.44
CA GLU A 167 25.64 25.77 -4.39
C GLU A 167 24.12 25.73 -4.31
N LYS A 168 23.47 26.87 -4.53
CA LYS A 168 22.02 26.91 -4.60
C LYS A 168 21.50 26.10 -5.78
N ALA A 169 22.08 26.30 -6.96
CA ALA A 169 21.64 25.57 -8.15
C ALA A 169 21.87 24.07 -7.99
N ALA A 170 22.96 23.67 -7.33
CA ALA A 170 23.21 22.26 -7.10
C ALA A 170 22.28 21.68 -6.04
N GLU A 171 21.91 22.49 -5.05
CA GLU A 171 20.92 22.05 -4.05
C GLU A 171 19.60 21.68 -4.72
N GLN A 172 19.19 22.44 -5.74
CA GLN A 172 17.94 22.22 -6.44
C GLN A 172 17.98 21.04 -7.41
N HIS A 173 19.15 20.48 -7.70
CA HIS A 173 19.28 19.43 -8.71
C HIS A 173 19.75 18.11 -8.09
N SER A 174 19.71 18.01 -6.76
CA SER A 174 20.01 16.77 -6.04
C SER A 174 21.45 16.31 -6.24
N ILE A 175 22.37 17.28 -6.34
CA ILE A 175 23.79 16.99 -6.40
C ILE A 175 24.52 17.89 -5.39
N SER A 176 25.72 17.44 -5.01
CA SER A 176 26.54 18.19 -4.06
C SER A 176 28.01 18.05 -4.44
N PHE A 177 28.77 19.11 -4.20
CA PHE A 177 30.20 19.12 -4.50
C PHE A 177 31.00 18.43 -3.41
N LYS A 178 31.85 17.48 -3.84
CA LYS A 178 32.81 16.88 -2.92
C LYS A 178 33.73 17.94 -2.33
N ASP A 179 34.19 18.87 -3.17
CA ASP A 179 34.95 20.02 -2.71
C ASP A 179 35.03 21.02 -3.86
N ILE A 180 35.31 22.27 -3.50
CA ILE A 180 35.51 23.35 -4.46
C ILE A 180 36.91 23.89 -4.25
N TYR A 181 37.70 23.88 -5.31
CA TYR A 181 39.06 24.37 -5.25
C TYR A 181 39.22 25.61 -6.12
N VAL A 182 40.16 26.46 -5.74
CA VAL A 182 40.54 27.59 -6.56
C VAL A 182 41.72 27.17 -7.40
N VAL A 183 41.61 27.34 -8.71
CA VAL A 183 42.65 26.91 -9.63
C VAL A 183 43.12 28.12 -10.43
N GLU A 184 44.36 28.08 -10.87
CA GLU A 184 44.97 29.20 -11.57
C GLU A 184 45.81 28.69 -12.73
N ARG A 185 46.02 29.56 -13.69
CA ARG A 185 46.92 29.28 -14.79
C ARG A 185 47.55 30.59 -15.26
N ASN A 186 48.79 30.49 -15.74
CA ASN A 186 49.51 31.65 -16.20
C ASN A 186 49.04 32.12 -17.57
N SER A 187 48.37 31.26 -18.32
CA SER A 187 47.86 31.60 -19.64
C SER A 187 46.40 31.20 -19.84
N SER A 188 46.03 30.95 -21.09
CA SER A 188 44.69 30.55 -21.52
C SER A 188 44.75 29.22 -22.25
N GLY A 189 45.64 28.33 -21.81
CA GLY A 189 45.69 26.97 -22.32
C GLY A 189 44.95 26.04 -21.38
N ALA A 190 44.35 25.00 -21.96
CA ALA A 190 43.56 24.07 -21.16
C ALA A 190 44.44 23.14 -20.34
N ALA A 191 45.72 23.02 -20.68
CA ALA A 191 46.64 22.14 -19.94
C ALA A 191 47.46 22.88 -18.90
N GLY A 192 47.33 24.21 -18.81
CA GLY A 192 48.05 25.01 -17.84
C GLY A 192 47.41 25.15 -16.48
N TRP A 193 46.26 24.52 -16.26
CA TRP A 193 45.57 24.62 -14.98
C TRP A 193 46.36 23.94 -13.87
N ARG A 194 46.57 24.66 -12.77
CA ARG A 194 47.18 24.10 -11.58
C ARG A 194 46.39 24.58 -10.37
N LEU A 195 46.62 23.92 -9.24
CA LEU A 195 45.92 24.26 -8.01
C LEU A 195 46.53 25.51 -7.39
N THR A 196 45.69 26.48 -7.04
CA THR A 196 46.16 27.66 -6.34
C THR A 196 46.59 27.25 -4.93
N THR A 197 47.80 27.66 -4.55
CA THR A 197 48.42 27.21 -3.32
C THR A 197 48.70 28.38 -2.40
N ILE A 198 48.51 28.14 -1.10
CA ILE A 198 48.92 29.05 -0.04
C ILE A 198 49.96 28.30 0.78
N SER A 199 51.22 28.68 0.63
CA SER A 199 52.34 28.05 1.34
C SER A 199 52.48 26.59 0.95
N GLY A 200 52.28 26.29 -0.33
CA GLY A 200 52.36 24.93 -0.78
C GLY A 200 51.13 24.11 -0.50
N LYS A 201 50.11 24.69 0.14
CA LYS A 201 48.88 23.97 0.45
C LYS A 201 47.80 24.42 -0.51
N PRO A 202 47.23 23.50 -1.30
CA PRO A 202 46.18 23.90 -2.25
C PRO A 202 45.02 24.62 -1.58
N LEU A 203 44.59 25.72 -2.19
CA LEU A 203 43.57 26.59 -1.62
C LEU A 203 42.18 26.09 -1.99
N THR A 204 41.51 25.46 -1.02
CA THR A 204 40.10 25.13 -1.14
C THR A 204 39.26 26.38 -0.94
N PHE A 205 38.07 26.41 -1.55
CA PHE A 205 37.29 27.64 -1.52
C PHE A 205 36.86 28.04 -0.13
N SER A 206 36.59 27.08 0.74
CA SER A 206 36.22 27.42 2.11
C SER A 206 37.33 28.21 2.80
N GLY A 207 38.58 28.04 2.37
CA GLY A 207 39.68 28.78 2.95
C GLY A 207 40.07 29.98 2.12
N LEU A 208 39.20 30.38 1.18
CA LEU A 208 39.45 31.56 0.35
C LEU A 208 39.09 32.85 1.06
N SER A 209 38.38 32.77 2.18
CA SER A 209 38.04 33.98 2.93
C SER A 209 39.27 34.60 3.58
N LYS A 210 40.15 33.78 4.17
CA LYS A 210 41.32 34.28 4.87
C LYS A 210 42.52 34.54 3.98
N ASN A 211 42.57 33.93 2.79
CA ASN A 211 43.75 33.99 1.93
C ASN A 211 43.50 34.80 0.65
N ILE A 212 42.47 35.64 0.63
CA ILE A 212 42.16 36.38 -0.58
C ILE A 212 43.23 37.43 -0.89
N GLY A 213 43.98 37.89 0.12
CA GLY A 213 44.94 38.96 -0.10
C GLY A 213 46.26 38.56 -0.70
N SER A 214 46.72 37.34 -0.44
CA SER A 214 48.03 36.88 -0.89
C SER A 214 48.01 36.32 -2.31
N LEU A 215 47.02 36.72 -3.11
CA LEU A 215 46.87 36.25 -4.48
C LEU A 215 47.03 37.43 -5.42
N ASP A 216 47.99 37.32 -6.34
CA ASP A 216 48.27 38.37 -7.30
C ASP A 216 47.30 38.35 -8.47
N LYS A 217 46.95 39.54 -8.97
CA LYS A 217 46.03 39.66 -10.09
C LYS A 217 46.69 39.29 -11.42
N THR A 218 47.93 38.82 -11.39
CA THR A 218 48.65 38.44 -12.59
C THR A 218 48.25 37.06 -13.10
N LYS A 219 47.56 36.27 -12.29
CA LYS A 219 47.09 34.95 -12.66
C LYS A 219 45.63 35.01 -13.13
N ASN A 220 45.22 33.99 -13.87
CA ASN A 220 43.84 33.81 -14.28
C ASN A 220 43.22 32.68 -13.47
N TYR A 221 42.17 32.99 -12.72
CA TYR A 221 41.63 32.09 -11.72
C TYR A 221 40.31 31.46 -12.19
N GLY A 222 39.94 30.40 -11.47
CA GLY A 222 38.73 29.64 -11.71
C GLY A 222 38.48 28.68 -10.57
N LEU A 223 37.40 27.91 -10.69
CA LEU A 223 37.02 26.94 -9.68
C LEU A 223 37.02 25.54 -10.27
N ARG A 224 37.43 24.58 -9.46
CA ARG A 224 37.39 23.16 -9.81
C ARG A 224 36.37 22.50 -8.90
N LEU A 225 35.20 22.21 -9.45
CA LEU A 225 34.14 21.56 -8.71
C LEU A 225 34.32 20.05 -8.84
N SER A 226 34.46 19.37 -7.71
CA SER A 226 34.74 17.93 -7.68
C SER A 226 33.47 17.20 -7.24
N ILE A 227 33.02 16.26 -8.08
CA ILE A 227 31.85 15.44 -7.80
C ILE A 227 32.29 13.99 -7.72
N ASP A 228 31.41 13.16 -7.17
CA ASP A 228 31.67 11.74 -7.03
C ASP A 228 30.59 10.92 -7.66
N PRO A 229 30.55 10.95 -8.99
CA PRO A 229 29.54 10.25 -9.79
C PRO A 229 29.00 8.92 -9.27
N ASN A 230 29.89 7.97 -9.08
CA ASN A 230 29.47 6.68 -8.64
C ASN A 230 28.23 6.79 -7.77
N LEU A 231 27.10 6.29 -8.22
CA LEU A 231 25.93 6.29 -7.34
C LEU A 231 26.15 5.08 -6.44
N GLY A 232 26.80 5.31 -5.31
CA GLY A 232 27.22 4.24 -4.40
C GLY A 232 26.02 3.26 -4.13
N LYS A 233 26.42 2.01 -4.04
CA LYS A 233 25.51 0.89 -3.80
C LYS A 233 24.48 1.15 -2.72
N PHE A 234 24.58 2.22 -1.94
CA PHE A 234 23.59 2.41 -0.86
C PHE A 234 22.40 3.32 -1.18
N LEU A 235 21.20 2.93 -0.74
CA LEU A 235 20.04 3.79 -0.98
C LEU A 235 20.23 5.17 -0.38
N ARG A 236 19.72 6.17 -1.08
CA ARG A 236 20.03 7.56 -0.85
C ARG A 236 18.80 8.40 -0.54
N ALA A 237 19.04 9.51 0.16
CA ALA A 237 17.98 10.47 0.40
C ALA A 237 17.43 11.00 -0.92
N ASP A 238 18.28 11.18 -1.92
CA ASP A 238 17.79 11.65 -3.21
C ASP A 238 17.11 10.55 -4.03
N GLY A 239 17.04 9.33 -3.49
CA GLY A 239 16.26 8.25 -4.10
C GLY A 239 16.74 7.79 -5.43
N ARG A 240 18.01 8.06 -5.76
CA ARG A 240 18.57 7.71 -7.05
C ARG A 240 19.10 6.29 -7.10
N VAL A 241 18.84 5.50 -6.06
CA VAL A 241 19.23 4.09 -6.01
C VAL A 241 17.98 3.25 -6.20
N GLY A 242 18.02 2.34 -7.17
CA GLY A 242 16.91 1.41 -7.31
C GLY A 242 17.15 0.28 -6.35
N ALA A 243 16.10 -0.14 -5.66
CA ALA A 243 16.22 -1.25 -4.72
C ALA A 243 15.74 -2.52 -5.41
N ASP A 244 16.56 -3.55 -5.35
CA ASP A 244 16.12 -4.86 -5.81
C ASP A 244 15.00 -5.38 -4.92
N LYS A 245 15.08 -5.09 -3.62
CA LYS A 245 14.01 -5.35 -2.68
C LYS A 245 14.32 -4.57 -1.41
N LEU A 246 13.33 -4.50 -0.52
CA LEU A 246 13.49 -3.88 0.79
C LEU A 246 12.63 -4.61 1.79
N CYS A 247 13.23 -4.99 2.92
CA CYS A 247 12.55 -5.72 3.97
C CYS A 247 12.65 -4.95 5.29
N TRP A 248 11.67 -5.17 6.15
CA TRP A 248 11.59 -4.49 7.43
C TRP A 248 12.04 -5.40 8.56
N ASN A 249 12.52 -4.78 9.63
CA ASN A 249 13.04 -5.50 10.79
C ASN A 249 11.97 -5.64 11.85
N ILE A 250 12.06 -6.73 12.61
CA ILE A 250 11.25 -6.95 13.81
C ILE A 250 12.16 -7.51 14.89
N ASP A 251 12.24 -6.80 16.02
CA ASP A 251 13.06 -7.23 17.14
C ASP A 251 14.48 -7.51 16.69
N ASN A 252 15.02 -6.60 15.88
CA ASN A 252 16.39 -6.59 15.40
C ASN A 252 16.71 -7.76 14.48
N LYS A 253 15.71 -8.36 13.83
CA LYS A 253 15.97 -9.39 12.81
C LYS A 253 15.21 -9.06 11.54
N MET A 254 15.79 -9.47 10.41
CA MET A 254 15.22 -9.21 9.08
C MET A 254 14.12 -10.24 8.76
N SER A 255 13.06 -10.20 9.56
CA SER A 255 11.98 -11.17 9.47
C SER A 255 10.65 -10.54 9.06
N GLY A 256 10.63 -9.26 8.72
CA GLY A 256 9.41 -8.57 8.36
C GLY A 256 9.11 -8.62 6.88
N PRO A 257 7.99 -8.01 6.47
CA PRO A 257 7.57 -8.08 5.07
C PRO A 257 8.60 -7.45 4.15
N CYS A 258 8.51 -7.81 2.86
CA CYS A 258 9.45 -7.32 1.86
C CYS A 258 8.67 -6.74 0.68
N LEU A 259 9.21 -5.69 0.08
CA LEU A 259 8.63 -5.08 -1.12
C LEU A 259 9.62 -5.23 -2.27
N ALA A 260 9.12 -5.71 -3.41
CA ALA A 260 9.94 -5.86 -4.61
C ALA A 260 9.05 -5.66 -5.82
N ALA A 261 9.64 -5.16 -6.89
CA ALA A 261 8.88 -4.93 -8.12
C ALA A 261 8.72 -6.23 -8.90
N ASP A 262 7.60 -6.37 -9.56
CA ASP A 262 7.43 -7.46 -10.52
C ASP A 262 8.01 -7.02 -11.85
N ASP A 263 7.84 -7.84 -12.87
CA ASP A 263 8.46 -7.59 -14.16
C ASP A 263 7.84 -6.40 -14.89
N SER A 264 6.62 -5.99 -14.51
CA SER A 264 5.89 -5.01 -15.32
C SER A 264 6.47 -3.60 -15.23
N GLY A 265 7.04 -3.22 -14.08
CA GLY A 265 7.42 -1.86 -13.85
C GLY A 265 6.34 -1.01 -13.26
N ASN A 266 5.13 -1.55 -13.17
CA ASN A 266 3.97 -0.86 -12.63
C ASN A 266 3.63 -1.29 -11.22
N ASN A 267 4.00 -2.51 -10.86
CA ASN A 267 3.51 -3.14 -9.64
C ASN A 267 4.63 -3.30 -8.61
N LEU A 268 4.31 -2.96 -7.36
CA LEU A 268 5.09 -3.35 -6.20
C LEU A 268 4.40 -4.52 -5.51
N VAL A 269 5.20 -5.49 -5.06
CA VAL A 269 4.67 -6.74 -4.52
C VAL A 269 5.11 -6.88 -3.07
N LEU A 270 4.14 -7.11 -2.18
CA LEU A 270 4.39 -7.33 -0.77
C LEU A 270 4.38 -8.84 -0.51
N THR A 271 5.41 -9.34 0.15
CA THR A 271 5.53 -10.75 0.46
C THR A 271 5.81 -10.94 1.95
N LYS A 272 5.57 -12.16 2.41
CA LYS A 272 5.74 -12.48 3.82
C LYS A 272 7.21 -12.43 4.21
N GLY A 273 7.45 -12.20 5.50
CA GLY A 273 8.78 -12.29 6.03
C GLY A 273 9.09 -13.68 6.55
N LYS A 274 10.38 -13.92 6.82
CA LYS A 274 10.82 -15.21 7.30
C LYS A 274 10.30 -15.53 8.69
N GLY A 275 9.94 -14.52 9.48
CA GLY A 275 9.44 -14.73 10.82
C GLY A 275 7.96 -14.97 10.96
N ALA A 276 7.20 -14.83 9.86
CA ALA A 276 5.76 -15.02 9.92
C ALA A 276 5.43 -16.50 10.09
N LYS A 277 4.71 -16.83 11.16
CA LYS A 277 4.24 -18.20 11.33
C LYS A 277 3.05 -18.49 10.43
N SER A 278 2.34 -17.46 9.99
CA SER A 278 1.29 -17.59 9.00
C SER A 278 1.63 -16.72 7.81
N ASN A 279 1.16 -17.14 6.63
CA ASN A 279 1.48 -16.47 5.37
C ASN A 279 0.28 -15.60 4.97
N GLU A 280 0.18 -14.43 5.60
CA GLU A 280 -0.94 -13.51 5.40
C GLU A 280 -0.44 -12.08 5.40
N PRO A 281 0.23 -11.66 4.32
CA PRO A 281 0.79 -10.31 4.27
C PRO A 281 -0.30 -9.25 4.23
N GLY A 282 0.01 -8.09 4.79
CA GLY A 282 -0.97 -7.01 4.88
C GLY A 282 -0.36 -5.64 4.92
N LEU A 283 -1.10 -4.66 4.41
CA LEU A 283 -0.80 -3.25 4.56
C LEU A 283 -1.76 -2.68 5.58
N CYS A 284 -1.24 -1.90 6.53
CA CYS A 284 -2.06 -1.44 7.63
C CYS A 284 -1.90 0.06 7.81
N TRP A 285 -2.97 0.68 8.28
CA TRP A 285 -2.97 2.08 8.64
C TRP A 285 -3.13 2.17 10.15
N ASP A 286 -2.41 3.09 10.79
CA ASP A 286 -2.50 3.23 12.23
C ASP A 286 -2.54 4.70 12.58
N LEU A 287 -3.59 5.09 13.32
CA LEU A 287 -3.70 6.45 13.83
C LEU A 287 -2.93 6.62 15.14
N ASN A 288 -2.61 5.52 15.81
CA ASN A 288 -2.01 5.54 17.14
C ASN A 288 -2.88 6.34 18.10
N THR A 289 -4.19 6.21 17.95
CA THR A 289 -5.15 6.92 18.79
C THR A 289 -5.95 5.96 19.66
N GLY A 290 -5.41 4.78 19.94
CA GLY A 290 -6.01 3.87 20.90
C GLY A 290 -6.91 2.81 20.30
N THR A 291 -7.13 2.82 19.00
CA THR A 291 -7.99 1.83 18.36
C THR A 291 -7.14 0.93 17.46
N SER A 292 -7.76 -0.16 17.03
CA SER A 292 -7.06 -1.13 16.20
C SER A 292 -6.58 -0.47 14.91
N LYS A 293 -5.39 -0.85 14.48
CA LYS A 293 -4.99 -0.54 13.12
C LYS A 293 -5.85 -1.35 12.16
N LEU A 294 -6.01 -0.82 10.95
CA LEU A 294 -6.79 -1.48 9.91
C LEU A 294 -5.82 -2.04 8.89
N CYS A 295 -6.01 -3.31 8.53
CA CYS A 295 -5.07 -4.02 7.68
C CYS A 295 -5.77 -4.56 6.44
N LEU A 296 -5.08 -4.44 5.31
CA LEU A 296 -5.52 -5.03 4.05
C LEU A 296 -4.66 -6.28 3.84
N THR A 297 -5.26 -7.44 4.10
CA THR A 297 -4.52 -8.69 4.23
C THR A 297 -4.95 -9.67 3.15
N GLN A 298 -3.98 -10.40 2.61
CA GLN A 298 -4.23 -11.45 1.62
C GLN A 298 -4.37 -12.80 2.32
N ILE A 299 -5.47 -13.50 2.05
CA ILE A 299 -5.79 -14.76 2.71
C ILE A 299 -6.20 -15.83 1.71
N GLU A 300 -6.18 -17.08 2.18
CA GLU A 300 -6.48 -18.24 1.35
C GLU A 300 -7.97 -18.32 1.02
N GLY A 301 -8.27 -18.84 -0.16
CA GLY A 301 -9.66 -19.01 -0.55
C GLY A 301 -9.79 -20.10 -1.60
N LYS A 302 -11.03 -20.27 -2.06
CA LYS A 302 -11.38 -21.22 -3.12
C LYS A 302 -12.35 -20.52 -4.07
N ASP A 303 -12.24 -20.82 -5.36
CA ASP A 303 -13.11 -20.21 -6.35
C ASP A 303 -14.44 -20.97 -6.44
N ASN A 304 -15.25 -20.65 -7.46
CA ASN A 304 -16.55 -21.31 -7.60
C ASN A 304 -16.42 -22.77 -8.02
N ASN A 305 -15.24 -23.19 -8.50
CA ASN A 305 -14.97 -24.57 -8.88
C ASN A 305 -14.09 -25.29 -7.85
N ASP A 306 -13.98 -24.75 -6.64
CA ASP A 306 -13.26 -25.37 -5.52
C ASP A 306 -11.76 -25.52 -5.80
N LYS A 307 -11.20 -24.68 -6.67
CA LYS A 307 -9.76 -24.68 -6.88
C LYS A 307 -9.06 -23.67 -5.97
N ASP A 308 -7.78 -23.92 -5.74
CA ASP A 308 -6.95 -23.11 -4.85
C ASP A 308 -6.91 -21.65 -5.31
N ALA A 309 -7.10 -20.71 -4.38
CA ALA A 309 -7.17 -19.28 -4.73
C ALA A 309 -6.84 -18.41 -3.51
N SER A 310 -7.05 -17.10 -3.64
CA SER A 310 -6.77 -16.12 -2.59
C SER A 310 -7.70 -14.91 -2.71
N LEU A 311 -7.73 -14.09 -1.65
CA LEU A 311 -8.51 -12.84 -1.64
C LEU A 311 -7.87 -11.84 -0.67
N ILE A 312 -8.46 -10.64 -0.60
CA ILE A 312 -8.04 -9.57 0.29
C ILE A 312 -9.12 -9.31 1.33
N LYS A 313 -8.70 -9.05 2.58
CA LYS A 313 -9.63 -8.78 3.67
C LYS A 313 -9.18 -7.53 4.44
N LEU A 314 -10.09 -6.57 4.62
CA LEU A 314 -9.82 -5.36 5.41
C LEU A 314 -10.31 -5.61 6.83
N LYS A 315 -9.37 -5.75 7.77
CA LYS A 315 -9.71 -6.23 9.11
C LYS A 315 -8.97 -5.43 10.17
N ASP A 316 -9.55 -5.43 11.37
CA ASP A 316 -8.88 -4.88 12.55
C ASP A 316 -7.98 -5.95 13.14
N ASP A 317 -7.39 -5.65 14.31
CA ASP A 317 -6.47 -6.58 14.95
C ASP A 317 -7.18 -7.77 15.60
N ASN A 318 -8.50 -7.73 15.73
CA ASN A 318 -9.27 -8.84 16.27
C ASN A 318 -9.74 -9.81 15.19
N GLY A 319 -9.40 -9.57 13.93
CA GLY A 319 -9.86 -10.42 12.85
C GLY A 319 -11.26 -10.10 12.37
N ASN A 320 -11.88 -9.07 12.91
CA ASN A 320 -13.20 -8.63 12.48
C ASN A 320 -13.07 -7.70 11.29
N PRO A 321 -13.97 -7.83 10.32
CA PRO A 321 -13.93 -6.94 9.14
C PRO A 321 -14.01 -5.47 9.52
N ALA A 322 -13.33 -4.64 8.73
CA ALA A 322 -13.34 -3.20 8.89
C ALA A 322 -14.16 -2.56 7.78
N THR A 323 -14.26 -1.24 7.82
CA THR A 323 -15.14 -0.49 6.94
C THR A 323 -14.32 0.33 5.96
N MET A 324 -14.70 0.28 4.68
CA MET A 324 -14.11 1.15 3.67
C MET A 324 -15.20 1.96 3.01
N LEU A 325 -15.07 3.28 3.05
CA LEU A 325 -15.96 4.19 2.34
C LEU A 325 -15.42 4.44 0.94
N ALA A 326 -16.19 4.04 -0.08
CA ALA A 326 -15.77 4.20 -1.47
C ALA A 326 -16.97 3.91 -2.38
N ASN A 327 -16.82 4.30 -3.64
CA ASN A 327 -17.74 3.85 -4.68
C ASN A 327 -17.25 2.52 -5.21
N ILE A 328 -18.17 1.57 -5.36
CA ILE A 328 -17.82 0.23 -5.80
C ILE A 328 -18.47 -0.06 -7.14
N LEU A 329 -17.68 -0.54 -8.09
CA LEU A 329 -18.18 -1.12 -9.32
C LEU A 329 -17.95 -2.63 -9.30
N VAL A 330 -18.97 -3.38 -9.73
CA VAL A 330 -18.87 -4.83 -9.86
C VAL A 330 -19.01 -5.18 -11.34
N GLU A 331 -18.14 -6.07 -11.80
CA GLU A 331 -18.14 -6.51 -13.19
C GLU A 331 -18.54 -7.97 -13.24
N GLU A 332 -19.50 -8.30 -14.09
CA GLU A 332 -19.87 -9.69 -14.32
C GLU A 332 -20.46 -9.85 -15.70
N LYS A 333 -20.48 -11.10 -16.16
CA LYS A 333 -21.09 -11.43 -17.44
C LYS A 333 -22.59 -11.20 -17.36
N SER A 334 -23.17 -10.66 -18.43
CA SER A 334 -24.61 -10.50 -18.50
C SER A 334 -25.29 -11.87 -18.38
N MET A 335 -26.24 -11.97 -17.45
CA MET A 335 -26.93 -13.23 -17.25
C MET A 335 -27.87 -13.58 -18.39
N THR A 336 -27.91 -12.76 -19.43
CA THR A 336 -28.72 -13.04 -20.60
C THR A 336 -27.82 -13.53 -21.73
N ASP A 337 -26.96 -12.66 -22.22
CA ASP A 337 -25.95 -13.00 -23.22
C ASP A 337 -24.59 -13.03 -22.52
N SER A 338 -23.95 -14.19 -22.49
CA SER A 338 -22.62 -14.28 -21.91
C SER A 338 -21.62 -13.62 -22.86
N THR A 339 -20.33 -13.74 -22.52
CA THR A 339 -19.22 -13.17 -23.29
C THR A 339 -19.26 -11.65 -23.30
N LYS A 340 -20.23 -11.05 -22.61
CA LYS A 340 -20.36 -9.60 -22.52
C LYS A 340 -20.30 -9.21 -21.05
N LYS A 341 -19.59 -8.12 -20.77
CA LYS A 341 -19.41 -7.65 -19.40
C LYS A 341 -20.43 -6.56 -19.07
N GLU A 342 -20.83 -6.53 -17.80
CA GLU A 342 -21.75 -5.52 -17.31
C GLU A 342 -21.22 -4.97 -15.99
N LEU A 343 -21.38 -3.67 -15.80
CA LEU A 343 -20.94 -2.99 -14.58
C LEU A 343 -22.16 -2.48 -13.81
N ARG A 344 -22.04 -2.48 -12.48
CA ARG A 344 -23.09 -1.96 -11.63
C ARG A 344 -22.48 -1.41 -10.35
N THR A 345 -23.24 -0.56 -9.67
CA THR A 345 -22.86 0.02 -8.38
C THR A 345 -23.71 -0.60 -7.28
N ILE A 346 -23.36 -0.24 -6.05
CA ILE A 346 -24.15 -0.72 -4.90
C ILE A 346 -25.48 0.01 -4.86
N PRO A 347 -26.61 -0.67 -4.75
CA PRO A 347 -27.90 0.00 -4.86
C PRO A 347 -28.30 0.69 -3.57
N ASN A 348 -29.34 1.51 -3.68
CA ASN A 348 -30.01 2.12 -2.54
C ASN A 348 -31.49 1.75 -2.55
N THR A 349 -32.08 1.70 -1.36
CA THR A 349 -33.49 1.38 -1.21
C THR A 349 -34.19 2.52 -0.48
N ILE A 350 -35.33 2.94 -1.01
CA ILE A 350 -36.17 3.96 -0.38
C ILE A 350 -37.60 3.43 -0.35
N TYR A 351 -38.19 3.37 0.84
CA TYR A 351 -39.59 3.03 0.98
C TYR A 351 -40.44 4.28 0.80
N ALA A 352 -41.47 4.18 -0.04
CA ALA A 352 -42.35 5.31 -0.29
C ALA A 352 -43.71 4.81 -0.72
N ALA A 353 -44.74 5.59 -0.35
CA ALA A 353 -46.10 5.39 -0.83
C ALA A 353 -46.52 6.61 -1.64
N PHE A 354 -47.49 6.40 -2.51
CA PHE A 354 -48.09 7.51 -3.24
C PHE A 354 -48.98 8.31 -2.29
N SER A 355 -49.41 9.50 -2.72
CA SER A 355 -49.92 10.48 -1.76
C SER A 355 -51.27 11.10 -2.13
N ASN A 356 -52.10 10.44 -2.93
CA ASN A 356 -53.47 10.93 -3.09
C ASN A 356 -54.34 10.41 -1.94
N SER A 357 -55.13 11.30 -1.34
CA SER A 357 -55.91 10.95 -0.15
C SER A 357 -57.41 11.12 -0.31
N ASN A 358 -57.87 12.17 -0.99
CA ASN A 358 -59.29 12.43 -1.16
C ASN A 358 -59.77 11.98 -2.54
N ALA A 359 -61.08 11.84 -2.65
CA ALA A 359 -61.70 11.33 -3.88
C ALA A 359 -61.43 12.22 -5.09
N SER A 360 -61.34 13.53 -4.90
CA SER A 360 -61.16 14.44 -6.03
C SER A 360 -59.89 14.11 -6.82
N ASP A 361 -58.78 13.87 -6.11
CA ASP A 361 -57.53 13.54 -6.76
C ASP A 361 -57.44 12.06 -7.11
N LEU A 362 -58.05 11.20 -6.29
CA LEU A 362 -57.88 9.75 -6.42
C LEU A 362 -58.58 9.19 -7.66
N VAL A 363 -59.88 9.40 -7.78
CA VAL A 363 -60.67 8.68 -8.78
C VAL A 363 -60.44 9.30 -10.15
N ILE A 364 -60.10 8.47 -11.12
CA ILE A 364 -59.98 8.89 -12.52
C ILE A 364 -61.35 8.81 -13.16
N THR A 365 -61.88 9.96 -13.57
CA THR A 365 -63.27 10.04 -13.98
C THR A 365 -63.55 9.19 -15.21
N ASN A 366 -62.74 9.35 -16.27
CA ASN A 366 -62.94 8.62 -17.54
C ASN A 366 -61.69 7.82 -17.87
N PRO A 367 -61.61 6.58 -17.40
CA PRO A 367 -60.36 5.80 -17.58
C PRO A 367 -59.97 5.53 -19.03
N GLY A 368 -60.93 5.13 -19.87
CA GLY A 368 -60.61 4.83 -21.25
C GLY A 368 -60.05 6.03 -22.01
N ASN A 369 -60.46 7.22 -21.61
CA ASN A 369 -60.05 8.45 -22.28
C ASN A 369 -58.91 9.17 -21.58
N TYR A 370 -58.61 8.82 -20.32
CA TYR A 370 -57.67 9.60 -19.53
C TYR A 370 -56.26 9.53 -20.11
N ILE A 371 -55.67 10.70 -20.32
CA ILE A 371 -54.31 10.84 -20.80
C ILE A 371 -53.53 11.67 -19.78
N GLY A 372 -52.58 11.02 -19.08
CA GLY A 372 -51.87 11.63 -17.97
C GLY A 372 -50.63 12.43 -18.34
N ASN A 373 -50.11 13.15 -17.33
CA ASN A 373 -48.84 13.88 -17.43
C ASN A 373 -48.00 13.55 -16.19
N VAL A 374 -47.19 12.49 -16.28
CA VAL A 374 -46.47 12.01 -15.10
C VAL A 374 -45.56 13.09 -14.53
N THR A 375 -45.27 14.15 -15.30
CA THR A 375 -44.48 15.23 -14.72
C THR A 375 -45.30 16.09 -13.78
N SER A 376 -46.61 16.21 -14.05
CA SER A 376 -47.44 17.08 -13.21
C SER A 376 -48.61 16.42 -12.48
N GLU A 377 -48.73 15.10 -12.56
CA GLU A 377 -49.82 14.41 -11.88
C GLU A 377 -49.68 14.54 -10.36
N LYS A 378 -50.81 14.77 -9.70
CA LYS A 378 -50.86 14.83 -8.25
C LYS A 378 -50.57 13.48 -7.62
N GLY A 379 -49.90 13.52 -6.46
CA GLY A 379 -49.65 12.33 -5.67
C GLY A 379 -48.43 11.53 -6.07
N ARG A 380 -47.67 11.98 -7.06
CA ARG A 380 -46.53 11.25 -7.58
C ARG A 380 -45.34 11.23 -6.62
N ILE A 381 -44.41 10.30 -6.89
CA ILE A 381 -43.10 10.24 -6.24
C ILE A 381 -42.07 10.81 -7.21
N GLU A 382 -41.28 11.77 -6.73
CA GLU A 382 -40.30 12.48 -7.56
C GLU A 382 -38.93 12.47 -6.87
N LEU A 383 -37.87 12.16 -7.63
CA LEU A 383 -36.51 12.09 -7.11
C LEU A 383 -35.54 12.74 -8.08
N ASN A 384 -34.39 13.18 -7.55
CA ASN A 384 -33.30 13.67 -8.37
C ASN A 384 -32.48 12.50 -8.91
N VAL A 385 -32.12 12.58 -10.19
CA VAL A 385 -31.31 11.54 -10.80
C VAL A 385 -29.93 11.53 -10.17
N GLN A 386 -29.50 10.37 -9.68
CA GLN A 386 -28.20 10.27 -9.05
C GLN A 386 -27.10 10.42 -10.09
N ASP A 387 -25.93 10.83 -9.63
CA ASP A 387 -24.76 10.92 -10.49
C ASP A 387 -24.01 9.60 -10.45
N CYS A 388 -23.66 9.09 -11.62
CA CYS A 388 -22.98 7.80 -11.59
C CYS A 388 -21.49 8.01 -11.29
N PRO A 389 -20.86 7.05 -10.62
CA PRO A 389 -19.46 7.19 -10.25
C PRO A 389 -18.53 6.96 -11.44
N VAL A 390 -17.21 7.05 -11.16
CA VAL A 390 -16.21 6.83 -12.19
C VAL A 390 -16.32 5.42 -12.74
N SER A 391 -16.21 5.29 -14.05
CA SER A 391 -16.24 3.99 -14.70
C SER A 391 -15.06 3.87 -15.66
N PRO A 392 -14.58 2.65 -15.88
CA PRO A 392 -13.43 2.47 -16.79
C PRO A 392 -13.78 2.89 -18.20
N ASP A 393 -12.76 3.31 -18.95
CA ASP A 393 -12.94 3.86 -20.28
C ASP A 393 -13.82 2.96 -21.14
N GLY A 394 -14.75 3.56 -21.85
CA GLY A 394 -15.63 2.83 -22.75
C GLY A 394 -16.74 2.05 -22.09
N ASN A 395 -17.13 2.43 -20.87
CA ASN A 395 -18.22 1.79 -20.14
C ASN A 395 -19.11 2.88 -19.54
N LYS A 396 -19.97 3.46 -20.36
CA LYS A 396 -20.87 4.51 -19.88
C LYS A 396 -21.87 3.92 -18.89
N LEU A 397 -21.89 4.46 -17.68
CA LEU A 397 -22.84 4.03 -16.67
C LEU A 397 -24.12 4.84 -16.81
N HIS A 398 -25.27 4.16 -16.74
CA HIS A 398 -26.54 4.84 -16.78
C HIS A 398 -27.21 4.77 -15.41
N PRO A 399 -27.84 5.85 -14.96
CA PRO A 399 -28.62 5.77 -13.73
C PRO A 399 -29.84 4.88 -13.93
N ARG A 400 -30.15 4.09 -12.91
CA ARG A 400 -31.23 3.12 -12.98
C ARG A 400 -32.17 3.31 -11.79
N LEU A 401 -33.44 2.96 -12.01
CA LEU A 401 -34.41 2.96 -10.91
C LEU A 401 -35.49 1.94 -11.21
N SER A 402 -35.91 1.22 -10.16
CA SER A 402 -37.04 0.32 -10.26
C SER A 402 -37.80 0.34 -8.92
N ALA A 403 -39.05 -0.11 -8.96
CA ALA A 403 -39.92 -0.15 -7.79
C ALA A 403 -40.60 -1.51 -7.69
N SER A 404 -40.72 -2.01 -6.47
CA SER A 404 -41.43 -3.26 -6.18
C SER A 404 -42.56 -2.99 -5.19
N ILE A 405 -43.64 -3.77 -5.30
CA ILE A 405 -44.81 -3.58 -4.45
C ILE A 405 -44.46 -3.98 -3.02
N ALA A 406 -44.75 -3.08 -2.07
CA ALA A 406 -44.55 -3.34 -0.65
C ALA A 406 -45.84 -3.59 0.10
N SER A 407 -46.89 -2.85 -0.20
CA SER A 407 -48.21 -3.10 0.38
C SER A 407 -49.25 -2.49 -0.54
N ILE A 408 -50.39 -3.17 -0.69
CA ILE A 408 -51.41 -2.75 -1.62
C ILE A 408 -52.77 -3.28 -1.17
N VAL A 409 -53.77 -2.40 -1.09
CA VAL A 409 -55.13 -2.78 -0.76
C VAL A 409 -56.10 -2.01 -1.64
N ALA A 410 -57.26 -2.62 -1.89
CA ALA A 410 -58.30 -2.01 -2.72
C ALA A 410 -59.29 -1.25 -1.82
N ASP A 411 -58.80 -0.17 -1.23
CA ASP A 411 -59.62 0.61 -0.31
C ASP A 411 -60.72 1.35 -1.08
N THR A 412 -61.83 1.63 -0.40
CA THR A 412 -62.97 2.32 -1.00
C THR A 412 -63.43 3.46 -0.10
N LYS A 413 -64.32 4.29 -0.66
CA LYS A 413 -64.91 5.37 0.13
C LYS A 413 -65.67 4.80 1.32
N ASP A 414 -65.57 5.48 2.45
CA ASP A 414 -66.36 5.13 3.61
C ASP A 414 -67.69 5.89 3.53
N SER A 415 -68.45 5.89 4.63
CA SER A 415 -69.73 6.57 4.67
C SER A 415 -69.60 8.08 4.46
N ASN A 416 -68.38 8.61 4.52
CA ASN A 416 -68.16 10.04 4.35
C ASN A 416 -67.34 10.40 3.12
N GLY A 417 -67.14 9.45 2.22
CA GLY A 417 -66.37 9.71 1.02
C GLY A 417 -64.88 9.88 1.23
N LYS A 418 -64.35 9.41 2.37
CA LYS A 418 -62.93 9.47 2.66
C LYS A 418 -62.34 8.06 2.62
N TYR A 419 -61.04 7.99 2.36
CA TYR A 419 -60.32 6.73 2.29
C TYR A 419 -59.40 6.55 3.49
N GLN A 420 -59.54 5.41 4.18
CA GLN A 420 -58.88 5.18 5.46
C GLN A 420 -57.58 4.39 5.38
N ALA A 421 -57.44 3.44 4.45
CA ALA A 421 -56.22 2.66 4.37
C ALA A 421 -55.05 3.57 3.98
N ASP A 422 -53.97 3.51 4.75
CA ASP A 422 -52.85 4.44 4.55
C ASP A 422 -51.56 3.72 4.89
N PHE A 423 -50.65 3.63 3.91
CA PHE A 423 -49.37 2.96 4.06
C PHE A 423 -48.18 3.92 3.99
N SER A 424 -48.38 5.18 4.39
CA SER A 424 -47.32 6.18 4.28
C SER A 424 -46.16 5.92 5.24
N SER A 425 -46.39 5.21 6.34
CA SER A 425 -45.33 4.89 7.30
C SER A 425 -45.30 3.38 7.53
N LEU A 426 -44.15 2.76 7.23
CA LEU A 426 -44.06 1.30 7.30
C LEU A 426 -44.38 0.75 8.69
N ALA A 427 -44.04 1.49 9.74
CA ALA A 427 -44.28 0.99 11.09
C ALA A 427 -45.75 0.98 11.46
N GLY A 428 -46.64 1.46 10.59
CA GLY A 428 -48.06 1.54 10.86
C GLY A 428 -48.99 1.22 9.71
N ASN A 429 -48.61 0.28 8.84
CA ASN A 429 -49.47 -0.03 7.69
C ASN A 429 -50.77 -0.71 8.10
N ARG A 430 -50.78 -1.47 9.19
CA ARG A 430 -51.98 -2.18 9.57
C ARG A 430 -52.88 -1.40 10.50
N ASN A 431 -52.43 -0.23 10.97
CA ASN A 431 -53.18 0.54 11.95
C ASN A 431 -54.28 1.38 11.29
N SER A 432 -54.20 1.60 9.98
CA SER A 432 -55.29 2.19 9.22
C SER A 432 -55.79 1.12 8.23
N GLY A 433 -56.97 0.57 8.52
CA GLY A 433 -57.47 -0.56 7.77
C GLY A 433 -58.24 -0.25 6.50
N GLY A 434 -59.14 0.71 6.56
CA GLY A 434 -59.98 1.03 5.42
C GLY A 434 -61.13 0.06 5.21
N GLN A 435 -61.88 0.31 4.14
CA GLN A 435 -63.04 -0.47 3.74
C GLN A 435 -62.75 -1.03 2.35
N LEU A 436 -62.37 -2.30 2.28
CA LEU A 436 -61.75 -2.84 1.06
C LEU A 436 -62.77 -3.49 0.14
N GLY A 437 -62.56 -3.32 -1.16
CA GLY A 437 -63.27 -4.00 -2.23
C GLY A 437 -62.46 -5.13 -2.85
N TYR A 438 -62.64 -5.33 -4.16
CA TYR A 438 -61.89 -6.33 -4.91
C TYR A 438 -60.79 -5.64 -5.72
N LEU A 439 -59.59 -6.23 -5.70
CA LEU A 439 -58.43 -5.67 -6.37
C LEU A 439 -58.38 -6.16 -7.81
N SER A 440 -58.19 -5.24 -8.75
CA SER A 440 -57.93 -5.59 -10.14
C SER A 440 -56.45 -5.65 -10.46
N GLY A 441 -55.62 -5.03 -9.64
CA GLY A 441 -54.18 -4.96 -9.85
C GLY A 441 -53.72 -3.52 -9.95
N THR A 442 -52.45 -3.36 -10.31
CA THR A 442 -51.87 -2.03 -10.42
C THR A 442 -50.82 -2.03 -11.53
N ALA A 443 -50.71 -0.87 -12.20
CA ALA A 443 -49.67 -0.60 -13.19
C ALA A 443 -48.77 0.51 -12.67
N ILE A 444 -47.51 0.17 -12.40
CA ILE A 444 -46.54 1.11 -11.85
C ILE A 444 -45.53 1.45 -12.94
N GLN A 445 -45.34 2.76 -13.18
CA GLN A 445 -44.52 3.24 -14.29
C GLN A 445 -43.42 4.17 -13.79
N VAL A 446 -42.24 4.05 -14.39
CA VAL A 446 -41.07 4.85 -14.04
C VAL A 446 -40.57 5.58 -15.30
N ASN A 447 -40.51 6.91 -15.22
CA ASN A 447 -40.03 7.76 -16.32
C ASN A 447 -39.00 8.74 -15.78
N GLN A 448 -38.29 9.41 -16.71
CA GLN A 448 -37.27 10.37 -16.31
C GLN A 448 -37.13 11.48 -17.35
N SER A 449 -36.86 12.69 -16.85
CA SER A 449 -36.39 13.83 -17.62
C SER A 449 -34.87 13.94 -17.51
N GLY A 450 -34.33 15.13 -17.80
CA GLY A 450 -32.90 15.35 -17.63
C GLY A 450 -32.44 15.39 -16.19
N SER A 451 -33.33 15.70 -15.26
CA SER A 451 -32.94 15.90 -13.86
C SER A 451 -33.77 15.12 -12.85
N LYS A 452 -34.91 14.56 -13.23
CA LYS A 452 -35.85 13.99 -12.27
C LYS A 452 -36.29 12.58 -12.66
N TRP A 453 -36.46 11.74 -11.63
CA TRP A 453 -37.16 10.47 -11.75
C TRP A 453 -38.62 10.68 -11.37
N TYR A 454 -39.54 10.17 -12.19
CA TYR A 454 -40.97 10.27 -11.92
C TYR A 454 -41.58 8.87 -11.82
N ILE A 455 -42.23 8.59 -10.68
CA ILE A 455 -42.87 7.31 -10.41
C ILE A 455 -44.37 7.52 -10.24
N THR A 456 -45.17 6.83 -11.05
CA THR A 456 -46.62 6.95 -11.04
C THR A 456 -47.24 5.55 -11.08
N ALA A 457 -48.53 5.46 -10.77
CA ALA A 457 -49.18 4.16 -10.69
C ALA A 457 -50.69 4.30 -10.91
N THR A 458 -51.30 3.23 -11.42
CA THR A 458 -52.73 3.12 -11.65
C THR A 458 -53.25 1.83 -11.03
N MET A 459 -54.32 1.93 -10.23
CA MET A 459 -54.90 0.77 -9.55
C MET A 459 -56.38 0.61 -9.90
N GLY A 460 -56.80 -0.63 -10.18
CA GLY A 460 -58.19 -0.94 -10.43
C GLY A 460 -58.86 -1.59 -9.22
N VAL A 461 -60.06 -1.10 -8.90
CA VAL A 461 -60.80 -1.55 -7.73
C VAL A 461 -62.28 -1.67 -8.09
N PHE A 462 -62.91 -2.77 -7.66
CA PHE A 462 -64.35 -2.95 -7.77
C PHE A 462 -64.96 -2.86 -6.38
N ASP A 463 -65.96 -2.00 -6.21
CA ASP A 463 -66.65 -1.87 -4.93
C ASP A 463 -67.90 -2.74 -4.97
N PRO A 464 -67.96 -3.85 -4.24
CA PRO A 464 -69.18 -4.68 -4.27
C PRO A 464 -70.35 -4.07 -3.51
N LEU A 465 -70.11 -3.07 -2.66
CA LEU A 465 -71.22 -2.43 -1.95
C LEU A 465 -72.03 -1.54 -2.88
N THR A 466 -71.36 -0.84 -3.78
CA THR A 466 -72.00 0.06 -4.71
C THR A 466 -71.99 -0.47 -6.13
N ASN A 467 -71.39 -1.64 -6.36
CA ASN A 467 -71.20 -2.22 -7.68
C ASN A 467 -70.64 -1.19 -8.65
N THR A 468 -69.73 -0.36 -8.17
CA THR A 468 -69.14 0.72 -8.94
C THR A 468 -67.65 0.44 -9.10
N THR A 469 -67.15 0.66 -10.30
CA THR A 469 -65.75 0.42 -10.60
C THR A 469 -65.00 1.73 -10.56
N TYR A 470 -63.87 1.73 -9.86
CA TYR A 470 -63.04 2.91 -9.70
C TYR A 470 -61.65 2.60 -10.22
N VAL A 471 -61.00 3.63 -10.77
CA VAL A 471 -59.60 3.58 -11.11
C VAL A 471 -58.92 4.69 -10.34
N TYR A 472 -57.95 4.34 -9.50
CA TYR A 472 -57.28 5.28 -8.62
C TYR A 472 -55.92 5.66 -9.19
N LEU A 473 -55.54 6.93 -9.00
CA LEU A 473 -54.25 7.47 -9.42
C LEU A 473 -53.39 7.79 -8.22
N ASN A 474 -52.17 7.25 -8.19
CA ASN A 474 -51.17 7.46 -7.15
C ASN A 474 -51.79 7.44 -5.74
N PRO A 475 -52.34 6.30 -5.34
CA PRO A 475 -53.10 6.26 -4.08
C PRO A 475 -52.22 6.05 -2.86
N LYS A 476 -52.70 6.58 -1.73
CA LYS A 476 -52.07 6.29 -0.46
C LYS A 476 -52.26 4.83 -0.04
N PHE A 477 -52.98 4.03 -0.85
CA PHE A 477 -53.18 2.61 -0.57
C PHE A 477 -52.08 1.73 -1.13
N LEU A 478 -51.23 2.27 -2.01
CA LEU A 478 -50.15 1.53 -2.63
C LEU A 478 -48.80 2.11 -2.25
N SER A 479 -47.94 1.26 -1.72
CA SER A 479 -46.60 1.64 -1.34
C SER A 479 -45.60 0.71 -2.02
N VAL A 480 -44.43 1.27 -2.36
CA VAL A 480 -43.42 0.55 -3.10
C VAL A 480 -42.06 0.71 -2.44
N ASN A 481 -41.21 -0.30 -2.61
CA ASN A 481 -39.79 -0.21 -2.31
C ASN A 481 -39.03 0.10 -3.60
N ILE A 482 -38.38 1.27 -3.63
CA ILE A 482 -37.70 1.77 -4.82
C ILE A 482 -36.21 1.45 -4.71
N THR A 483 -35.68 0.77 -5.72
CA THR A 483 -34.26 0.46 -5.80
C THR A 483 -33.60 1.32 -6.87
N THR A 484 -32.50 1.97 -6.50
CA THR A 484 -31.74 2.84 -7.39
C THR A 484 -30.28 2.38 -7.45
N TRP A 485 -29.69 2.45 -8.63
CA TRP A 485 -28.30 2.10 -8.84
C TRP A 485 -27.86 2.64 -10.20
N CYS A 486 -26.59 2.43 -10.53
CA CYS A 486 -26.06 2.74 -11.84
C CYS A 486 -25.56 1.45 -12.47
N SER A 487 -25.68 1.37 -13.79
CA SER A 487 -25.35 0.13 -14.48
C SER A 487 -25.05 0.43 -15.94
N THR A 488 -24.33 -0.48 -16.57
CA THR A 488 -24.15 -0.42 -18.02
C THR A 488 -25.39 -0.94 -18.75
N GLU A 489 -26.25 -1.67 -18.06
CA GLU A 489 -27.52 -2.09 -18.63
C GLU A 489 -28.49 -0.92 -18.56
N PRO A 490 -29.00 -0.43 -19.69
CA PRO A 490 -29.79 0.80 -19.67
C PRO A 490 -31.19 0.57 -19.11
N GLN A 491 -31.89 1.69 -18.91
CA GLN A 491 -33.25 1.68 -18.37
C GLN A 491 -34.28 1.44 -19.47
N ASP B 3 38.42 -24.11 -20.15
CA ASP B 3 36.97 -23.89 -20.13
C ASP B 3 36.57 -22.81 -19.17
N GLU B 4 35.96 -21.75 -19.67
CA GLU B 4 35.42 -20.78 -18.74
C GLU B 4 34.09 -21.26 -18.16
N ALA B 5 33.51 -22.31 -18.75
CA ALA B 5 32.30 -22.92 -18.18
C ALA B 5 32.62 -23.76 -16.96
N ARG B 6 33.77 -24.45 -16.98
CA ARG B 6 34.19 -25.20 -15.80
C ARG B 6 34.72 -24.26 -14.72
N ARG B 7 35.50 -23.25 -15.11
CA ARG B 7 35.96 -22.24 -14.17
C ARG B 7 34.79 -21.55 -13.47
N GLN B 8 33.69 -21.34 -14.20
CA GLN B 8 32.55 -20.62 -13.61
C GLN B 8 31.85 -21.44 -12.54
N ILE B 9 31.75 -22.75 -12.73
CA ILE B 9 31.14 -23.60 -11.72
C ILE B 9 32.01 -23.62 -10.46
N VAL B 10 33.34 -23.76 -10.63
CA VAL B 10 34.25 -23.70 -9.49
C VAL B 10 34.08 -22.37 -8.75
N SER B 11 33.96 -21.27 -9.48
CA SER B 11 33.84 -19.96 -8.85
C SER B 11 32.49 -19.80 -8.16
N ASN B 12 31.42 -20.33 -8.74
CA ASN B 12 30.12 -20.24 -8.08
C ASN B 12 30.13 -21.02 -6.77
N ALA B 13 30.73 -22.21 -6.77
CA ALA B 13 30.91 -22.95 -5.53
C ALA B 13 31.81 -22.20 -4.56
N LEU B 14 32.95 -21.72 -5.03
CA LEU B 14 33.85 -20.95 -4.18
C LEU B 14 33.15 -19.75 -3.56
N ILE B 15 32.43 -18.97 -4.38
CA ILE B 15 31.73 -17.80 -3.85
C ILE B 15 30.59 -18.22 -2.93
N SER B 16 29.94 -19.34 -3.21
CA SER B 16 28.92 -19.86 -2.31
C SER B 16 29.48 -20.11 -0.92
N GLU B 17 30.59 -20.85 -0.84
CA GLU B 17 31.28 -21.04 0.43
C GLU B 17 31.66 -19.69 1.04
N ILE B 18 32.31 -18.84 0.26
CA ILE B 18 32.72 -17.53 0.74
C ILE B 18 31.52 -16.75 1.26
N ALA B 19 30.42 -16.73 0.48
CA ALA B 19 29.26 -15.92 0.88
C ALA B 19 28.63 -16.46 2.16
N GLY B 20 28.48 -17.80 2.25
CA GLY B 20 27.96 -18.38 3.47
C GLY B 20 28.82 -18.06 4.68
N ILE B 21 30.14 -18.24 4.52
CA ILE B 21 31.06 -17.92 5.61
C ILE B 21 30.94 -16.46 6.02
N VAL B 22 30.93 -15.56 5.04
CA VAL B 22 30.82 -14.14 5.33
C VAL B 22 29.50 -13.83 6.01
N ASP B 23 28.41 -14.43 5.53
CA ASP B 23 27.11 -14.20 6.15
C ASP B 23 27.12 -14.61 7.62
N PHE B 24 27.77 -15.74 7.94
CA PHE B 24 27.88 -16.16 9.33
C PHE B 24 28.74 -15.19 10.14
N VAL B 25 29.84 -14.74 9.54
CA VAL B 25 30.69 -13.76 10.23
C VAL B 25 29.90 -12.50 10.52
N ALA B 26 28.98 -12.13 9.62
CA ALA B 26 28.21 -10.90 9.73
C ALA B 26 27.00 -11.01 10.65
N GLU B 27 26.88 -12.08 11.43
CA GLU B 27 25.77 -12.22 12.37
C GLU B 27 26.33 -12.40 13.78
N GLU B 28 26.31 -11.33 14.58
CA GLU B 28 26.78 -11.43 15.95
C GLU B 28 25.76 -12.16 16.83
N GLN B 29 24.48 -11.95 16.57
CA GLN B 29 23.41 -12.73 17.20
C GLN B 29 22.88 -13.71 16.15
N ILE B 30 22.94 -14.99 16.47
CA ILE B 30 22.49 -16.04 15.56
C ILE B 30 21.32 -16.79 16.17
N THR B 31 20.45 -17.30 15.30
CA THR B 31 19.27 -18.07 15.70
C THR B 31 19.66 -19.54 15.77
N VAL B 32 19.64 -20.10 16.97
CA VAL B 32 20.09 -21.46 17.19
C VAL B 32 18.84 -22.20 17.67
N ILE B 33 18.94 -23.50 17.75
CA ILE B 33 17.85 -24.32 18.24
C ILE B 33 18.32 -25.10 19.45
N GLU B 34 17.63 -24.92 20.57
CA GLU B 34 17.97 -25.59 21.81
C GLU B 34 16.76 -26.34 22.33
N GLN B 35 16.79 -27.66 22.21
CA GLN B 35 15.68 -28.50 22.65
C GLN B 35 14.31 -28.16 22.07
N GLY B 36 14.17 -28.25 20.75
CA GLY B 36 12.89 -28.01 20.12
C GLY B 36 12.57 -26.61 19.69
N ILE B 37 13.14 -25.64 20.39
CA ILE B 37 12.88 -24.28 20.13
C ILE B 37 14.02 -23.45 19.64
N GLU B 38 13.71 -22.54 18.74
CA GLU B 38 14.70 -21.55 18.33
C GLU B 38 14.93 -20.55 19.44
N LYS B 39 16.20 -20.22 19.68
CA LYS B 39 16.59 -19.25 20.68
C LYS B 39 17.76 -18.44 20.14
N GLU B 40 17.79 -17.16 20.48
CA GLU B 40 18.90 -16.30 20.09
C GLU B 40 20.05 -16.42 21.07
N ILE B 41 21.24 -16.73 20.55
CA ILE B 41 22.46 -16.75 21.34
C ILE B 41 23.54 -15.97 20.62
N THR B 42 24.53 -15.52 21.40
CA THR B 42 25.69 -14.81 20.87
C THR B 42 26.54 -15.71 19.98
N ASN B 43 26.92 -15.20 18.81
CA ASN B 43 27.79 -15.93 17.91
C ASN B 43 29.06 -16.37 18.66
N PRO B 44 29.41 -17.66 18.62
CA PRO B 44 30.65 -18.10 19.29
C PRO B 44 31.91 -17.37 18.85
N LEU B 45 31.88 -16.70 17.69
CA LEU B 45 33.03 -15.89 17.29
C LEU B 45 33.30 -14.79 18.29
N TYR B 46 32.26 -14.27 18.95
CA TYR B 46 32.39 -13.12 19.83
C TYR B 46 32.10 -13.46 21.29
N GLU B 47 32.19 -14.73 21.64
CA GLU B 47 32.24 -15.18 23.03
C GLU B 47 33.70 -15.38 23.39
N GLN B 48 34.18 -14.60 24.35
CA GLN B 48 35.55 -14.79 24.84
C GLN B 48 35.72 -16.08 25.65
N SER B 49 34.67 -16.92 25.60
CA SER B 49 34.65 -18.22 26.25
C SER B 49 34.69 -19.38 25.27
N SER B 50 34.52 -19.12 23.97
CA SER B 50 34.58 -20.18 22.98
C SER B 50 36.03 -20.57 22.70
N GLY B 51 36.18 -21.70 22.00
CA GLY B 51 37.48 -22.26 21.74
C GLY B 51 37.87 -22.20 20.27
N ILE B 52 38.93 -22.94 19.95
CA ILE B 52 39.38 -23.06 18.56
C ILE B 52 38.28 -23.75 17.74
N PRO B 53 37.93 -23.24 16.55
CA PRO B 53 38.56 -22.07 15.93
C PRO B 53 37.78 -20.76 16.05
N TYR B 54 36.85 -20.68 17.02
CA TYR B 54 36.00 -19.49 17.10
C TYR B 54 36.77 -18.24 17.55
N ILE B 55 37.82 -18.41 18.35
CA ILE B 55 38.56 -17.26 18.87
C ILE B 55 39.79 -16.93 18.04
N ASN B 56 40.09 -17.73 17.02
CA ASN B 56 41.28 -17.53 16.22
C ASN B 56 41.20 -16.21 15.47
N ARG B 57 42.25 -15.40 15.59
CA ARG B 57 42.30 -14.09 14.96
C ARG B 57 43.70 -13.82 14.45
N THR B 58 43.81 -13.31 13.22
CA THR B 58 45.04 -12.73 12.73
C THR B 58 45.01 -11.22 12.99
N THR B 59 46.18 -10.57 12.86
CA THR B 59 46.32 -9.16 13.21
C THR B 59 46.79 -8.27 12.06
N ASN B 60 46.83 -8.77 10.83
CA ASN B 60 47.26 -7.98 9.67
C ASN B 60 46.10 -7.11 9.19
N LYS B 61 45.86 -6.01 9.92
CA LYS B 61 44.84 -5.06 9.51
C LYS B 61 45.14 -4.48 8.14
N ASP B 62 46.39 -4.09 7.91
CA ASP B 62 46.79 -3.57 6.61
C ASP B 62 46.80 -4.70 5.59
N LEU B 63 46.24 -4.43 4.40
CA LEU B 63 46.28 -5.41 3.33
C LEU B 63 47.71 -5.70 2.89
N ASN B 64 48.65 -4.84 3.24
CA ASN B 64 50.06 -5.00 2.88
C ASN B 64 50.91 -5.52 4.04
N SER B 65 50.30 -5.84 5.17
CA SER B 65 51.04 -6.31 6.34
C SER B 65 51.34 -7.81 6.23
N THR B 66 52.25 -8.27 7.10
CA THR B 66 52.68 -9.65 7.10
C THR B 66 51.52 -10.57 7.49
N MET B 67 51.27 -11.58 6.66
CA MET B 67 50.25 -12.57 7.01
C MET B 67 50.76 -13.44 8.16
N SER B 68 49.84 -13.77 9.06
CA SER B 68 50.22 -14.53 10.25
C SER B 68 50.78 -15.90 9.84
N THR B 69 51.70 -16.40 10.66
CA THR B 69 52.25 -17.74 10.48
C THR B 69 51.94 -18.65 11.65
N ASN B 70 50.99 -18.26 12.51
CA ASN B 70 50.64 -18.99 13.72
C ASN B 70 49.31 -19.71 13.50
N ALA B 71 49.31 -21.03 13.74
CA ALA B 71 48.13 -21.84 13.47
C ALA B 71 46.97 -21.56 14.41
N SER B 72 47.23 -20.98 15.58
CA SER B 72 46.15 -20.56 16.48
C SER B 72 45.71 -19.14 16.19
N GLU B 73 46.12 -18.59 15.05
CA GLU B 73 45.69 -17.29 14.55
C GLU B 73 44.90 -17.41 13.26
N PHE B 74 45.43 -18.10 12.25
CA PHE B 74 44.65 -18.40 11.06
C PHE B 74 43.90 -19.71 11.25
N ILE B 75 43.01 -20.02 10.29
CA ILE B 75 42.16 -21.21 10.35
C ILE B 75 42.39 -22.05 9.11
N ASN B 76 42.99 -23.23 9.28
CA ASN B 76 43.17 -24.17 8.18
C ASN B 76 41.83 -24.73 7.72
N TRP B 77 41.66 -24.83 6.40
CA TRP B 77 40.41 -25.23 5.80
C TRP B 77 40.63 -26.43 4.89
N GLY B 78 39.55 -27.17 4.62
CA GLY B 78 39.58 -28.19 3.59
C GLY B 78 39.94 -29.59 4.03
N ALA B 79 40.66 -30.30 3.15
CA ALA B 79 40.99 -31.70 3.40
C ALA B 79 41.94 -31.84 4.58
N GLY B 80 41.70 -32.88 5.39
CA GLY B 80 42.51 -33.13 6.57
C GLY B 80 42.13 -32.30 7.77
N THR B 81 41.16 -31.39 7.63
CA THR B 81 40.77 -30.50 8.70
C THR B 81 39.38 -30.85 9.20
N SER B 82 39.18 -30.72 10.50
CA SER B 82 37.87 -30.84 11.12
C SER B 82 37.18 -29.49 11.23
N THR B 83 37.70 -28.50 10.49
CA THR B 83 37.21 -27.12 10.62
C THR B 83 35.75 -27.01 10.25
N ARG B 84 35.33 -27.63 9.14
CA ARG B 84 33.98 -27.44 8.62
C ARG B 84 32.90 -27.79 9.65
N ILE B 85 33.19 -28.71 10.57
CA ILE B 85 32.24 -29.08 11.61
C ILE B 85 31.73 -27.86 12.37
N PHE B 86 32.62 -26.91 12.65
CA PHE B 86 32.29 -25.79 13.51
C PHE B 86 31.46 -24.71 12.82
N PHE B 87 31.21 -24.83 11.52
CA PHE B 87 30.45 -23.84 10.78
C PHE B 87 29.21 -24.42 10.12
N THR B 88 28.85 -25.66 10.47
CA THR B 88 27.64 -26.29 9.97
C THR B 88 26.82 -26.79 11.16
N ARG B 89 25.57 -27.16 10.88
CA ARG B 89 24.67 -27.60 11.93
C ARG B 89 25.24 -28.82 12.65
N LYS B 90 24.95 -28.92 13.94
CA LYS B 90 25.39 -30.09 14.71
C LYS B 90 24.77 -31.36 14.16
N TYR B 91 23.54 -31.30 13.67
CA TYR B 91 22.87 -32.49 13.17
C TYR B 91 22.81 -32.48 11.64
N CYS B 92 23.95 -32.27 11.01
CA CYS B 92 24.06 -32.59 9.59
C CYS B 92 24.10 -34.10 9.40
N ILE B 93 24.52 -34.83 10.44
CA ILE B 93 24.34 -36.27 10.58
C ILE B 93 23.31 -36.51 11.67
N SER B 94 22.58 -37.62 11.54
CA SER B 94 21.45 -37.89 12.43
C SER B 94 21.85 -37.98 13.90
N THR B 95 23.07 -38.42 14.19
CA THR B 95 23.45 -38.63 15.59
C THR B 95 23.96 -37.35 16.24
N GLY B 96 24.68 -36.52 15.51
CA GLY B 96 25.26 -35.31 16.05
C GLY B 96 26.76 -35.31 15.92
N THR B 97 27.31 -34.18 15.49
CA THR B 97 28.75 -34.05 15.29
C THR B 97 29.41 -33.49 16.54
N GLN B 98 30.71 -33.22 16.44
CA GLN B 98 31.46 -32.68 17.57
C GLN B 98 31.21 -31.18 17.75
N GLY B 99 30.55 -30.53 16.79
CA GLY B 99 30.14 -29.16 16.95
C GLY B 99 29.09 -29.00 18.03
N ASN B 100 28.98 -27.78 18.55
CA ASN B 100 28.13 -27.51 19.71
C ASN B 100 26.88 -26.70 19.39
N TYR B 101 26.61 -26.38 18.12
CA TYR B 101 25.51 -25.49 17.79
C TYR B 101 24.66 -26.05 16.65
N GLU B 102 23.34 -25.96 16.81
CA GLU B 102 22.38 -26.30 15.76
C GLU B 102 21.81 -25.00 15.21
N PHE B 103 22.43 -24.49 14.14
CA PHE B 103 21.94 -23.27 13.52
C PHE B 103 20.57 -23.50 12.91
N SER B 104 19.74 -22.46 12.94
CA SER B 104 18.43 -22.56 12.32
C SER B 104 18.51 -22.54 10.80
N LYS B 105 19.64 -22.10 10.22
CA LYS B 105 19.81 -22.08 8.78
C LYS B 105 21.21 -22.54 8.40
N ASP B 106 21.33 -23.11 7.20
CA ASP B 106 22.63 -23.54 6.67
C ASP B 106 23.32 -22.35 6.04
N TYR B 107 24.42 -21.90 6.64
CA TYR B 107 25.21 -20.85 6.01
C TYR B 107 25.99 -21.39 4.83
N ILE B 108 26.60 -22.56 4.99
CA ILE B 108 27.22 -23.30 3.90
C ILE B 108 26.66 -24.72 3.98
N PRO B 109 26.56 -25.45 2.87
CA PRO B 109 26.05 -26.82 2.94
C PRO B 109 26.93 -27.71 3.81
N CYS B 110 26.29 -28.64 4.52
CA CYS B 110 27.03 -29.51 5.45
C CYS B 110 28.08 -30.33 4.74
N GLU B 111 27.75 -30.86 3.57
CA GLU B 111 28.72 -31.57 2.75
C GLU B 111 29.26 -30.58 1.75
N GLU B 112 30.58 -30.43 1.74
CA GLU B 112 31.23 -29.45 0.88
C GLU B 112 30.87 -29.72 -0.58
N PRO B 113 30.61 -28.66 -1.38
CA PRO B 113 30.35 -28.88 -2.81
C PRO B 113 31.35 -29.87 -3.41
N ALA B 114 30.83 -30.99 -3.91
CA ALA B 114 31.69 -32.09 -4.36
C ALA B 114 32.72 -31.63 -5.38
N ILE B 115 32.41 -30.57 -6.14
CA ILE B 115 33.34 -30.08 -7.15
C ILE B 115 34.61 -29.55 -6.49
N LEU B 116 34.51 -29.06 -5.26
CA LEU B 116 35.66 -28.49 -4.57
C LEU B 116 36.59 -29.54 -3.98
N SER B 117 36.22 -30.82 -4.06
CA SER B 117 37.06 -31.88 -3.51
C SER B 117 38.30 -32.13 -4.37
N ASN B 118 38.26 -31.78 -5.67
CA ASN B 118 39.38 -32.08 -6.56
C ASN B 118 39.60 -31.01 -7.63
N SER B 119 39.08 -29.80 -7.46
CA SER B 119 39.23 -28.75 -8.45
C SER B 119 40.63 -28.14 -8.40
N ASP B 120 40.95 -27.37 -9.44
CA ASP B 120 42.26 -26.74 -9.52
C ASP B 120 42.39 -25.56 -8.56
N LEU B 121 41.27 -25.04 -8.05
CA LEU B 121 41.27 -23.96 -7.08
C LEU B 121 40.49 -24.40 -5.84
N LYS B 122 41.13 -24.33 -4.68
CA LYS B 122 40.52 -24.74 -3.43
C LYS B 122 40.79 -23.69 -2.36
N ILE B 123 39.81 -23.48 -1.48
CA ILE B 123 40.02 -22.62 -0.31
C ILE B 123 40.93 -23.37 0.66
N ASP B 124 42.15 -22.85 0.85
CA ASP B 124 43.13 -23.54 1.67
C ASP B 124 43.20 -23.02 3.10
N ARG B 125 42.83 -21.76 3.33
CA ARG B 125 43.00 -21.15 4.63
C ARG B 125 42.15 -19.89 4.71
N ILE B 126 41.53 -19.66 5.85
CA ILE B 126 40.66 -18.49 6.06
C ILE B 126 41.19 -17.71 7.26
N ASP B 127 41.43 -16.42 7.05
CA ASP B 127 41.97 -15.52 8.06
C ASP B 127 40.87 -14.59 8.58
N PHE B 128 40.72 -14.55 9.90
CA PHE B 128 39.78 -13.62 10.55
C PHE B 128 40.58 -12.45 11.11
N VAL B 129 40.55 -11.33 10.40
CA VAL B 129 41.32 -10.14 10.79
C VAL B 129 40.60 -9.45 11.95
N ALA B 130 41.27 -9.40 13.10
CA ALA B 130 40.68 -8.82 14.30
C ALA B 130 40.84 -7.31 14.32
N THR B 131 39.82 -6.63 14.85
CA THR B 131 39.84 -5.16 14.95
C THR B 131 40.60 -4.68 16.19
N ASP B 132 40.74 -5.50 17.22
CA ASP B 132 41.53 -5.14 18.39
C ASP B 132 42.15 -6.43 18.95
N ASN B 133 42.68 -6.34 20.17
CA ASN B 133 43.43 -7.45 20.77
C ASN B 133 42.67 -8.12 21.91
N THR B 134 41.34 -8.11 21.87
CA THR B 134 40.52 -8.82 22.84
C THR B 134 40.06 -10.16 22.28
N VAL B 135 39.84 -11.12 23.18
CA VAL B 135 39.38 -12.44 22.79
C VAL B 135 37.91 -12.35 22.37
N GLY B 136 37.59 -12.92 21.22
CA GLY B 136 36.25 -12.80 20.68
C GLY B 136 35.96 -11.41 20.14
N SER B 137 36.99 -10.72 19.68
CA SER B 137 36.83 -9.37 19.14
C SER B 137 36.10 -9.42 17.81
N ALA B 138 35.63 -8.25 17.39
CA ALA B 138 34.98 -8.13 16.09
C ALA B 138 35.98 -8.36 14.98
N ILE B 139 35.49 -8.92 13.88
CA ILE B 139 36.30 -9.23 12.70
C ILE B 139 36.04 -8.15 11.65
N GLU B 140 37.12 -7.54 11.15
CA GLU B 140 36.99 -6.45 10.19
C GLU B 140 37.33 -6.85 8.75
N ARG B 141 37.89 -8.03 8.53
CA ARG B 141 38.09 -8.52 7.16
C ARG B 141 38.26 -10.03 7.19
N VAL B 142 37.65 -10.70 6.21
CA VAL B 142 37.75 -12.15 6.06
C VAL B 142 38.51 -12.42 4.77
N ASP B 143 39.69 -13.01 4.89
CA ASP B 143 40.54 -13.33 3.75
C ASP B 143 40.48 -14.83 3.46
N PHE B 144 40.26 -15.17 2.20
CA PHE B 144 40.20 -16.55 1.74
C PHE B 144 41.44 -16.81 0.88
N ILE B 145 42.36 -17.62 1.38
CA ILE B 145 43.55 -18.01 0.63
C ILE B 145 43.20 -19.20 -0.24
N LEU B 146 43.25 -19.02 -1.55
CA LEU B 146 42.91 -20.04 -2.52
C LEU B 146 44.18 -20.58 -3.17
N THR B 147 44.46 -21.87 -2.97
CA THR B 147 45.63 -22.48 -3.56
C THR B 147 45.33 -22.97 -4.97
N PHE B 148 46.32 -22.84 -5.86
CA PHE B 148 46.22 -23.31 -7.24
C PHE B 148 46.85 -24.69 -7.32
N ASP B 149 46.03 -25.70 -7.64
CA ASP B 149 46.48 -27.09 -7.59
C ASP B 149 47.04 -27.55 -8.94
N PHE B 159 45.41 -17.53 -13.97
CA PHE B 159 45.32 -16.66 -12.81
C PHE B 159 44.46 -15.44 -13.10
N SER B 160 44.30 -15.12 -14.39
CA SER B 160 43.38 -14.07 -14.79
C SER B 160 42.08 -14.64 -15.35
N ASN B 161 42.08 -15.92 -15.71
CA ASN B 161 40.84 -16.59 -16.09
C ASN B 161 39.91 -16.74 -14.90
N TYR B 162 40.45 -17.23 -13.78
CA TYR B 162 39.64 -17.51 -12.60
C TYR B 162 39.20 -16.24 -11.87
N VAL B 163 39.99 -15.17 -11.96
CA VAL B 163 39.57 -13.92 -11.31
C VAL B 163 38.33 -13.36 -12.00
N SER B 164 38.27 -13.48 -13.33
CA SER B 164 37.06 -13.09 -14.05
C SER B 164 35.86 -13.91 -13.59
N SER B 165 36.04 -15.23 -13.47
CA SER B 165 34.95 -16.10 -13.05
C SER B 165 34.50 -15.81 -11.63
N LEU B 166 35.45 -15.64 -10.70
CA LEU B 166 35.10 -15.37 -9.31
C LEU B 166 34.36 -14.04 -9.17
N GLU B 167 34.79 -13.02 -9.92
CA GLU B 167 34.14 -11.71 -9.84
C GLU B 167 32.71 -11.79 -10.38
N LYS B 168 32.50 -12.61 -11.41
CA LYS B 168 31.15 -12.85 -11.91
C LYS B 168 30.29 -13.53 -10.85
N ALA B 169 30.85 -14.57 -10.21
CA ALA B 169 30.11 -15.28 -9.17
C ALA B 169 29.83 -14.39 -7.97
N ALA B 170 30.77 -13.51 -7.62
CA ALA B 170 30.52 -12.59 -6.51
C ALA B 170 29.52 -11.51 -6.90
N GLU B 171 29.56 -11.08 -8.17
CA GLU B 171 28.54 -10.18 -8.68
C GLU B 171 27.15 -10.80 -8.59
N GLN B 172 27.04 -12.09 -8.91
CA GLN B 172 25.75 -12.77 -8.87
C GLN B 172 25.31 -13.12 -7.45
N HIS B 173 26.19 -12.99 -6.46
CA HIS B 173 25.88 -13.39 -5.10
C HIS B 173 25.90 -12.18 -4.16
N SER B 174 25.90 -10.97 -4.73
CA SER B 174 25.74 -9.72 -3.97
C SER B 174 26.92 -9.47 -3.02
N ILE B 175 28.13 -9.84 -3.45
CA ILE B 175 29.34 -9.51 -2.72
C ILE B 175 30.34 -8.94 -3.70
N SER B 176 31.30 -8.20 -3.17
CA SER B 176 32.36 -7.62 -3.97
C SER B 176 33.65 -7.71 -3.18
N PHE B 177 34.75 -7.98 -3.89
CA PHE B 177 36.04 -8.17 -3.26
C PHE B 177 36.67 -6.81 -2.94
N LYS B 178 37.10 -6.64 -1.69
CA LYS B 178 37.85 -5.45 -1.32
C LYS B 178 39.14 -5.34 -2.12
N ASP B 179 39.88 -6.45 -2.24
CA ASP B 179 41.07 -6.48 -3.10
C ASP B 179 41.51 -7.93 -3.28
N ILE B 180 42.30 -8.16 -4.32
CA ILE B 180 42.85 -9.48 -4.66
C ILE B 180 44.36 -9.40 -4.66
N TYR B 181 45.01 -10.25 -3.85
CA TYR B 181 46.46 -10.33 -3.78
C TYR B 181 46.97 -11.67 -4.28
N VAL B 182 48.21 -11.68 -4.76
CA VAL B 182 48.90 -12.90 -5.16
C VAL B 182 49.76 -13.38 -3.99
N VAL B 183 49.59 -14.65 -3.62
CA VAL B 183 50.31 -15.23 -2.49
C VAL B 183 51.10 -16.44 -2.97
N GLU B 184 52.20 -16.73 -2.27
CA GLU B 184 53.10 -17.81 -2.64
C GLU B 184 53.58 -18.53 -1.40
N ARG B 185 54.05 -19.76 -1.60
CA ARG B 185 54.66 -20.54 -0.53
C ARG B 185 55.74 -21.42 -1.14
N ASN B 186 56.78 -21.69 -0.34
CA ASN B 186 57.91 -22.49 -0.80
C ASN B 186 57.61 -23.98 -0.82
N SER B 187 56.66 -24.44 -0.01
CA SER B 187 56.26 -25.84 0.05
C SER B 187 54.73 -25.90 0.04
N SER B 188 54.14 -26.90 0.70
CA SER B 188 52.70 -27.08 0.70
C SER B 188 52.12 -27.01 2.11
N GLY B 189 52.63 -26.10 2.93
CA GLY B 189 52.07 -25.85 4.25
C GLY B 189 51.13 -24.66 4.25
N ALA B 190 50.11 -24.72 5.10
CA ALA B 190 49.14 -23.64 5.16
C ALA B 190 49.71 -22.42 5.86
N ALA B 191 50.81 -22.57 6.59
CA ALA B 191 51.46 -21.47 7.28
C ALA B 191 52.62 -20.88 6.47
N GLY B 192 52.94 -21.47 5.33
CA GLY B 192 53.99 -20.95 4.48
C GLY B 192 53.53 -19.87 3.53
N TRP B 193 52.24 -19.50 3.59
CA TRP B 193 51.72 -18.47 2.72
C TRP B 193 52.27 -17.10 3.08
N ARG B 194 52.84 -16.42 2.08
CA ARG B 194 53.30 -15.05 2.19
C ARG B 194 52.90 -14.30 0.94
N LEU B 195 52.98 -12.97 0.99
CA LEU B 195 52.60 -12.13 -0.13
C LEU B 195 53.70 -12.10 -1.20
N THR B 196 53.30 -12.30 -2.46
CA THR B 196 54.21 -12.19 -3.59
C THR B 196 54.62 -10.73 -3.79
N THR B 197 55.92 -10.49 -3.93
CA THR B 197 56.46 -9.13 -3.96
C THR B 197 57.21 -8.86 -5.27
N ILE B 198 57.05 -7.64 -5.77
CA ILE B 198 57.83 -7.09 -6.88
C ILE B 198 58.53 -5.84 -6.36
N SER B 199 59.85 -5.95 -6.15
CA SER B 199 60.66 -4.83 -5.63
C SER B 199 60.19 -4.42 -4.23
N GLY B 200 59.82 -5.41 -3.42
CA GLY B 200 59.38 -5.15 -2.06
C GLY B 200 57.94 -4.69 -1.95
N LYS B 201 57.23 -4.58 -3.06
CA LYS B 201 55.84 -4.12 -3.07
C LYS B 201 54.89 -5.28 -3.25
N PRO B 202 53.94 -5.49 -2.35
CA PRO B 202 52.98 -6.59 -2.52
C PRO B 202 52.28 -6.48 -3.87
N LEU B 203 52.22 -7.62 -4.57
CA LEU B 203 51.71 -7.65 -5.94
C LEU B 203 50.20 -7.77 -5.91
N THR B 204 49.50 -6.68 -6.21
CA THR B 204 48.07 -6.77 -6.40
C THR B 204 47.78 -7.40 -7.75
N PHE B 205 46.53 -7.85 -7.93
CA PHE B 205 46.18 -8.50 -9.18
C PHE B 205 46.09 -7.48 -10.32
N SER B 206 45.75 -6.24 -10.01
CA SER B 206 45.74 -5.19 -11.03
C SER B 206 47.14 -4.85 -11.52
N GLY B 207 48.18 -5.39 -10.89
CA GLY B 207 49.55 -5.18 -11.33
C GLY B 207 50.24 -6.46 -11.73
N LEU B 208 49.48 -7.53 -11.92
CA LEU B 208 50.03 -8.81 -12.38
C LEU B 208 50.20 -8.84 -13.89
N SER B 209 49.62 -7.87 -14.61
CA SER B 209 49.77 -7.81 -16.06
C SER B 209 51.21 -7.47 -16.45
N LYS B 210 51.82 -6.52 -15.73
CA LYS B 210 53.15 -6.04 -16.08
C LYS B 210 54.28 -6.86 -15.47
N ASN B 211 54.01 -7.64 -14.41
CA ASN B 211 55.07 -8.32 -13.65
C ASN B 211 55.00 -9.85 -13.75
N ILE B 212 54.33 -10.41 -14.76
CA ILE B 212 54.21 -11.86 -14.85
C ILE B 212 55.56 -12.52 -15.16
N GLY B 213 56.48 -11.79 -15.78
CA GLY B 213 57.74 -12.39 -16.19
C GLY B 213 58.73 -12.54 -15.05
N SER B 214 58.63 -11.67 -14.04
CA SER B 214 59.54 -11.68 -12.90
C SER B 214 59.09 -12.61 -11.78
N LEU B 215 58.25 -13.60 -12.10
CA LEU B 215 57.76 -14.56 -11.13
C LEU B 215 58.27 -15.94 -11.52
N ASP B 216 58.98 -16.58 -10.59
CA ASP B 216 59.56 -17.90 -10.82
C ASP B 216 58.50 -18.99 -10.63
N LYS B 217 58.62 -20.04 -11.44
CA LYS B 217 57.71 -21.19 -11.34
C LYS B 217 58.12 -22.16 -10.23
N THR B 218 59.15 -21.83 -9.44
CA THR B 218 59.58 -22.70 -8.36
C THR B 218 58.72 -22.58 -7.12
N LYS B 219 57.89 -21.54 -7.04
CA LYS B 219 57.00 -21.34 -5.92
C LYS B 219 55.64 -21.94 -6.22
N ASN B 220 54.86 -22.18 -5.17
CA ASN B 220 53.48 -22.60 -5.30
C ASN B 220 52.61 -21.38 -5.00
N TYR B 221 51.84 -20.92 -5.98
CA TYR B 221 51.16 -19.64 -5.93
C TYR B 221 49.67 -19.83 -5.65
N GLY B 222 49.04 -18.72 -5.32
CA GLY B 222 47.61 -18.70 -5.06
C GLY B 222 47.14 -17.26 -4.97
N LEU B 223 45.84 -17.11 -4.74
CA LEU B 223 45.20 -15.81 -4.62
C LEU B 223 44.57 -15.68 -3.24
N ARG B 224 44.62 -14.47 -2.70
CA ARG B 224 43.98 -14.15 -1.43
C ARG B 224 42.86 -13.15 -1.68
N LEU B 225 41.62 -13.60 -1.59
CA LEU B 225 40.44 -12.77 -1.78
C LEU B 225 40.02 -12.16 -0.45
N SER B 226 39.92 -10.84 -0.41
CA SER B 226 39.59 -10.11 0.80
C SER B 226 38.16 -9.61 0.71
N ILE B 227 37.34 -10.03 1.66
CA ILE B 227 35.95 -9.59 1.77
C ILE B 227 35.80 -8.85 3.08
N ASP B 228 35.01 -7.78 3.06
CA ASP B 228 34.66 -7.02 4.25
C ASP B 228 33.42 -7.67 4.86
N PRO B 229 33.24 -7.59 6.18
CA PRO B 229 32.13 -8.32 6.82
C PRO B 229 30.65 -7.87 6.79
N ASN B 230 30.36 -6.68 7.28
CA ASN B 230 29.05 -6.20 7.47
C ASN B 230 28.65 -5.22 6.38
N LEU B 231 27.35 -4.96 6.32
CA LEU B 231 26.77 -4.02 5.38
C LEU B 231 25.74 -3.29 6.21
N GLY B 232 26.07 -3.11 7.48
CA GLY B 232 25.20 -2.50 8.43
C GLY B 232 24.85 -1.07 8.17
N LYS B 233 24.24 -0.48 9.20
CA LYS B 233 23.83 0.93 9.21
C LYS B 233 23.15 1.51 7.96
N PHE B 234 23.72 1.26 6.79
CA PHE B 234 23.16 1.85 5.57
C PHE B 234 22.42 0.78 4.76
N LEU B 235 21.20 1.10 4.34
CA LEU B 235 20.41 0.20 3.51
C LEU B 235 21.13 -0.07 2.20
N ARG B 236 20.96 -1.28 1.65
CA ARG B 236 21.74 -1.66 0.48
C ARG B 236 20.85 -1.86 -0.73
N ALA B 237 21.43 -1.58 -1.90
CA ALA B 237 20.71 -1.68 -3.16
C ALA B 237 20.22 -3.11 -3.45
N ASP B 238 21.02 -4.12 -3.11
CA ASP B 238 20.54 -5.48 -3.35
C ASP B 238 19.54 -5.92 -2.28
N GLY B 239 19.21 -5.02 -1.35
CA GLY B 239 18.20 -5.28 -0.35
C GLY B 239 18.56 -6.27 0.73
N ARG B 240 19.84 -6.51 0.97
CA ARG B 240 20.23 -7.47 1.99
C ARG B 240 20.29 -6.84 3.38
N VAL B 241 19.93 -5.56 3.50
CA VAL B 241 19.86 -4.86 4.77
C VAL B 241 18.41 -4.54 5.10
N GLY B 242 17.97 -4.92 6.30
CA GLY B 242 16.62 -4.62 6.75
C GLY B 242 16.47 -3.25 7.42
N ALA B 243 15.31 -2.63 7.19
CA ALA B 243 14.97 -1.33 7.76
C ALA B 243 14.08 -1.49 8.99
N ASP B 244 14.44 -0.78 10.07
CA ASP B 244 13.53 -0.70 11.21
C ASP B 244 12.26 0.04 10.84
N LYS B 245 12.40 1.08 10.03
CA LYS B 245 11.29 1.86 9.48
C LYS B 245 11.86 2.68 8.33
N LEU B 246 10.97 3.31 7.58
CA LEU B 246 11.39 4.23 6.53
C LEU B 246 10.38 5.37 6.46
N CYS B 247 10.90 6.58 6.49
CA CYS B 247 10.08 7.78 6.42
C CYS B 247 10.52 8.60 5.22
N TRP B 248 9.59 9.37 4.67
CA TRP B 248 9.82 10.13 3.46
C TRP B 248 10.00 11.61 3.78
N ASN B 249 10.68 12.30 2.87
CA ASN B 249 10.97 13.72 3.06
C ASN B 249 9.92 14.59 2.39
N ILE B 250 9.71 15.77 2.97
CA ILE B 250 8.94 16.84 2.37
C ILE B 250 9.73 18.11 2.59
N ASP B 251 10.07 18.80 1.50
CA ASP B 251 10.80 20.07 1.58
C ASP B 251 12.08 19.90 2.40
N ASN B 252 12.80 18.81 2.14
CA ASN B 252 14.09 18.50 2.76
C ASN B 252 14.00 18.30 4.27
N LYS B 253 12.82 17.94 4.77
CA LYS B 253 12.62 17.59 6.17
C LYS B 253 11.95 16.23 6.25
N MET B 254 12.30 15.47 7.30
CA MET B 254 11.76 14.14 7.50
C MET B 254 10.37 14.24 8.15
N SER B 255 9.45 14.84 7.40
CA SER B 255 8.13 15.16 7.91
C SER B 255 7.03 14.36 7.23
N GLY B 256 7.39 13.41 6.37
CA GLY B 256 6.41 12.61 5.68
C GLY B 256 6.04 11.32 6.39
N PRO B 257 5.13 10.55 5.78
CA PRO B 257 4.66 9.32 6.43
C PRO B 257 5.78 8.31 6.66
N CYS B 258 5.51 7.35 7.54
CA CYS B 258 6.48 6.32 7.88
C CYS B 258 5.87 4.94 7.74
N LEU B 259 6.68 4.00 7.28
CA LEU B 259 6.32 2.59 7.19
C LEU B 259 7.21 1.79 8.12
N ALA B 260 6.60 0.95 8.94
CA ALA B 260 7.35 0.10 9.85
C ALA B 260 6.60 -1.20 10.01
N ALA B 261 7.35 -2.28 10.26
CA ALA B 261 6.71 -3.56 10.45
C ALA B 261 6.16 -3.64 11.86
N ASP B 262 5.00 -4.27 11.99
CA ASP B 262 4.47 -4.58 13.30
C ASP B 262 5.11 -5.90 13.75
N ASP B 263 4.66 -6.42 14.89
CA ASP B 263 5.30 -7.58 15.47
C ASP B 263 5.05 -8.86 14.68
N SER B 264 4.02 -8.88 13.84
CA SER B 264 3.55 -10.13 13.23
C SER B 264 4.52 -10.69 12.19
N GLY B 265 5.25 -9.84 11.48
CA GLY B 265 6.04 -10.30 10.36
C GLY B 265 5.29 -10.29 9.05
N ASN B 266 3.98 -10.05 9.09
CA ASN B 266 3.13 -10.02 7.91
C ASN B 266 2.76 -8.61 7.50
N ASN B 267 2.77 -7.66 8.43
CA ASN B 267 2.18 -6.34 8.20
C ASN B 267 3.24 -5.25 8.11
N LEU B 268 3.06 -4.37 7.13
CA LEU B 268 3.69 -3.07 7.12
C LEU B 268 2.63 -2.05 7.55
N VAL B 269 3.03 -1.09 8.39
CA VAL B 269 2.09 -0.14 8.97
C VAL B 269 2.47 1.26 8.53
N LEU B 270 1.51 1.98 7.97
CA LEU B 270 1.69 3.35 7.52
C LEU B 270 1.19 4.29 8.60
N THR B 271 2.04 5.24 8.99
CA THR B 271 1.69 6.20 10.02
C THR B 271 1.97 7.62 9.53
N LYS B 272 1.35 8.59 10.19
CA LYS B 272 1.46 9.99 9.80
C LYS B 272 2.88 10.50 9.99
N GLY B 273 3.21 11.54 9.23
CA GLY B 273 4.49 12.20 9.38
C GLY B 273 4.45 13.33 10.37
N LYS B 274 5.65 13.79 10.75
CA LYS B 274 5.74 14.88 11.72
C LYS B 274 5.22 16.21 11.15
N GLY B 275 5.19 16.37 9.84
CA GLY B 275 4.69 17.58 9.23
C GLY B 275 3.21 17.61 8.96
N ALA B 276 2.51 16.49 9.18
CA ALA B 276 1.08 16.40 8.93
C ALA B 276 0.33 17.21 9.97
N LYS B 277 -0.46 18.19 9.50
CA LYS B 277 -1.33 18.92 10.41
C LYS B 277 -2.58 18.13 10.79
N SER B 278 -2.93 17.11 10.01
CA SER B 278 -4.02 16.19 10.32
C SER B 278 -3.47 14.76 10.41
N ASN B 279 -4.15 13.94 11.19
CA ASN B 279 -3.75 12.54 11.39
C ASN B 279 -4.64 11.66 10.51
N GLU B 280 -4.32 11.63 9.22
CA GLU B 280 -5.09 10.89 8.23
C GLU B 280 -4.14 10.28 7.22
N PRO B 281 -3.42 9.23 7.61
CA PRO B 281 -2.42 8.64 6.71
C PRO B 281 -3.07 7.99 5.51
N GLY B 282 -2.37 8.00 4.39
CA GLY B 282 -2.92 7.48 3.16
C GLY B 282 -1.90 6.92 2.21
N LEU B 283 -2.33 5.91 1.46
CA LEU B 283 -1.60 5.37 0.32
C LEU B 283 -2.27 5.86 -0.96
N CYS B 284 -1.48 6.35 -1.91
CA CYS B 284 -2.04 6.99 -3.08
C CYS B 284 -1.46 6.46 -4.39
N TRP B 285 -2.29 6.51 -5.43
CA TRP B 285 -1.92 6.22 -6.80
C TRP B 285 -1.99 7.52 -7.59
N ASP B 286 -1.02 7.74 -8.48
CA ASP B 286 -1.06 8.92 -9.34
C ASP B 286 -0.60 8.56 -10.74
N LEU B 287 -1.45 8.87 -11.72
CA LEU B 287 -1.13 8.68 -13.13
C LEU B 287 -0.37 9.86 -13.71
N ASN B 288 -0.42 11.03 -13.07
CA ASN B 288 0.17 12.26 -13.58
C ASN B 288 -0.35 12.60 -14.97
N THR B 289 -1.64 12.35 -15.20
CA THR B 289 -2.29 12.63 -16.48
C THR B 289 -3.38 13.70 -16.36
N GLY B 290 -3.28 14.58 -15.36
CA GLY B 290 -4.15 15.73 -15.27
C GLY B 290 -5.34 15.60 -14.35
N THR B 291 -5.54 14.44 -13.74
CA THR B 291 -6.61 14.25 -12.79
C THR B 291 -6.03 14.00 -11.41
N SER B 292 -6.90 14.07 -10.41
CA SER B 292 -6.47 13.91 -9.04
C SER B 292 -5.85 12.54 -8.81
N LYS B 293 -4.84 12.49 -7.93
CA LYS B 293 -4.40 11.20 -7.44
C LYS B 293 -5.49 10.60 -6.56
N LEU B 294 -5.49 9.28 -6.47
CA LEU B 294 -6.45 8.56 -5.65
C LEU B 294 -5.74 8.04 -4.40
N CYS B 295 -6.35 8.29 -3.24
CA CYS B 295 -5.73 7.99 -1.95
C CYS B 295 -6.65 7.09 -1.14
N LEU B 296 -6.03 6.11 -0.46
CA LEU B 296 -6.70 5.27 0.52
C LEU B 296 -6.28 5.78 1.89
N THR B 297 -7.17 6.52 2.54
CA THR B 297 -6.83 7.32 3.71
C THR B 297 -7.62 6.82 4.91
N GLN B 298 -6.96 6.75 6.06
CA GLN B 298 -7.59 6.33 7.31
C GLN B 298 -8.13 7.55 8.04
N ILE B 299 -9.41 7.48 8.42
CA ILE B 299 -10.09 8.58 9.08
C ILE B 299 -10.81 8.06 10.32
N GLU B 300 -11.15 8.99 11.21
CA GLU B 300 -11.79 8.64 12.47
C GLU B 300 -13.25 8.26 12.24
N GLY B 301 -13.75 7.36 13.08
CA GLY B 301 -15.14 6.92 13.02
C GLY B 301 -15.65 6.41 14.34
N LYS B 302 -16.88 5.91 14.33
CA LYS B 302 -17.52 5.35 15.51
C LYS B 302 -18.21 4.05 15.15
N ASP B 303 -18.20 3.09 16.05
CA ASP B 303 -18.84 1.80 15.81
C ASP B 303 -20.33 1.88 16.14
N ASN B 304 -21.00 0.71 16.15
CA ASN B 304 -22.43 0.64 16.38
C ASN B 304 -22.81 0.96 17.82
N ASN B 305 -21.86 0.99 18.73
CA ASN B 305 -22.09 1.39 20.11
C ASN B 305 -21.58 2.80 20.36
N ASP B 306 -21.31 3.53 19.28
CA ASP B 306 -20.81 4.90 19.31
C ASP B 306 -19.48 5.00 20.06
N LYS B 307 -18.71 3.91 20.08
CA LYS B 307 -17.36 3.93 20.63
C LYS B 307 -16.37 4.32 19.54
N ASP B 308 -15.23 4.87 19.97
CA ASP B 308 -14.24 5.35 19.02
C ASP B 308 -13.70 4.21 18.16
N ALA B 309 -13.58 4.47 16.86
CA ALA B 309 -13.13 3.48 15.89
C ALA B 309 -12.53 4.21 14.70
N SER B 310 -12.25 3.47 13.62
CA SER B 310 -11.67 4.07 12.42
C SER B 310 -12.15 3.30 11.20
N LEU B 311 -11.93 3.89 10.02
CA LEU B 311 -12.26 3.26 8.76
C LEU B 311 -11.31 3.79 7.69
N ILE B 312 -11.44 3.24 6.48
CA ILE B 312 -10.62 3.64 5.34
C ILE B 312 -11.53 4.31 4.32
N LYS B 313 -11.02 5.36 3.67
CA LYS B 313 -11.79 6.11 2.70
C LYS B 313 -10.99 6.25 1.40
N LEU B 314 -11.60 5.89 0.28
CA LEU B 314 -11.00 6.06 -1.04
C LEU B 314 -11.50 7.38 -1.62
N LYS B 315 -10.62 8.38 -1.70
CA LYS B 315 -11.02 9.73 -2.02
C LYS B 315 -10.00 10.38 -2.95
N ASP B 316 -10.44 11.40 -3.68
CA ASP B 316 -9.54 12.23 -4.48
C ASP B 316 -8.96 13.33 -3.61
N ASP B 317 -8.26 14.28 -4.23
CA ASP B 317 -7.65 15.38 -3.48
C ASP B 317 -8.68 16.38 -2.99
N ASN B 318 -9.90 16.33 -3.49
CA ASN B 318 -10.98 17.21 -3.07
C ASN B 318 -11.82 16.62 -1.94
N GLY B 319 -11.47 15.44 -1.42
CA GLY B 319 -12.22 14.81 -0.36
C GLY B 319 -13.46 14.07 -0.78
N ASN B 320 -13.72 13.94 -2.10
CA ASN B 320 -14.85 13.22 -2.65
C ASN B 320 -14.53 11.74 -2.83
N PRO B 321 -15.49 10.85 -2.57
CA PRO B 321 -15.25 9.42 -2.74
C PRO B 321 -14.83 9.08 -4.17
N ALA B 322 -13.95 8.09 -4.29
CA ALA B 322 -13.48 7.58 -5.57
C ALA B 322 -14.04 6.18 -5.77
N THR B 323 -13.73 5.60 -6.93
CA THR B 323 -14.33 4.35 -7.35
C THR B 323 -13.30 3.23 -7.36
N MET B 324 -13.67 2.08 -6.81
CA MET B 324 -12.87 0.86 -6.89
C MET B 324 -13.69 -0.23 -7.55
N LEU B 325 -13.19 -0.77 -8.66
CA LEU B 325 -13.78 -1.90 -9.33
C LEU B 325 -13.20 -3.19 -8.74
N ALA B 326 -14.04 -3.99 -8.11
CA ALA B 326 -13.63 -5.24 -7.47
C ALA B 326 -14.89 -6.01 -7.08
N ASN B 327 -14.69 -7.28 -6.74
CA ASN B 327 -15.73 -8.07 -6.09
C ASN B 327 -15.71 -7.82 -4.60
N ILE B 328 -16.88 -7.62 -4.00
CA ILE B 328 -17.00 -7.31 -2.59
C ILE B 328 -17.74 -8.45 -1.90
N LEU B 329 -17.18 -8.93 -0.79
CA LEU B 329 -17.87 -9.81 0.14
C LEU B 329 -18.15 -9.05 1.43
N VAL B 330 -19.36 -9.21 1.96
CA VAL B 330 -19.74 -8.64 3.24
C VAL B 330 -20.05 -9.79 4.20
N GLU B 331 -19.55 -9.68 5.43
CA GLU B 331 -19.74 -10.69 6.46
C GLU B 331 -20.61 -10.14 7.57
N GLU B 332 -21.65 -10.88 7.96
CA GLU B 332 -22.45 -10.51 9.10
C GLU B 332 -23.07 -11.74 9.73
N LYS B 333 -23.46 -11.61 10.99
CA LYS B 333 -24.14 -12.69 11.68
C LYS B 333 -25.51 -12.93 11.06
N SER B 334 -25.89 -14.19 10.98
CA SER B 334 -27.22 -14.53 10.48
C SER B 334 -28.29 -13.86 11.34
N MET B 335 -29.22 -13.18 10.66
CA MET B 335 -30.30 -12.49 11.38
C MET B 335 -31.31 -13.46 11.98
N THR B 336 -31.13 -14.77 11.82
CA THR B 336 -31.99 -15.76 12.45
C THR B 336 -31.24 -16.45 13.58
N ASP B 337 -30.21 -17.23 13.25
CA ASP B 337 -29.43 -18.01 14.20
C ASP B 337 -28.11 -17.29 14.42
N SER B 338 -28.01 -16.57 15.54
CA SER B 338 -26.76 -15.90 15.89
C SER B 338 -25.67 -16.94 16.06
N THR B 339 -24.44 -16.50 16.35
CA THR B 339 -23.23 -17.33 16.50
C THR B 339 -22.75 -17.93 15.19
N LYS B 340 -23.42 -17.67 14.06
CA LYS B 340 -22.98 -18.17 12.77
C LYS B 340 -22.84 -17.00 11.81
N LYS B 341 -21.74 -16.97 11.06
CA LYS B 341 -21.45 -15.90 10.11
C LYS B 341 -21.82 -16.32 8.69
N GLU B 342 -22.27 -15.34 7.90
CA GLU B 342 -22.72 -15.56 6.53
C GLU B 342 -22.10 -14.50 5.63
N LEU B 343 -21.84 -14.89 4.38
CA LEU B 343 -21.25 -14.01 3.38
C LEU B 343 -22.24 -13.70 2.26
N ARG B 344 -22.12 -12.50 1.68
CA ARG B 344 -22.96 -12.11 0.56
C ARG B 344 -22.18 -11.17 -0.35
N THR B 345 -22.64 -11.06 -1.59
CA THR B 345 -22.06 -10.18 -2.59
C THR B 345 -22.99 -9.02 -2.90
N ILE B 346 -22.50 -8.09 -3.72
CA ILE B 346 -23.32 -6.95 -4.16
C ILE B 346 -24.31 -7.43 -5.21
N PRO B 347 -25.60 -7.17 -5.05
CA PRO B 347 -26.60 -7.74 -5.95
C PRO B 347 -26.71 -6.98 -7.26
N ASN B 348 -27.43 -7.61 -8.20
CA ASN B 348 -27.85 -6.98 -9.45
C ASN B 348 -29.37 -7.03 -9.54
N THR B 349 -29.94 -6.04 -10.22
CA THR B 349 -31.37 -5.95 -10.40
C THR B 349 -31.67 -5.95 -11.89
N ILE B 350 -32.66 -6.74 -12.29
CA ILE B 350 -33.09 -6.84 -13.68
C ILE B 350 -34.59 -6.66 -13.72
N TYR B 351 -35.05 -5.69 -14.50
CA TYR B 351 -36.48 -5.55 -14.75
C TYR B 351 -36.85 -6.42 -15.94
N ALA B 352 -37.88 -7.24 -15.78
CA ALA B 352 -38.32 -8.11 -16.86
C ALA B 352 -39.79 -8.45 -16.67
N ALA B 353 -40.47 -8.65 -17.81
CA ALA B 353 -41.83 -9.16 -17.82
C ALA B 353 -41.86 -10.50 -18.54
N PHE B 354 -42.86 -11.31 -18.21
CA PHE B 354 -43.10 -12.54 -18.95
C PHE B 354 -43.71 -12.20 -20.32
N SER B 355 -43.78 -13.19 -21.21
CA SER B 355 -44.01 -12.88 -22.62
C SER B 355 -45.10 -13.69 -23.31
N ASN B 356 -46.07 -14.25 -22.60
CA ASN B 356 -47.22 -14.81 -23.31
C ASN B 356 -48.21 -13.68 -23.59
N SER B 357 -48.64 -13.58 -24.84
CA SER B 357 -49.45 -12.47 -25.30
C SER B 357 -50.79 -12.88 -25.87
N ASN B 358 -50.84 -13.98 -26.61
CA ASN B 358 -52.07 -14.43 -27.24
C ASN B 358 -52.78 -15.47 -26.40
N ALA B 359 -54.06 -15.64 -26.67
CA ALA B 359 -54.90 -16.54 -25.87
C ALA B 359 -54.38 -17.97 -25.88
N SER B 360 -53.82 -18.41 -27.00
CA SER B 360 -53.33 -19.79 -27.11
C SER B 360 -52.26 -20.08 -26.06
N ASP B 361 -51.32 -19.16 -25.88
CA ASP B 361 -50.24 -19.34 -24.90
C ASP B 361 -50.67 -18.95 -23.49
N LEU B 362 -51.56 -17.95 -23.38
CA LEU B 362 -51.88 -17.38 -22.08
C LEU B 362 -52.71 -18.33 -21.21
N VAL B 363 -53.85 -18.77 -21.74
CA VAL B 363 -54.87 -19.44 -20.92
C VAL B 363 -54.48 -20.89 -20.65
N ILE B 364 -54.49 -21.27 -19.37
CA ILE B 364 -54.37 -22.66 -18.96
C ILE B 364 -55.79 -23.23 -18.92
N THR B 365 -56.08 -24.15 -19.82
CA THR B 365 -57.46 -24.60 -20.04
C THR B 365 -58.03 -25.32 -18.81
N ASN B 366 -57.31 -26.34 -18.32
CA ASN B 366 -57.77 -27.13 -17.18
C ASN B 366 -56.73 -26.96 -16.09
N PRO B 367 -56.85 -25.93 -15.26
CA PRO B 367 -55.79 -25.62 -14.29
C PRO B 367 -55.56 -26.72 -13.27
N GLY B 368 -56.63 -27.36 -12.79
CA GLY B 368 -56.47 -28.41 -11.80
C GLY B 368 -55.61 -29.57 -12.28
N ASN B 369 -55.57 -29.79 -13.59
CA ASN B 369 -54.81 -30.90 -14.14
C ASN B 369 -53.44 -30.51 -14.67
N TYR B 370 -53.17 -29.22 -14.86
CA TYR B 370 -51.94 -28.79 -15.53
C TYR B 370 -50.71 -29.08 -14.67
N ILE B 371 -49.69 -29.67 -15.30
CA ILE B 371 -48.38 -29.87 -14.70
C ILE B 371 -47.38 -29.15 -15.59
N GLY B 372 -46.74 -28.13 -15.06
CA GLY B 372 -45.89 -27.34 -15.89
C GLY B 372 -44.51 -27.95 -16.03
N ASN B 373 -43.82 -27.46 -17.03
CA ASN B 373 -42.44 -27.83 -17.29
C ASN B 373 -41.71 -26.50 -17.37
N VAL B 374 -41.33 -25.97 -16.20
CA VAL B 374 -40.82 -24.61 -16.11
C VAL B 374 -39.60 -24.42 -16.99
N THR B 375 -38.96 -25.50 -17.40
CA THR B 375 -37.82 -25.41 -18.31
C THR B 375 -38.25 -25.14 -19.74
N SER B 376 -39.47 -25.52 -20.13
CA SER B 376 -39.86 -25.42 -21.54
C SER B 376 -41.17 -24.68 -21.77
N GLU B 377 -41.75 -24.09 -20.74
CA GLU B 377 -43.01 -23.38 -20.89
C GLU B 377 -42.83 -22.13 -21.74
N LYS B 378 -43.82 -21.86 -22.60
CA LYS B 378 -43.76 -20.64 -23.41
C LYS B 378 -43.88 -19.40 -22.52
N GLY B 379 -43.14 -18.34 -22.89
CA GLY B 379 -43.24 -17.07 -22.20
C GLY B 379 -42.40 -16.93 -20.95
N ARG B 380 -41.61 -17.95 -20.59
CA ARG B 380 -40.85 -17.91 -19.36
C ARG B 380 -39.70 -16.90 -19.44
N ILE B 381 -39.18 -16.56 -18.27
CA ILE B 381 -37.94 -15.80 -18.15
C ILE B 381 -36.83 -16.78 -17.83
N GLU B 382 -35.78 -16.76 -18.65
CA GLU B 382 -34.67 -17.69 -18.53
C GLU B 382 -33.36 -16.91 -18.49
N LEU B 383 -32.49 -17.26 -17.55
CA LEU B 383 -31.22 -16.56 -17.35
C LEU B 383 -30.12 -17.59 -17.14
N ASN B 384 -28.89 -17.16 -17.41
CA ASN B 384 -27.73 -17.98 -17.13
C ASN B 384 -27.39 -17.92 -15.65
N VAL B 385 -27.12 -19.09 -15.06
CA VAL B 385 -26.71 -19.11 -13.66
C VAL B 385 -25.35 -18.43 -13.54
N GLN B 386 -25.27 -17.43 -12.67
CA GLN B 386 -24.05 -16.66 -12.52
C GLN B 386 -22.96 -17.46 -11.80
N ASP B 387 -21.71 -17.06 -12.04
CA ASP B 387 -20.56 -17.60 -11.33
C ASP B 387 -20.25 -16.72 -10.12
N CYS B 388 -20.08 -17.35 -8.95
CA CYS B 388 -19.80 -16.66 -7.70
C CYS B 388 -18.31 -16.37 -7.56
N PRO B 389 -17.96 -15.30 -6.86
CA PRO B 389 -16.55 -14.93 -6.67
C PRO B 389 -15.86 -15.78 -5.60
N VAL B 390 -14.57 -15.47 -5.40
CA VAL B 390 -13.77 -16.17 -4.40
C VAL B 390 -14.27 -15.90 -3.00
N SER B 391 -14.29 -16.94 -2.17
CA SER B 391 -14.65 -16.85 -0.76
C SER B 391 -13.60 -17.55 0.09
N PRO B 392 -13.43 -17.12 1.35
CA PRO B 392 -12.43 -17.76 2.22
C PRO B 392 -12.75 -19.23 2.46
N ASP B 393 -11.68 -20.00 2.74
CA ASP B 393 -11.75 -21.44 2.87
C ASP B 393 -12.90 -21.88 3.77
N GLY B 394 -13.62 -22.91 3.31
CA GLY B 394 -14.72 -23.46 4.09
C GLY B 394 -15.99 -22.66 4.09
N ASN B 395 -16.21 -21.81 3.08
CA ASN B 395 -17.43 -21.01 2.96
C ASN B 395 -17.94 -21.13 1.53
N LYS B 396 -18.61 -22.23 1.22
CA LYS B 396 -19.13 -22.40 -0.14
C LYS B 396 -20.25 -21.40 -0.40
N LEU B 397 -20.09 -20.59 -1.44
CA LEU B 397 -21.10 -19.63 -1.87
C LEU B 397 -22.05 -20.26 -2.87
N HIS B 398 -23.35 -20.02 -2.68
CA HIS B 398 -24.32 -20.51 -3.63
C HIS B 398 -24.95 -19.36 -4.41
N PRO B 399 -25.15 -19.52 -5.72
CA PRO B 399 -25.84 -18.48 -6.49
C PRO B 399 -27.29 -18.38 -6.07
N ARG B 400 -27.77 -17.13 -6.01
CA ARG B 400 -29.14 -16.86 -5.57
C ARG B 400 -29.85 -16.01 -6.61
N LEU B 401 -31.17 -16.16 -6.65
CA LEU B 401 -32.03 -15.32 -7.48
C LEU B 401 -33.37 -15.22 -6.78
N SER B 402 -33.96 -14.03 -6.83
CA SER B 402 -35.28 -13.80 -6.29
C SER B 402 -36.01 -12.83 -7.19
N ALA B 403 -37.35 -12.81 -7.05
CA ALA B 403 -38.20 -11.93 -7.83
C ALA B 403 -39.18 -11.22 -6.92
N SER B 404 -39.38 -9.93 -7.18
CA SER B 404 -40.36 -9.11 -6.50
C SER B 404 -41.32 -8.55 -7.53
N ILE B 405 -42.59 -8.43 -7.15
CA ILE B 405 -43.59 -7.98 -8.11
C ILE B 405 -43.42 -6.49 -8.36
N ALA B 406 -43.36 -6.11 -9.64
CA ALA B 406 -43.27 -4.72 -10.03
C ALA B 406 -44.58 -4.18 -10.58
N SER B 407 -45.31 -4.97 -11.36
CA SER B 407 -46.61 -4.56 -11.87
C SER B 407 -47.42 -5.79 -12.25
N ILE B 408 -48.72 -5.75 -11.97
CA ILE B 408 -49.63 -6.87 -12.21
C ILE B 408 -51.06 -6.37 -12.34
N VAL B 409 -51.75 -6.80 -13.41
CA VAL B 409 -53.16 -6.48 -13.62
C VAL B 409 -53.88 -7.73 -14.13
N ALA B 410 -55.18 -7.80 -13.84
CA ALA B 410 -56.02 -8.94 -14.21
C ALA B 410 -56.71 -8.69 -15.56
N ASP B 411 -55.90 -8.72 -16.62
CA ASP B 411 -56.40 -8.44 -17.96
C ASP B 411 -57.29 -9.58 -18.48
N THR B 412 -58.21 -9.22 -19.37
CA THR B 412 -59.12 -10.15 -20.03
C THR B 412 -59.11 -9.88 -21.53
N LYS B 413 -59.76 -10.78 -22.28
CA LYS B 413 -59.87 -10.62 -23.73
C LYS B 413 -60.62 -9.33 -24.05
N ASP B 414 -60.14 -8.61 -25.07
CA ASP B 414 -60.86 -7.43 -25.52
C ASP B 414 -61.84 -7.81 -26.63
N SER B 415 -62.40 -6.80 -27.31
CA SER B 415 -63.40 -7.05 -28.35
C SER B 415 -62.85 -7.87 -29.51
N ASN B 416 -61.53 -7.97 -29.64
CA ASN B 416 -60.90 -8.73 -30.71
C ASN B 416 -60.22 -9.99 -30.21
N GLY B 417 -60.48 -10.38 -28.97
CA GLY B 417 -59.85 -11.54 -28.39
C GLY B 417 -58.38 -11.36 -28.08
N LYS B 418 -57.92 -10.11 -27.98
CA LYS B 418 -56.53 -9.80 -27.70
C LYS B 418 -56.40 -9.24 -26.30
N TYR B 419 -55.19 -9.39 -25.74
CA TYR B 419 -54.87 -8.88 -24.41
C TYR B 419 -54.01 -7.64 -24.59
N GLN B 420 -54.45 -6.52 -24.01
CA GLN B 420 -53.85 -5.23 -24.33
C GLN B 420 -52.76 -4.81 -23.36
N ALA B 421 -52.91 -5.13 -22.07
CA ALA B 421 -51.93 -4.73 -21.06
C ALA B 421 -50.59 -5.41 -21.27
N ASP B 422 -49.53 -4.61 -21.26
CA ASP B 422 -48.19 -5.11 -21.54
C ASP B 422 -47.19 -4.32 -20.72
N PHE B 423 -46.40 -5.04 -19.91
CA PHE B 423 -45.40 -4.43 -19.03
C PHE B 423 -43.98 -4.78 -19.43
N SER B 424 -43.74 -5.05 -20.71
CA SER B 424 -42.40 -5.43 -21.13
C SER B 424 -41.40 -4.29 -21.02
N SER B 425 -41.87 -3.05 -21.04
CA SER B 425 -41.03 -1.87 -20.93
C SER B 425 -41.51 -1.03 -19.75
N LEU B 426 -40.63 -0.84 -18.76
CA LEU B 426 -41.02 -0.15 -17.54
C LEU B 426 -41.50 1.26 -17.81
N ALA B 427 -40.93 1.92 -18.82
CA ALA B 427 -41.31 3.29 -19.09
C ALA B 427 -42.69 3.42 -19.75
N GLY B 428 -43.37 2.32 -20.04
CA GLY B 428 -44.66 2.37 -20.73
C GLY B 428 -45.66 1.38 -20.19
N ASN B 429 -45.63 1.17 -18.88
CA ASN B 429 -46.52 0.18 -18.27
C ASN B 429 -47.98 0.61 -18.32
N ARG B 430 -48.24 1.91 -18.29
CA ARG B 430 -49.61 2.43 -18.27
C ARG B 430 -50.16 2.70 -19.65
N ASN B 431 -49.40 2.41 -20.72
CA ASN B 431 -49.78 2.87 -22.05
C ASN B 431 -50.90 2.04 -22.66
N SER B 432 -51.05 0.79 -22.23
CA SER B 432 -52.19 -0.03 -22.63
C SER B 432 -52.94 -0.46 -21.38
N GLY B 433 -54.16 0.03 -21.23
CA GLY B 433 -54.90 -0.22 -20.01
C GLY B 433 -55.49 -1.61 -19.99
N GLY B 434 -56.05 -2.04 -21.12
CA GLY B 434 -56.71 -3.32 -21.17
C GLY B 434 -58.07 -3.24 -20.52
N GLN B 435 -58.74 -4.39 -20.48
CA GLN B 435 -60.07 -4.48 -19.88
C GLN B 435 -60.00 -5.50 -18.75
N LEU B 436 -59.96 -5.00 -17.52
CA LEU B 436 -59.56 -5.76 -16.35
C LEU B 436 -60.76 -6.41 -15.68
N GLY B 437 -60.54 -7.63 -15.17
CA GLY B 437 -61.48 -8.32 -14.30
C GLY B 437 -61.08 -8.22 -12.84
N TYR B 438 -61.36 -9.27 -12.07
CA TYR B 438 -60.99 -9.34 -10.66
C TYR B 438 -59.77 -10.25 -10.51
N LEU B 439 -58.81 -9.81 -9.69
CA LEU B 439 -57.55 -10.53 -9.48
C LEU B 439 -57.67 -11.57 -8.37
N SER B 440 -57.18 -12.79 -8.66
CA SER B 440 -57.05 -13.82 -7.64
C SER B 440 -55.65 -13.87 -7.03
N GLY B 441 -54.65 -13.31 -7.69
CA GLY B 441 -53.27 -13.32 -7.24
C GLY B 441 -52.36 -13.98 -8.25
N THR B 442 -51.12 -14.19 -7.82
CA THR B 442 -50.12 -14.81 -8.69
C THR B 442 -49.16 -15.65 -7.87
N ALA B 443 -48.69 -16.73 -8.47
CA ALA B 443 -47.66 -17.59 -7.90
C ALA B 443 -46.42 -17.55 -8.80
N ILE B 444 -45.32 -17.01 -8.27
CA ILE B 444 -44.07 -16.86 -9.02
C ILE B 444 -43.05 -17.85 -8.49
N GLN B 445 -42.46 -18.63 -9.38
CA GLN B 445 -41.57 -19.74 -9.04
C GLN B 445 -40.21 -19.57 -9.69
N VAL B 446 -39.15 -19.91 -8.95
CA VAL B 446 -37.78 -19.85 -9.44
C VAL B 446 -37.16 -21.22 -9.28
N ASN B 447 -36.69 -21.80 -10.39
CA ASN B 447 -36.03 -23.09 -10.41
C ASN B 447 -34.72 -22.97 -11.18
N GLN B 448 -33.90 -24.02 -11.09
CA GLN B 448 -32.64 -24.00 -11.81
C GLN B 448 -32.24 -25.41 -12.23
N SER B 449 -31.60 -25.49 -13.40
CA SER B 449 -30.84 -26.65 -13.83
C SER B 449 -29.36 -26.38 -13.49
N GLY B 450 -28.45 -27.09 -14.14
CA GLY B 450 -27.04 -26.85 -13.88
C GLY B 450 -26.54 -25.51 -14.37
N SER B 451 -27.21 -24.93 -15.36
CA SER B 451 -26.72 -23.73 -16.03
C SER B 451 -27.73 -22.60 -16.11
N LYS B 452 -29.01 -22.85 -15.82
CA LYS B 452 -30.05 -21.88 -16.12
C LYS B 452 -30.92 -21.59 -14.91
N TRP B 453 -31.34 -20.34 -14.79
CA TRP B 453 -32.45 -19.96 -13.92
C TRP B 453 -33.73 -19.99 -14.74
N TYR B 454 -34.78 -20.59 -14.18
CA TYR B 454 -36.07 -20.60 -14.84
C TYR B 454 -37.06 -19.88 -13.94
N ILE B 455 -37.63 -18.80 -14.46
CA ILE B 455 -38.59 -17.98 -13.73
C ILE B 455 -39.91 -18.07 -14.47
N THR B 456 -40.93 -18.56 -13.78
CA THR B 456 -42.26 -18.79 -14.33
C THR B 456 -43.29 -18.27 -13.33
N ALA B 457 -44.53 -18.15 -13.80
CA ALA B 457 -45.56 -17.57 -12.95
C ALA B 457 -46.94 -18.01 -13.42
N THR B 458 -47.86 -18.06 -12.47
CA THR B 458 -49.25 -18.40 -12.71
C THR B 458 -50.14 -17.34 -12.06
N MET B 459 -51.09 -16.82 -12.82
CA MET B 459 -51.99 -15.78 -12.34
C MET B 459 -53.45 -16.23 -12.45
N GLY B 460 -54.23 -15.96 -11.40
CA GLY B 460 -55.66 -16.24 -11.39
C GLY B 460 -56.48 -14.99 -11.62
N VAL B 461 -57.46 -15.10 -12.52
CA VAL B 461 -58.30 -13.98 -12.90
C VAL B 461 -59.73 -14.47 -13.07
N PHE B 462 -60.69 -13.71 -12.54
CA PHE B 462 -62.11 -13.94 -12.79
C PHE B 462 -62.63 -12.84 -13.72
N ASP B 463 -63.28 -13.25 -14.81
CA ASP B 463 -63.84 -12.29 -15.74
C ASP B 463 -65.30 -12.08 -15.36
N PRO B 464 -65.67 -10.94 -14.77
CA PRO B 464 -67.06 -10.75 -14.37
C PRO B 464 -67.98 -10.47 -15.55
N LEU B 465 -67.44 -10.10 -16.71
CA LEU B 465 -68.28 -9.90 -17.88
C LEU B 465 -68.80 -11.22 -18.40
N THR B 466 -67.99 -12.27 -18.35
CA THR B 466 -68.42 -13.58 -18.82
C THR B 466 -68.64 -14.56 -17.68
N ASN B 467 -68.43 -14.14 -16.44
CA ASN B 467 -68.49 -15.04 -15.28
C ASN B 467 -67.65 -16.30 -15.52
N THR B 468 -66.50 -16.10 -16.14
CA THR B 468 -65.60 -17.17 -16.54
C THR B 468 -64.32 -17.07 -15.72
N THR B 469 -63.81 -18.21 -15.29
CA THR B 469 -62.61 -18.28 -14.49
C THR B 469 -61.42 -18.57 -15.39
N TYR B 470 -60.37 -17.77 -15.25
CA TYR B 470 -59.17 -17.89 -16.07
C TYR B 470 -57.93 -18.11 -15.20
N VAL B 471 -57.01 -18.94 -15.70
CA VAL B 471 -55.67 -19.09 -15.16
C VAL B 471 -54.67 -18.86 -16.29
N TYR B 472 -53.80 -17.88 -16.13
CA TYR B 472 -52.82 -17.49 -17.16
C TYR B 472 -51.42 -18.00 -16.82
N LEU B 473 -50.68 -18.38 -17.87
CA LEU B 473 -49.30 -18.83 -17.74
C LEU B 473 -48.35 -17.79 -18.34
N ASN B 474 -47.37 -17.36 -17.56
CA ASN B 474 -46.32 -16.42 -17.94
C ASN B 474 -46.87 -15.24 -18.74
N PRO B 475 -47.74 -14.41 -18.16
CA PRO B 475 -48.39 -13.34 -18.94
C PRO B 475 -47.53 -12.11 -19.06
N LYS B 476 -47.68 -11.42 -20.19
CA LYS B 476 -46.97 -10.16 -20.43
C LYS B 476 -47.47 -9.01 -19.58
N PHE B 477 -48.59 -9.15 -18.88
CA PHE B 477 -49.11 -8.15 -17.97
C PHE B 477 -48.61 -8.35 -16.54
N LEU B 478 -47.67 -9.26 -16.31
CA LEU B 478 -47.00 -9.41 -15.02
C LEU B 478 -45.51 -9.12 -15.22
N SER B 479 -44.97 -8.18 -14.42
CA SER B 479 -43.55 -7.85 -14.48
C SER B 479 -42.93 -7.92 -13.09
N VAL B 480 -41.66 -8.32 -13.05
CA VAL B 480 -40.94 -8.52 -11.81
C VAL B 480 -39.59 -7.83 -11.86
N ASN B 481 -39.09 -7.44 -10.69
CA ASN B 481 -37.70 -7.05 -10.52
C ASN B 481 -36.92 -8.27 -10.03
N ILE B 482 -35.97 -8.71 -10.83
CA ILE B 482 -35.22 -9.91 -10.53
C ILE B 482 -33.94 -9.48 -9.83
N THR B 483 -33.72 -10.00 -8.62
CA THR B 483 -32.51 -9.72 -7.86
C THR B 483 -31.64 -10.96 -7.88
N THR B 484 -30.38 -10.78 -8.25
CA THR B 484 -29.41 -11.87 -8.31
C THR B 484 -28.21 -11.52 -7.46
N TRP B 485 -27.70 -12.50 -6.73
CA TRP B 485 -26.54 -12.30 -5.87
C TRP B 485 -26.00 -13.66 -5.48
N CYS B 486 -24.90 -13.65 -4.71
CA CYS B 486 -24.33 -14.86 -4.14
C CYS B 486 -24.33 -14.74 -2.63
N SER B 487 -24.46 -15.89 -1.96
CA SER B 487 -24.57 -15.90 -0.51
C SER B 487 -24.21 -17.30 -0.01
N THR B 488 -23.83 -17.36 1.27
CA THR B 488 -23.69 -18.65 1.93
C THR B 488 -25.05 -19.22 2.31
N GLU B 489 -26.08 -18.37 2.34
CA GLU B 489 -27.45 -18.81 2.58
C GLU B 489 -28.02 -19.41 1.30
N PRO B 490 -28.44 -20.67 1.31
CA PRO B 490 -28.81 -21.34 0.06
C PRO B 490 -30.18 -20.91 -0.47
N GLN B 491 -30.46 -21.36 -1.69
CA GLN B 491 -31.72 -21.09 -2.36
C GLN B 491 -32.78 -22.11 -1.94
N ASP C 3 41.00 -5.70 36.16
CA ASP C 3 39.62 -6.12 35.90
C ASP C 3 39.01 -5.38 34.72
N GLU C 4 38.70 -6.14 33.67
CA GLU C 4 38.03 -5.61 32.48
C GLU C 4 36.51 -5.54 32.62
N ALA C 5 35.94 -6.17 33.66
CA ALA C 5 34.49 -6.13 33.83
C ALA C 5 33.99 -4.78 34.31
N ARG C 6 34.73 -4.13 35.22
CA ARG C 6 34.33 -2.80 35.65
C ARG C 6 34.65 -1.75 34.59
N ARG C 7 35.82 -1.85 33.97
CA ARG C 7 36.17 -0.96 32.86
C ARG C 7 35.10 -0.99 31.78
N GLN C 8 34.49 -2.16 31.57
CA GLN C 8 33.46 -2.29 30.54
C GLN C 8 32.20 -1.52 30.95
N ILE C 9 31.82 -1.59 32.23
CA ILE C 9 30.68 -0.81 32.71
C ILE C 9 30.94 0.67 32.51
N VAL C 10 32.12 1.14 32.92
CA VAL C 10 32.46 2.56 32.80
C VAL C 10 32.46 2.97 31.33
N SER C 11 33.02 2.13 30.47
CA SER C 11 33.06 2.44 29.04
C SER C 11 31.66 2.44 28.44
N ASN C 12 30.78 1.55 28.92
CA ASN C 12 29.40 1.53 28.43
C ASN C 12 28.68 2.84 28.75
N ALA C 13 28.88 3.36 29.97
CA ALA C 13 28.32 4.66 30.32
C ALA C 13 28.91 5.77 29.44
N LEU C 14 30.24 5.79 29.29
CA LEU C 14 30.89 6.82 28.49
C LEU C 14 30.35 6.85 27.05
N ILE C 15 30.28 5.69 26.40
CA ILE C 15 29.78 5.66 25.03
C ILE C 15 28.30 5.98 24.96
N SER C 16 27.53 5.62 26.01
CA SER C 16 26.14 6.05 26.07
C SER C 16 26.03 7.56 26.02
N GLU C 17 26.79 8.24 26.87
CA GLU C 17 26.85 9.70 26.84
C GLU C 17 27.30 10.19 25.47
N ILE C 18 28.42 9.66 24.97
CA ILE C 18 28.96 10.08 23.68
C ILE C 18 27.93 9.91 22.57
N ALA C 19 27.30 8.74 22.52
CA ALA C 19 26.34 8.47 21.44
C ALA C 19 25.12 9.39 21.54
N GLY C 20 24.61 9.59 22.76
CA GLY C 20 23.47 10.48 22.94
C GLY C 20 23.75 11.89 22.46
N ILE C 21 24.89 12.45 22.86
CA ILE C 21 25.28 13.79 22.42
C ILE C 21 25.40 13.82 20.89
N VAL C 22 26.03 12.80 20.31
CA VAL C 22 26.18 12.73 18.86
C VAL C 22 24.82 12.71 18.17
N ASP C 23 23.85 11.97 18.73
CA ASP C 23 22.51 11.93 18.17
C ASP C 23 21.86 13.32 18.13
N PHE C 24 22.06 14.11 19.19
CA PHE C 24 21.48 15.45 19.22
C PHE C 24 22.10 16.36 18.17
N VAL C 25 23.42 16.31 18.01
CA VAL C 25 24.10 17.15 17.02
C VAL C 25 23.60 16.81 15.61
N ALA C 26 23.31 15.54 15.35
CA ALA C 26 22.94 15.08 14.02
C ALA C 26 21.48 15.35 13.64
N GLU C 27 20.76 16.16 14.42
CA GLU C 27 19.38 16.51 14.13
C GLU C 27 19.28 18.03 14.02
N GLU C 28 19.20 18.54 12.78
CA GLU C 28 19.03 19.97 12.60
C GLU C 28 17.62 20.41 12.97
N GLN C 29 16.63 19.58 12.67
CA GLN C 29 15.26 19.81 13.11
C GLN C 29 14.97 18.81 14.22
N ILE C 30 14.58 19.32 15.38
CA ILE C 30 14.30 18.47 16.54
C ILE C 30 12.83 18.58 16.91
N THR C 31 12.29 17.47 17.44
CA THR C 31 10.91 17.39 17.88
C THR C 31 10.84 17.77 19.36
N VAL C 32 10.19 18.89 19.64
CA VAL C 32 10.15 19.48 20.97
C VAL C 32 8.69 19.47 21.41
N ILE C 33 8.45 19.62 22.72
CA ILE C 33 7.10 19.63 23.28
C ILE C 33 6.81 21.03 23.80
N GLU C 34 6.00 21.78 23.06
CA GLU C 34 5.56 23.10 23.51
C GLU C 34 4.27 22.85 24.29
N GLN C 35 4.42 22.36 25.52
CA GLN C 35 3.30 22.00 26.38
C GLN C 35 2.56 20.82 25.77
N GLY C 36 1.27 21.00 25.58
CA GLY C 36 0.42 19.97 25.02
C GLY C 36 0.67 19.46 23.62
N ILE C 37 1.74 19.82 22.93
CA ILE C 37 1.85 19.29 21.58
C ILE C 37 3.24 19.29 20.95
N GLU C 38 3.56 18.18 20.30
CA GLU C 38 4.84 18.08 19.60
C GLU C 38 5.00 19.19 18.58
N LYS C 39 6.20 19.75 18.49
CA LYS C 39 6.51 20.79 17.51
C LYS C 39 7.89 20.61 16.90
N GLU C 40 7.99 20.87 15.60
CA GLU C 40 9.28 20.92 14.92
C GLU C 40 9.87 22.30 15.11
N ILE C 41 11.07 22.37 15.67
CA ILE C 41 11.79 23.63 15.78
C ILE C 41 13.20 23.42 15.27
N THR C 42 13.84 24.51 14.85
CA THR C 42 15.24 24.43 14.48
C THR C 42 16.05 24.12 15.73
N ASN C 43 16.92 23.11 15.63
CA ASN C 43 17.78 22.74 16.74
C ASN C 43 18.53 23.97 17.25
N PRO C 44 18.50 24.25 18.56
CA PRO C 44 19.21 25.43 19.09
C PRO C 44 20.69 25.44 18.72
N LEU C 45 21.24 24.28 18.35
CA LEU C 45 22.63 24.24 17.88
C LEU C 45 22.82 25.06 16.62
N TYR C 46 21.81 25.09 15.74
CA TYR C 46 21.93 25.70 14.42
C TYR C 46 21.03 26.92 14.28
N GLU C 47 20.62 27.50 15.41
CA GLU C 47 20.00 28.82 15.45
C GLU C 47 21.08 29.83 15.78
N GLN C 48 21.33 30.76 14.86
CA GLN C 48 22.32 31.77 15.18
C GLN C 48 21.85 32.74 16.26
N SER C 49 20.71 32.42 16.89
CA SER C 49 20.10 33.21 17.94
C SER C 49 20.21 32.57 19.33
N SER C 50 20.65 31.31 19.41
CA SER C 50 20.82 30.65 20.70
C SER C 50 22.10 31.14 21.39
N GLY C 51 22.22 30.79 22.67
CA GLY C 51 23.30 31.25 23.50
C GLY C 51 24.26 30.15 23.94
N ILE C 52 25.08 30.50 24.93
CA ILE C 52 26.01 29.53 25.55
C ILE C 52 25.20 28.41 26.21
N PRO C 53 25.55 27.13 25.99
CA PRO C 53 26.67 26.63 25.20
C PRO C 53 26.31 26.15 23.78
N TYR C 54 25.16 26.58 23.26
CA TYR C 54 24.69 26.07 21.97
C TYR C 54 25.52 26.56 20.79
N ILE C 55 26.12 27.75 20.89
CA ILE C 55 26.84 28.32 19.75
C ILE C 55 28.33 28.07 19.80
N ASN C 56 28.84 27.48 20.87
CA ASN C 56 30.29 27.29 21.00
C ASN C 56 30.82 26.37 19.93
N ARG C 57 31.88 26.81 19.25
CA ARG C 57 32.52 26.04 18.18
C ARG C 57 34.02 26.17 18.28
N THR C 58 34.72 25.06 18.17
CA THR C 58 36.15 25.09 17.91
C THR C 58 36.36 25.04 16.39
N THR C 59 37.58 25.34 15.96
CA THR C 59 37.89 25.46 14.54
C THR C 59 39.00 24.50 14.11
N ASN C 60 39.36 23.53 14.95
CA ASN C 60 40.40 22.55 14.65
C ASN C 60 39.82 21.48 13.74
N LYS C 61 39.64 21.84 12.46
CA LYS C 61 39.21 20.86 11.47
C LYS C 61 40.21 19.72 11.34
N ASP C 62 41.50 20.07 11.26
CA ASP C 62 42.55 19.07 11.19
C ASP C 62 42.73 18.40 12.55
N LEU C 63 42.83 17.06 12.54
CA LEU C 63 43.11 16.31 13.76
C LEU C 63 44.48 16.62 14.34
N ASN C 64 45.39 17.21 13.56
CA ASN C 64 46.72 17.57 14.03
C ASN C 64 46.83 19.04 14.39
N SER C 65 45.74 19.80 14.31
CA SER C 65 45.71 21.22 14.60
C SER C 65 45.58 21.49 16.10
N THR C 66 45.83 22.73 16.48
CA THR C 66 45.79 23.13 17.89
C THR C 66 44.37 23.06 18.42
N MET C 67 44.20 22.33 19.52
CA MET C 67 42.91 22.30 20.20
C MET C 67 42.67 23.64 20.88
N SER C 68 41.42 24.08 20.88
CA SER C 68 41.09 25.40 21.40
C SER C 68 41.44 25.52 22.88
N THR C 69 41.76 26.75 23.29
CA THR C 69 42.01 27.08 24.68
C THR C 69 41.01 28.12 25.19
N ASN C 70 39.92 28.35 24.45
CA ASN C 70 38.93 29.36 24.77
C ASN C 70 37.68 28.69 25.33
N ALA C 71 37.25 29.13 26.51
CA ALA C 71 36.12 28.48 27.18
C ALA C 71 34.79 28.75 26.48
N SER C 72 34.71 29.79 25.68
CA SER C 72 33.52 30.04 24.88
C SER C 72 33.60 29.38 23.51
N GLU C 73 34.57 28.48 23.33
CA GLU C 73 34.69 27.66 22.12
C GLU C 73 34.47 26.18 22.39
N PHE C 74 35.17 25.62 23.37
CA PHE C 74 34.87 24.25 23.78
C PHE C 74 33.77 24.28 24.83
N ILE C 75 33.28 23.11 25.19
CA ILE C 75 32.19 22.97 26.15
C ILE C 75 32.72 22.17 27.31
N ASN C 76 32.92 22.83 28.45
CA ASN C 76 33.37 22.15 29.65
C ASN C 76 32.27 21.22 30.14
N TRP C 77 32.64 20.00 30.50
CA TRP C 77 31.67 18.96 30.84
C TRP C 77 31.96 18.41 32.23
N GLY C 78 30.93 17.84 32.84
CA GLY C 78 31.09 17.10 34.07
C GLY C 78 30.90 17.92 35.34
N ALA C 79 31.68 17.60 36.37
CA ALA C 79 31.54 18.24 37.67
C ALA C 79 31.94 19.72 37.59
N GLY C 80 31.20 20.57 38.31
CA GLY C 80 31.46 21.98 38.33
C GLY C 80 30.85 22.77 37.19
N THR C 81 30.21 22.10 36.23
CA THR C 81 29.61 22.73 35.07
C THR C 81 28.09 22.59 35.12
N SER C 82 27.40 23.63 34.64
CA SER C 82 25.96 23.60 34.44
C SER C 82 25.61 23.11 33.04
N THR C 83 26.58 22.50 32.35
CA THR C 83 26.42 22.14 30.95
C THR C 83 25.28 21.15 30.74
N ARG C 84 25.19 20.10 31.57
CA ARG C 84 24.23 19.03 31.33
C ARG C 84 22.79 19.54 31.24
N ILE C 85 22.47 20.63 31.93
CA ILE C 85 21.12 21.20 31.89
C ILE C 85 20.70 21.48 30.45
N PHE C 86 21.62 22.00 29.63
CA PHE C 86 21.30 22.45 28.28
C PHE C 86 21.20 21.31 27.28
N PHE C 87 21.51 20.07 27.69
CA PHE C 87 21.45 18.91 26.80
C PHE C 87 20.48 17.85 27.31
N THR C 88 19.65 18.17 28.30
CA THR C 88 18.62 17.28 28.79
C THR C 88 17.29 18.02 28.80
N ARG C 89 16.20 17.27 28.99
CA ARG C 89 14.87 17.84 28.96
C ARG C 89 14.72 18.96 29.99
N LYS C 90 13.91 19.96 29.64
CA LYS C 90 13.62 21.06 30.55
C LYS C 90 12.97 20.58 31.83
N TYR C 91 12.13 19.54 31.74
CA TYR C 91 11.40 19.07 32.91
C TYR C 91 11.87 17.69 33.37
N CYS C 92 13.18 17.49 33.56
CA CYS C 92 13.65 16.28 34.23
C CYS C 92 13.35 16.30 35.71
N ILE C 93 13.20 17.48 36.29
CA ILE C 93 12.56 17.63 37.58
C ILE C 93 11.18 18.20 37.31
N SER C 94 10.19 17.81 38.13
CA SER C 94 8.81 18.17 37.85
C SER C 94 8.62 19.67 37.79
N THR C 95 9.49 20.42 38.45
CA THR C 95 9.36 21.85 38.58
C THR C 95 10.00 22.59 37.40
N GLY C 96 11.15 22.12 36.89
CA GLY C 96 11.83 22.74 35.75
C GLY C 96 13.24 23.26 35.99
N THR C 97 14.16 23.00 35.05
CA THR C 97 15.53 23.48 35.08
C THR C 97 15.66 24.76 34.24
N GLN C 98 16.90 25.25 34.09
CA GLN C 98 17.17 26.48 33.33
C GLN C 98 17.17 26.27 31.83
N GLY C 99 17.12 25.03 31.35
CA GLY C 99 16.98 24.79 29.93
C GLY C 99 15.65 25.27 29.40
N ASN C 100 15.62 25.57 28.11
CA ASN C 100 14.45 26.19 27.49
C ASN C 100 13.70 25.24 26.55
N TYR C 101 14.09 23.97 26.48
CA TYR C 101 13.54 23.06 25.50
C TYR C 101 13.06 21.78 26.18
N GLU C 102 11.86 21.34 25.80
CA GLU C 102 11.30 20.06 26.24
C GLU C 102 11.38 19.09 25.06
N PHE C 103 12.49 18.37 24.97
CA PHE C 103 12.65 17.39 23.90
C PHE C 103 11.68 16.23 24.09
N SER C 104 11.19 15.70 22.98
CA SER C 104 10.26 14.57 23.02
C SER C 104 10.95 13.27 23.42
N LYS C 105 12.28 13.21 23.37
CA LYS C 105 13.02 12.03 23.75
C LYS C 105 14.25 12.42 24.56
N ASP C 106 14.69 11.52 25.43
CA ASP C 106 15.91 11.72 26.19
C ASP C 106 17.09 11.33 25.32
N TYR C 107 17.90 12.32 24.94
CA TYR C 107 19.13 11.99 24.22
C TYR C 107 20.15 11.38 25.17
N ILE C 108 20.26 11.93 26.38
CA ILE C 108 21.05 11.32 27.46
C ILE C 108 20.20 11.28 28.72
N PRO C 109 20.44 10.33 29.64
CA PRO C 109 19.65 10.30 30.88
C PRO C 109 19.82 11.58 31.69
N CYS C 110 18.74 11.97 32.39
CA CYS C 110 18.76 13.24 33.11
C CYS C 110 19.82 13.27 34.20
N GLU C 111 19.97 12.17 34.93
CA GLU C 111 21.02 12.02 35.92
C GLU C 111 22.17 11.25 35.30
N GLU C 112 23.37 11.81 35.37
CA GLU C 112 24.53 11.17 34.78
C GLU C 112 24.69 9.77 35.37
N PRO C 113 24.99 8.75 34.53
CA PRO C 113 25.20 7.38 35.04
C PRO C 113 26.02 7.32 36.32
N ALA C 114 25.43 6.73 37.37
CA ALA C 114 26.02 6.77 38.70
C ALA C 114 27.47 6.31 38.73
N ILE C 115 27.86 5.42 37.81
CA ILE C 115 29.24 4.95 37.79
C ILE C 115 30.21 6.05 37.34
N LEU C 116 29.77 7.01 36.51
CA LEU C 116 30.69 8.03 36.01
C LEU C 116 30.99 9.13 37.01
N SER C 117 30.34 9.14 38.18
CA SER C 117 30.59 10.19 39.15
C SER C 117 31.96 10.05 39.81
N ASN C 118 32.51 8.83 39.83
CA ASN C 118 33.77 8.59 40.51
C ASN C 118 34.65 7.57 39.79
N SER C 119 34.39 7.32 38.50
CA SER C 119 35.19 6.38 37.74
C SER C 119 36.53 7.01 37.33
N ASP C 120 37.46 6.15 36.91
CA ASP C 120 38.80 6.60 36.55
C ASP C 120 38.88 7.28 35.18
N LEU C 121 37.86 7.14 34.34
CA LEU C 121 37.83 7.81 33.04
C LEU C 121 36.55 8.63 32.96
N LYS C 122 36.69 9.95 32.72
CA LYS C 122 35.56 10.86 32.70
C LYS C 122 35.64 11.78 31.49
N ILE C 123 34.48 12.10 30.93
CA ILE C 123 34.37 13.11 29.88
C ILE C 123 34.55 14.49 30.51
N ASP C 124 35.66 15.16 30.18
CA ASP C 124 35.98 16.45 30.78
C ASP C 124 35.60 17.64 29.90
N ARG C 125 35.55 17.47 28.58
CA ARG C 125 35.33 18.60 27.68
C ARG C 125 34.90 18.08 26.31
N ILE C 126 33.98 18.79 25.66
CA ILE C 126 33.45 18.43 24.35
C ILE C 126 33.74 19.56 23.37
N ASP C 127 34.37 19.20 22.25
CA ASP C 127 34.68 20.16 21.19
C ASP C 127 33.71 19.94 20.05
N PHE C 128 32.99 21.00 19.65
CA PHE C 128 32.09 20.96 18.49
C PHE C 128 32.81 21.64 17.34
N VAL C 129 33.36 20.83 16.42
CA VAL C 129 34.15 21.34 15.31
C VAL C 129 33.21 21.93 14.25
N ALA C 130 33.35 23.23 14.01
CA ALA C 130 32.53 23.95 13.06
C ALA C 130 33.04 23.77 11.64
N THR C 131 32.10 23.72 10.68
CA THR C 131 32.46 23.58 9.27
C THR C 131 32.89 24.91 8.64
N ASP C 132 32.49 26.04 9.23
CA ASP C 132 32.89 27.35 8.75
C ASP C 132 32.97 28.31 9.94
N ASN C 133 33.02 29.60 9.65
CA ASN C 133 33.18 30.64 10.67
C ASN C 133 31.90 31.44 10.91
N THR C 134 30.74 30.81 10.68
CA THR C 134 29.45 31.44 10.96
C THR C 134 28.89 30.93 12.29
N VAL C 135 28.10 31.79 12.93
CA VAL C 135 27.45 31.44 14.20
C VAL C 135 26.33 30.45 13.94
N GLY C 136 26.30 29.36 14.72
CA GLY C 136 25.32 28.32 14.50
C GLY C 136 25.62 27.47 13.27
N SER C 137 26.89 27.36 12.91
CA SER C 137 27.28 26.58 11.74
C SER C 137 27.08 25.09 12.00
N ALA C 138 27.11 24.33 10.91
CA ALA C 138 27.00 22.88 11.01
C ALA C 138 28.26 22.31 11.67
N ILE C 139 28.08 21.20 12.37
CA ILE C 139 29.17 20.53 13.08
C ILE C 139 29.63 19.35 12.24
N GLU C 140 30.94 19.29 12.00
CA GLU C 140 31.51 18.22 11.19
C GLU C 140 32.30 17.19 11.99
N ARG C 141 32.59 17.47 13.27
CA ARG C 141 33.28 16.49 14.10
C ARG C 141 33.04 16.84 15.57
N VAL C 142 32.82 15.81 16.39
CA VAL C 142 32.60 15.95 17.83
C VAL C 142 33.77 15.28 18.56
N ASP C 143 34.50 16.06 19.33
CA ASP C 143 35.64 15.57 20.09
C ASP C 143 35.26 15.42 21.55
N PHE C 144 35.54 14.24 22.11
CA PHE C 144 35.31 13.95 23.53
C PHE C 144 36.66 13.78 24.20
N ILE C 145 37.02 14.75 25.04
CA ILE C 145 38.26 14.70 25.82
C ILE C 145 37.97 13.92 27.10
N LEU C 146 38.60 12.77 27.25
CA LEU C 146 38.40 11.90 28.41
C LEU C 146 39.65 11.96 29.28
N THR C 147 39.49 12.47 30.51
CA THR C 147 40.61 12.62 31.44
C THR C 147 40.81 11.33 32.24
N PHE C 148 42.07 10.99 32.50
CA PHE C 148 42.44 9.83 33.29
C PHE C 148 42.72 10.29 34.73
N ASP C 149 41.88 9.84 35.66
CA ASP C 149 41.97 10.28 37.05
C ASP C 149 42.92 9.39 37.85
N PHE C 159 45.78 2.74 29.48
CA PHE C 159 45.37 3.57 28.37
C PHE C 159 45.02 2.76 27.14
N SER C 160 45.53 1.53 27.11
CA SER C 160 45.15 0.56 26.09
C SER C 160 44.15 -0.44 26.62
N ASN C 161 44.05 -0.53 27.94
CA ASN C 161 42.96 -1.28 28.56
C ASN C 161 41.63 -0.60 28.32
N TYR C 162 41.57 0.73 28.50
CA TYR C 162 40.34 1.49 28.30
C TYR C 162 39.97 1.66 26.83
N VAL C 163 40.95 1.72 25.91
CA VAL C 163 40.62 1.87 24.50
C VAL C 163 39.94 0.62 23.96
N SER C 164 40.40 -0.57 24.39
CA SER C 164 39.72 -1.80 24.00
C SER C 164 38.27 -1.79 24.48
N SER C 165 38.05 -1.38 25.74
CA SER C 165 36.70 -1.33 26.29
C SER C 165 35.85 -0.28 25.58
N LEU C 166 36.40 0.92 25.34
CA LEU C 166 35.64 1.96 24.66
C LEU C 166 35.30 1.53 23.23
N GLU C 167 36.23 0.85 22.56
CA GLU C 167 35.98 0.35 21.22
C GLU C 167 34.92 -0.75 21.23
N LYS C 168 34.93 -1.61 22.25
CA LYS C 168 33.88 -2.63 22.38
C LYS C 168 32.52 -1.98 22.63
N ALA C 169 32.46 -1.02 23.56
CA ALA C 169 31.18 -0.38 23.87
C ALA C 169 30.64 0.39 22.67
N ALA C 170 31.52 1.02 21.88
CA ALA C 170 31.08 1.74 20.69
C ALA C 170 30.67 0.78 19.58
N GLU C 171 31.32 -0.39 19.49
CA GLU C 171 30.91 -1.42 18.55
C GLU C 171 29.46 -1.84 18.79
N GLN C 172 29.07 -1.91 20.06
CA GLN C 172 27.73 -2.31 20.44
C GLN C 172 26.70 -1.21 20.21
N HIS C 173 27.13 0.02 19.88
CA HIS C 173 26.23 1.17 19.77
C HIS C 173 26.15 1.79 18.38
N SER C 174 26.74 1.16 17.35
CA SER C 174 26.62 1.63 15.97
C SER C 174 27.22 3.02 15.76
N ILE C 175 28.32 3.29 16.48
CA ILE C 175 29.11 4.51 16.28
C ILE C 175 30.56 4.08 16.15
N SER C 176 31.38 4.96 15.57
CA SER C 176 32.78 4.65 15.37
C SER C 176 33.64 5.88 15.63
N PHE C 177 34.82 5.65 16.20
CA PHE C 177 35.74 6.74 16.46
C PHE C 177 36.50 7.09 15.19
N LYS C 178 36.45 8.35 14.80
CA LYS C 178 37.27 8.81 13.69
C LYS C 178 38.75 8.61 14.01
N ASP C 179 39.15 8.94 15.25
CA ASP C 179 40.49 8.65 15.76
C ASP C 179 40.51 8.87 17.27
N ILE C 180 41.50 8.27 17.91
CA ILE C 180 41.74 8.44 19.33
C ILE C 180 43.13 9.04 19.48
N TYR C 181 43.20 10.19 20.15
CA TYR C 181 44.45 10.91 20.37
C TYR C 181 44.80 10.94 21.85
N VAL C 182 46.08 11.05 22.14
CA VAL C 182 46.57 11.22 23.50
C VAL C 182 46.75 12.71 23.75
N VAL C 183 46.15 13.21 24.82
CA VAL C 183 46.21 14.62 25.16
C VAL C 183 46.76 14.75 26.57
N GLU C 184 47.40 15.89 26.84
CA GLU C 184 48.06 16.13 28.12
C GLU C 184 47.82 17.56 28.57
N ARG C 185 47.99 17.78 29.87
CA ARG C 185 47.94 19.11 30.46
C ARG C 185 48.88 19.16 31.66
N ASN C 186 49.45 20.34 31.91
CA ASN C 186 50.38 20.52 33.02
C ASN C 186 49.68 20.61 34.37
N SER C 187 48.42 21.00 34.39
CA SER C 187 47.64 21.11 35.62
C SER C 187 46.28 20.46 35.39
N SER C 188 45.24 20.94 36.06
CA SER C 188 43.92 20.34 35.96
C SER C 188 42.86 21.31 35.44
N GLY C 189 43.21 22.10 34.42
CA GLY C 189 42.25 22.98 33.78
C GLY C 189 41.65 22.37 32.53
N ALA C 190 40.39 22.75 32.24
CA ALA C 190 39.70 22.19 31.08
C ALA C 190 40.22 22.74 29.76
N ALA C 191 40.88 23.90 29.79
CA ALA C 191 41.42 24.49 28.57
C ALA C 191 42.90 24.20 28.39
N GLY C 192 43.54 23.54 29.36
CA GLY C 192 44.94 23.23 29.26
C GLY C 192 45.25 22.00 28.46
N TRP C 193 44.22 21.35 27.92
CA TRP C 193 44.42 20.16 27.11
C TRP C 193 45.11 20.54 25.80
N ARG C 194 46.21 19.87 25.49
CA ARG C 194 46.90 20.03 24.22
C ARG C 194 47.23 18.63 23.70
N LEU C 195 47.59 18.56 22.41
CA LEU C 195 47.92 17.27 21.83
C LEU C 195 49.32 16.85 22.26
N THR C 196 49.42 15.60 22.72
CA THR C 196 50.71 15.03 23.09
C THR C 196 51.53 14.82 21.82
N THR C 197 52.77 15.29 21.83
CA THR C 197 53.61 15.33 20.64
C THR C 197 54.87 14.49 20.82
N ILE C 198 55.28 13.81 19.76
CA ILE C 198 56.56 13.13 19.69
C ILE C 198 57.33 13.76 18.53
N SER C 199 58.31 14.61 18.85
CA SER C 199 59.14 15.29 17.85
C SER C 199 58.29 16.18 16.93
N GLY C 200 57.32 16.87 17.51
CA GLY C 200 56.46 17.77 16.77
C GLY C 200 55.30 17.14 16.03
N LYS C 201 55.14 15.81 16.09
CA LYS C 201 54.04 15.13 15.41
C LYS C 201 53.00 14.66 16.42
N PRO C 202 51.74 15.03 16.27
CA PRO C 202 50.70 14.60 17.23
C PRO C 202 50.63 13.08 17.37
N LEU C 203 50.55 12.63 18.63
CA LEU C 203 50.57 11.20 18.99
C LEU C 203 49.15 10.62 18.97
N THR C 204 48.86 9.79 17.98
CA THR C 204 47.56 9.13 17.90
C THR C 204 47.47 8.05 18.99
N PHE C 205 46.46 7.19 18.91
CA PHE C 205 46.53 5.96 19.71
C PHE C 205 47.16 4.81 18.96
N SER C 206 47.22 4.87 17.63
CA SER C 206 47.91 3.85 16.86
C SER C 206 49.42 4.11 16.87
N GLY C 207 49.93 4.76 17.93
CA GLY C 207 51.37 4.91 18.04
C GLY C 207 51.87 5.08 19.47
N LEU C 208 51.02 4.75 20.45
CA LEU C 208 51.42 4.83 21.85
C LEU C 208 52.20 3.60 22.31
N SER C 209 52.22 2.52 21.51
CA SER C 209 52.97 1.33 21.90
C SER C 209 54.48 1.59 21.85
N LYS C 210 54.95 2.22 20.78
CA LYS C 210 56.38 2.45 20.59
C LYS C 210 56.87 3.71 21.26
N ASN C 211 55.97 4.64 21.60
CA ASN C 211 56.32 5.93 22.16
C ASN C 211 55.89 6.05 23.61
N ILE C 212 55.60 4.92 24.27
CA ILE C 212 55.18 4.93 25.66
C ILE C 212 56.32 5.35 26.59
N GLY C 213 57.57 5.15 26.15
CA GLY C 213 58.71 5.42 27.00
C GLY C 213 59.13 6.87 27.10
N SER C 214 58.88 7.66 26.04
CA SER C 214 59.30 9.05 25.99
C SER C 214 58.28 10.01 26.60
N LEU C 215 57.43 9.53 27.49
CA LEU C 215 56.38 10.34 28.11
C LEU C 215 56.64 10.43 29.61
N ASP C 216 56.78 11.65 30.11
CA ASP C 216 57.03 11.88 31.52
C ASP C 216 55.72 11.78 32.29
N LYS C 217 55.81 11.27 33.52
CA LYS C 217 54.65 11.13 34.39
C LYS C 217 54.25 12.44 35.06
N THR C 218 54.94 13.54 34.74
CA THR C 218 54.64 14.85 35.31
C THR C 218 53.43 15.51 34.68
N LYS C 219 52.97 15.01 33.53
CA LYS C 219 51.79 15.53 32.85
C LYS C 219 50.56 14.72 33.26
N ASN C 220 49.39 15.31 33.03
CA ASN C 220 48.11 14.66 33.27
C ASN C 220 47.53 14.24 31.92
N TYR C 221 47.28 12.95 31.75
CA TYR C 221 46.96 12.39 30.45
C TYR C 221 45.48 12.05 30.29
N GLY C 222 45.11 11.83 29.02
CA GLY C 222 43.76 11.48 28.65
C GLY C 222 43.70 11.04 27.20
N LEU C 223 42.49 10.71 26.76
CA LEU C 223 42.20 10.26 25.40
C LEU C 223 41.21 11.21 24.73
N ARG C 224 41.36 11.41 23.43
CA ARG C 224 40.40 12.18 22.63
C ARG C 224 39.72 11.29 21.60
N LEU C 225 38.47 10.93 21.86
CA LEU C 225 37.66 10.17 20.92
C LEU C 225 36.88 11.16 20.06
N SER C 226 37.09 11.09 18.74
CA SER C 226 36.47 12.02 17.79
C SER C 226 35.40 11.28 16.99
N ILE C 227 34.18 11.80 17.02
CA ILE C 227 33.05 11.20 16.31
C ILE C 227 32.60 12.22 15.26
N ASP C 228 31.51 11.94 14.55
CA ASP C 228 30.97 12.87 13.57
C ASP C 228 29.47 12.76 13.40
N PRO C 229 28.75 13.87 13.42
CA PRO C 229 27.28 13.83 13.41
C PRO C 229 26.50 13.46 12.15
N ASN C 230 26.77 14.17 11.06
CA ASN C 230 26.02 14.02 9.81
C ASN C 230 26.30 12.67 9.15
N LEU C 231 25.37 11.74 9.33
CA LEU C 231 25.45 10.42 8.72
C LEU C 231 24.07 10.33 8.12
N GLY C 232 23.75 11.33 7.31
CA GLY C 232 22.42 11.46 6.76
C GLY C 232 22.46 11.62 5.26
N LYS C 233 23.40 10.94 4.64
CA LYS C 233 23.59 10.99 3.20
C LYS C 233 23.01 9.75 2.55
N PHE C 234 23.19 8.60 3.19
CA PHE C 234 22.69 7.35 2.65
C PHE C 234 21.62 6.80 3.56
N LEU C 235 20.50 6.39 2.98
CA LEU C 235 19.43 5.86 3.81
C LEU C 235 19.99 4.88 4.81
N ARG C 236 19.41 4.85 6.00
CA ARG C 236 20.00 4.14 7.11
C ARG C 236 19.15 2.94 7.51
N ALA C 237 19.83 1.91 8.01
CA ALA C 237 19.15 0.72 8.48
C ALA C 237 18.23 1.02 9.66
N ASP C 238 18.64 1.93 10.55
CA ASP C 238 17.80 2.30 11.68
C ASP C 238 16.70 3.29 11.30
N GLY C 239 16.61 3.68 10.02
CA GLY C 239 15.52 4.49 9.53
C GLY C 239 15.49 5.92 10.02
N ARG C 240 16.61 6.47 10.48
CA ARG C 240 16.62 7.84 10.97
C ARG C 240 16.86 8.85 9.86
N VAL C 241 17.03 8.40 8.61
CA VAL C 241 17.19 9.27 7.44
C VAL C 241 15.97 9.13 6.54
N GLY C 242 15.39 10.27 6.17
CA GLY C 242 14.27 10.29 5.25
C GLY C 242 14.69 10.25 3.79
N ALA C 243 13.88 9.59 2.99
CA ALA C 243 14.08 9.48 1.55
C ALA C 243 13.23 10.50 0.81
N ASP C 244 13.84 11.21 -0.15
CA ASP C 244 13.07 12.06 -1.05
C ASP C 244 12.12 11.22 -1.91
N LYS C 245 12.58 10.04 -2.33
CA LYS C 245 11.77 9.08 -3.06
C LYS C 245 12.47 7.74 -2.99
N LEU C 246 11.76 6.70 -3.44
CA LEU C 246 12.35 5.36 -3.55
C LEU C 246 11.75 4.65 -4.75
N CYS C 247 12.63 4.12 -5.60
CA CYS C 247 12.22 3.39 -6.79
C CYS C 247 12.83 2.00 -6.76
N TRP C 248 12.15 1.04 -7.40
CA TRP C 248 12.58 -0.35 -7.41
C TRP C 248 13.18 -0.74 -8.75
N ASN C 249 13.99 -1.81 -8.72
CA ASN C 249 14.68 -2.31 -9.90
C ASN C 249 13.93 -3.46 -10.56
N ILE C 250 14.14 -3.59 -11.87
CA ILE C 250 13.75 -4.76 -12.63
C ILE C 250 14.91 -5.09 -13.55
N ASP C 251 15.45 -6.29 -13.43
CA ASP C 251 16.52 -6.75 -14.31
C ASP C 251 17.69 -5.76 -14.29
N ASN C 252 18.05 -5.31 -13.09
CA ASN C 252 19.20 -4.43 -12.82
C ASN C 252 19.06 -3.04 -13.44
N LYS C 253 17.83 -2.57 -13.70
CA LYS C 253 17.61 -1.20 -14.14
C LYS C 253 16.55 -0.52 -13.28
N MET C 254 16.70 0.79 -13.12
CA MET C 254 15.78 1.60 -12.31
C MET C 254 14.51 1.91 -13.10
N SER C 255 13.76 0.86 -13.42
CA SER C 255 12.60 0.99 -14.27
C SER C 255 11.31 0.64 -13.55
N GLY C 256 11.37 0.36 -12.25
CA GLY C 256 10.21 -0.02 -11.48
C GLY C 256 9.48 1.12 -10.80
N PRO C 257 8.42 0.79 -10.06
CA PRO C 257 7.59 1.82 -9.43
C PRO C 257 8.37 2.66 -8.42
N CYS C 258 7.81 3.84 -8.13
CA CYS C 258 8.44 4.79 -7.21
C CYS C 258 7.46 5.24 -6.14
N LEU C 259 7.98 5.45 -4.93
CA LEU C 259 7.21 5.96 -3.80
C LEU C 259 7.78 7.30 -3.32
N ALA C 260 6.90 8.27 -3.15
CA ALA C 260 7.29 9.59 -2.64
C ALA C 260 6.13 10.19 -1.86
N ALA C 261 6.47 11.01 -0.87
CA ALA C 261 5.46 11.69 -0.06
C ALA C 261 4.95 12.93 -0.78
N ASP C 262 3.67 13.23 -0.60
CA ASP C 262 3.11 14.48 -1.06
C ASP C 262 3.31 15.59 -0.02
N ASP C 263 2.79 16.78 -0.32
CA ASP C 263 3.01 17.94 0.55
C ASP C 263 2.27 17.84 1.86
N SER C 264 1.23 17.02 1.94
CA SER C 264 0.34 17.02 3.10
C SER C 264 1.02 16.45 4.33
N GLY C 265 1.96 15.51 4.15
CA GLY C 265 2.54 14.79 5.25
C GLY C 265 1.82 13.53 5.63
N ASN C 266 0.67 13.27 5.01
CA ASN C 266 -0.17 12.12 5.31
C ASN C 266 -0.07 11.01 4.28
N ASN C 267 0.26 11.33 3.03
CA ASN C 267 0.13 10.42 1.92
C ASN C 267 1.49 9.99 1.35
N LEU C 268 1.61 8.69 1.06
CA LEU C 268 2.64 8.17 0.18
C LEU C 268 2.02 7.88 -1.17
N VAL C 269 2.73 8.22 -2.24
CA VAL C 269 2.20 8.17 -3.60
C VAL C 269 3.02 7.20 -4.44
N LEU C 270 2.33 6.27 -5.10
CA LEU C 270 2.94 5.31 -6.00
C LEU C 270 2.81 5.81 -7.43
N THR C 271 3.92 5.84 -8.15
CA THR C 271 3.92 6.28 -9.55
C THR C 271 4.64 5.25 -10.40
N LYS C 272 4.38 5.30 -11.70
CA LYS C 272 4.96 4.33 -12.63
C LYS C 272 6.47 4.52 -12.76
N GLY C 273 7.13 3.44 -13.15
CA GLY C 273 8.55 3.48 -13.46
C GLY C 273 8.82 3.77 -14.92
N LYS C 274 10.08 4.07 -15.23
CA LYS C 274 10.44 4.39 -16.61
C LYS C 274 10.29 3.19 -17.54
N GLY C 275 10.31 1.97 -17.01
CA GLY C 275 10.18 0.81 -17.85
C GLY C 275 8.76 0.40 -18.14
N ALA C 276 7.79 1.08 -17.53
CA ALA C 276 6.39 0.73 -17.74
C ALA C 276 5.97 1.14 -19.14
N LYS C 277 5.53 0.16 -19.95
CA LYS C 277 4.98 0.46 -21.25
C LYS C 277 3.54 0.96 -21.15
N SER C 278 2.87 0.68 -20.03
CA SER C 278 1.56 1.20 -19.73
C SER C 278 1.64 1.97 -18.42
N ASN C 279 0.75 2.95 -18.25
CA ASN C 279 0.74 3.78 -17.05
C ASN C 279 -0.37 3.26 -16.14
N GLU C 280 -0.05 2.19 -15.43
CA GLU C 280 -1.01 1.52 -14.54
C GLU C 280 -0.31 1.06 -13.27
N PRO C 281 0.02 1.99 -12.39
CA PRO C 281 0.74 1.61 -11.15
C PRO C 281 -0.16 0.81 -10.22
N GLY C 282 0.45 -0.12 -9.50
CA GLY C 282 -0.30 -1.01 -8.63
C GLY C 282 0.49 -1.52 -7.45
N LEU C 283 -0.23 -1.77 -6.35
CA LEU C 283 0.30 -2.47 -5.19
C LEU C 283 -0.25 -3.89 -5.18
N CYS C 284 0.62 -4.87 -4.92
CA CYS C 284 0.24 -6.27 -5.04
C CYS C 284 0.61 -7.09 -3.82
N TRP C 285 -0.21 -8.13 -3.57
CA TRP C 285 0.01 -9.14 -2.56
C TRP C 285 0.30 -10.47 -3.25
N ASP C 286 1.27 -11.24 -2.75
CA ASP C 286 1.57 -12.55 -3.33
C ASP C 286 1.87 -13.57 -2.24
N LEU C 287 1.17 -14.70 -2.28
CA LEU C 287 1.43 -15.81 -1.36
C LEU C 287 2.52 -16.76 -1.85
N ASN C 288 2.81 -16.78 -3.15
CA ASN C 288 3.75 -17.74 -3.76
C ASN C 288 3.37 -19.18 -3.45
N THR C 289 2.07 -19.47 -3.47
CA THR C 289 1.55 -20.81 -3.23
C THR C 289 0.92 -21.38 -4.49
N GLY C 290 1.39 -20.92 -5.65
CA GLY C 290 0.99 -21.48 -6.92
C GLY C 290 -0.14 -20.75 -7.61
N THR C 291 -0.70 -19.73 -6.97
CA THR C 291 -1.78 -18.93 -7.54
C THR C 291 -1.31 -17.50 -7.76
N SER C 292 -2.13 -16.77 -8.52
CA SER C 292 -1.82 -15.41 -8.92
C SER C 292 -1.71 -14.47 -7.72
N LYS C 293 -0.80 -13.50 -7.84
CA LYS C 293 -0.80 -12.34 -6.96
C LYS C 293 -2.01 -11.45 -7.26
N LEU C 294 -2.43 -10.70 -6.24
CA LEU C 294 -3.55 -9.76 -6.34
C LEU C 294 -3.02 -8.34 -6.31
N CYS C 295 -3.48 -7.52 -7.25
CA CYS C 295 -2.98 -6.17 -7.45
C CYS C 295 -4.09 -5.14 -7.38
N LEU C 296 -3.80 -4.02 -6.73
CA LEU C 296 -4.67 -2.85 -6.70
C LEU C 296 -4.09 -1.82 -7.65
N THR C 297 -4.70 -1.68 -8.83
CA THR C 297 -4.12 -0.94 -9.95
C THR C 297 -5.00 0.25 -10.32
N GLN C 298 -4.35 1.37 -10.63
CA GLN C 298 -5.04 2.58 -11.07
C GLN C 298 -5.11 2.58 -12.60
N ILE C 299 -6.31 2.80 -13.12
CA ILE C 299 -6.56 2.73 -14.55
C ILE C 299 -7.31 3.98 -14.99
N GLU C 300 -7.31 4.21 -16.31
CA GLU C 300 -7.98 5.37 -16.86
C GLU C 300 -9.50 5.20 -16.80
N GLY C 301 -10.20 6.31 -16.62
CA GLY C 301 -11.65 6.25 -16.58
C GLY C 301 -12.29 7.57 -16.97
N LYS C 302 -13.61 7.59 -16.88
CA LYS C 302 -14.41 8.78 -17.18
C LYS C 302 -15.47 8.96 -16.12
N ASP C 303 -15.77 10.23 -15.79
CA ASP C 303 -16.79 10.55 -14.80
C ASP C 303 -18.17 10.56 -15.46
N ASN C 304 -19.19 11.02 -14.71
CA ASN C 304 -20.55 11.01 -15.24
C ASN C 304 -20.78 12.07 -16.32
N ASN C 305 -19.86 13.02 -16.48
CA ASN C 305 -19.94 14.02 -17.54
C ASN C 305 -18.95 13.73 -18.67
N ASP C 306 -18.42 12.51 -18.72
CA ASP C 306 -17.49 12.06 -19.75
C ASP C 306 -16.18 12.85 -19.74
N LYS C 307 -15.79 13.41 -18.60
CA LYS C 307 -14.51 14.06 -18.45
C LYS C 307 -13.46 13.06 -17.97
N ASP C 308 -12.21 13.37 -18.26
CA ASP C 308 -11.11 12.47 -17.92
C ASP C 308 -11.04 12.27 -16.41
N ALA C 309 -10.85 11.02 -15.99
CA ALA C 309 -10.79 10.66 -14.58
C ALA C 309 -10.03 9.35 -14.46
N SER C 310 -10.03 8.78 -13.25
CA SER C 310 -9.34 7.52 -13.00
C SER C 310 -10.07 6.76 -11.90
N LEU C 311 -9.74 5.49 -11.78
CA LEU C 311 -10.30 4.65 -10.72
C LEU C 311 -9.29 3.58 -10.37
N ILE C 312 -9.63 2.77 -9.37
CA ILE C 312 -8.78 1.68 -8.89
C ILE C 312 -9.49 0.37 -9.21
N LYS C 313 -8.69 -0.63 -9.61
CA LYS C 313 -9.20 -1.95 -9.96
C LYS C 313 -8.41 -3.01 -9.21
N LEU C 314 -9.11 -3.90 -8.52
CA LEU C 314 -8.51 -5.03 -7.83
C LEU C 314 -8.58 -6.24 -8.75
N LYS C 315 -7.43 -6.67 -9.27
CA LYS C 315 -7.42 -7.68 -10.31
C LYS C 315 -6.31 -8.69 -10.05
N ASP C 316 -6.48 -9.87 -10.63
CA ASP C 316 -5.46 -10.90 -10.65
C ASP C 316 -4.52 -10.64 -11.82
N ASP C 317 -3.61 -11.58 -12.09
CA ASP C 317 -2.67 -11.38 -13.18
C ASP C 317 -3.30 -11.54 -14.56
N ASN C 318 -4.51 -12.09 -14.65
CA ASN C 318 -5.20 -12.23 -15.92
C ASN C 318 -6.10 -11.03 -16.25
N GLY C 319 -6.11 -10.00 -15.41
CA GLY C 319 -6.95 -8.84 -15.68
C GLY C 319 -8.39 -8.99 -15.26
N ASN C 320 -8.74 -10.07 -14.57
CA ASN C 320 -10.07 -10.39 -14.03
C ASN C 320 -10.25 -9.74 -12.67
N PRO C 321 -11.45 -9.23 -12.37
CA PRO C 321 -11.69 -8.64 -11.06
C PRO C 321 -11.41 -9.63 -9.95
N ALA C 322 -10.89 -9.13 -8.83
CA ALA C 322 -10.61 -9.93 -7.65
C ALA C 322 -11.58 -9.55 -6.54
N THR C 323 -11.46 -10.25 -5.41
CA THR C 323 -12.42 -10.16 -4.31
C THR C 323 -11.78 -9.50 -3.10
N MET C 324 -12.49 -8.56 -2.50
CA MET C 324 -12.12 -7.96 -1.23
C MET C 324 -13.23 -8.18 -0.22
N LEU C 325 -12.91 -8.80 0.90
CA LEU C 325 -13.85 -8.94 2.02
C LEU C 325 -13.70 -7.73 2.95
N ALA C 326 -14.76 -6.94 3.05
CA ALA C 326 -14.78 -5.75 3.89
C ALA C 326 -16.22 -5.24 3.95
N ASN C 327 -16.46 -4.35 4.90
CA ASN C 327 -17.70 -3.59 4.91
C ASN C 327 -17.54 -2.36 4.04
N ILE C 328 -18.54 -2.09 3.22
CA ILE C 328 -18.50 -0.98 2.27
C ILE C 328 -19.57 0.04 2.65
N LEU C 329 -19.15 1.30 2.70
CA LEU C 329 -20.04 2.44 2.80
C LEU C 329 -20.04 3.19 1.48
N VAL C 330 -21.22 3.60 1.02
CA VAL C 330 -21.35 4.39 -0.19
C VAL C 330 -21.91 5.75 0.19
N GLU C 331 -21.33 6.80 -0.37
CA GLU C 331 -21.76 8.16 -0.13
C GLU C 331 -22.30 8.75 -1.42
N GLU C 332 -23.51 9.31 -1.35
CA GLU C 332 -24.05 10.04 -2.48
C GLU C 332 -25.03 11.08 -1.96
N LYS C 333 -25.29 12.08 -2.79
CA LYS C 333 -26.24 13.13 -2.43
C LYS C 333 -27.62 12.51 -2.29
N SER C 334 -28.36 12.96 -1.28
CA SER C 334 -29.73 12.50 -1.11
C SER C 334 -30.53 12.81 -2.37
N MET C 335 -31.22 11.81 -2.90
CA MET C 335 -31.98 11.99 -4.13
C MET C 335 -33.21 12.87 -3.94
N THR C 336 -33.44 13.38 -2.74
CA THR C 336 -34.55 14.29 -2.47
C THR C 336 -34.07 15.71 -2.21
N ASP C 337 -33.24 15.92 -1.19
CA ASP C 337 -32.79 17.25 -0.81
C ASP C 337 -31.52 17.69 -1.52
N SER C 338 -30.77 16.76 -2.09
CA SER C 338 -29.56 17.07 -2.84
C SER C 338 -28.47 17.71 -1.97
N THR C 339 -28.76 18.84 -1.34
CA THR C 339 -27.76 19.56 -0.54
C THR C 339 -27.22 18.73 0.64
N LYS C 340 -27.67 17.49 0.80
CA LYS C 340 -27.25 16.64 1.91
C LYS C 340 -26.70 15.30 1.41
N LYS C 341 -25.65 14.82 2.08
CA LYS C 341 -25.02 13.55 1.75
C LYS C 341 -25.59 12.45 2.64
N GLU C 342 -25.66 11.23 2.09
CA GLU C 342 -26.20 10.08 2.81
C GLU C 342 -25.28 8.88 2.61
N LEU C 343 -25.18 8.04 3.65
CA LEU C 343 -24.37 6.84 3.62
C LEU C 343 -25.25 5.60 3.66
N ARG C 344 -24.77 4.53 3.02
CA ARG C 344 -25.47 3.25 3.00
C ARG C 344 -24.47 2.11 2.92
N THR C 345 -24.95 0.93 3.30
CA THR C 345 -24.17 -0.31 3.24
C THR C 345 -24.73 -1.21 2.14
N ILE C 346 -24.01 -2.30 1.89
CA ILE C 346 -24.46 -3.30 0.93
C ILE C 346 -25.58 -4.13 1.56
N PRO C 347 -26.72 -4.29 0.90
CA PRO C 347 -27.85 -4.96 1.52
C PRO C 347 -27.73 -6.48 1.46
N ASN C 348 -28.62 -7.13 2.20
CA ASN C 348 -28.82 -8.57 2.14
C ASN C 348 -30.27 -8.85 1.76
N THR C 349 -30.49 -9.98 1.10
CA THR C 349 -31.82 -10.37 0.66
C THR C 349 -32.20 -11.70 1.28
N ILE C 350 -33.41 -11.77 1.82
CA ILE C 350 -33.93 -13.01 2.40
C ILE C 350 -35.32 -13.24 1.83
N TYR C 351 -35.51 -14.41 1.22
CA TYR C 351 -36.84 -14.86 0.84
C TYR C 351 -37.47 -15.55 2.04
N ALA C 352 -38.69 -15.16 2.37
CA ALA C 352 -39.39 -15.77 3.48
C ALA C 352 -40.89 -15.64 3.26
N ALA C 353 -41.61 -16.65 3.73
CA ALA C 353 -43.06 -16.62 3.76
C ALA C 353 -43.51 -16.64 5.21
N PHE C 354 -44.71 -16.12 5.44
CA PHE C 354 -45.28 -16.21 6.77
C PHE C 354 -45.68 -17.66 7.04
N SER C 355 -46.00 -17.97 8.30
CA SER C 355 -46.04 -19.38 8.70
C SER C 355 -47.34 -19.78 9.39
N ASN C 356 -48.43 -19.06 9.17
CA ASN C 356 -49.74 -19.52 9.58
C ASN C 356 -50.31 -20.41 8.49
N SER C 357 -50.83 -21.56 8.88
CA SER C 357 -51.29 -22.57 7.95
C SER C 357 -52.76 -22.94 8.10
N ASN C 358 -53.28 -22.97 9.33
CA ASN C 358 -54.63 -23.41 9.59
C ASN C 358 -55.64 -22.27 9.72
N ALA C 359 -56.91 -22.63 9.57
CA ALA C 359 -57.98 -21.65 9.64
C ALA C 359 -58.03 -20.97 11.01
N SER C 360 -57.72 -21.71 12.08
CA SER C 360 -57.78 -21.14 13.43
C SER C 360 -56.83 -19.95 13.57
N ASP C 361 -55.61 -20.10 13.07
CA ASP C 361 -54.63 -19.02 13.15
C ASP C 361 -54.84 -18.01 12.04
N LEU C 362 -55.32 -18.45 10.89
CA LEU C 362 -55.40 -17.58 9.72
C LEU C 362 -56.48 -16.51 9.90
N VAL C 363 -57.71 -16.93 10.20
CA VAL C 363 -58.87 -16.04 10.12
C VAL C 363 -58.90 -15.13 11.34
N ILE C 364 -59.01 -13.82 11.08
CA ILE C 364 -59.24 -12.82 12.12
C ILE C 364 -60.75 -12.70 12.29
N THR C 365 -61.24 -13.07 13.47
CA THR C 365 -62.69 -13.22 13.67
C THR C 365 -63.42 -11.90 13.52
N ASN C 366 -63.01 -10.87 14.26
CA ASN C 366 -63.65 -9.56 14.23
C ASN C 366 -62.60 -8.52 13.83
N PRO C 367 -62.39 -8.31 12.52
CA PRO C 367 -61.32 -7.42 12.08
C PRO C 367 -61.49 -5.97 12.51
N GLY C 368 -62.71 -5.44 12.47
CA GLY C 368 -62.92 -4.06 12.88
C GLY C 368 -62.50 -3.79 14.31
N ASN C 369 -62.58 -4.80 15.17
CA ASN C 369 -62.20 -4.67 16.56
C ASN C 369 -60.80 -5.22 16.84
N TYR C 370 -60.24 -6.00 15.93
CA TYR C 370 -58.98 -6.68 16.17
C TYR C 370 -57.82 -5.71 16.23
N ILE C 371 -57.05 -5.76 17.32
CA ILE C 371 -55.78 -5.07 17.45
C ILE C 371 -54.72 -6.06 17.95
N GLY C 372 -53.74 -6.36 17.10
CA GLY C 372 -52.75 -7.37 17.37
C GLY C 372 -51.56 -6.86 18.18
N ASN C 373 -50.68 -7.81 18.52
CA ASN C 373 -49.43 -7.58 19.22
C ASN C 373 -48.43 -8.20 18.26
N VAL C 374 -47.81 -7.36 17.43
CA VAL C 374 -46.93 -7.84 16.37
C VAL C 374 -45.71 -8.55 16.93
N THR C 375 -45.46 -8.37 18.22
CA THR C 375 -44.33 -9.03 18.88
C THR C 375 -44.70 -10.42 19.39
N SER C 376 -45.98 -10.79 19.28
CA SER C 376 -46.44 -12.09 19.74
C SER C 376 -47.43 -12.75 18.78
N GLU C 377 -47.71 -12.16 17.63
CA GLU C 377 -48.67 -12.76 16.71
C GLU C 377 -48.11 -14.04 16.09
N LYS C 378 -48.97 -15.04 15.95
CA LYS C 378 -48.61 -16.30 15.32
C LYS C 378 -48.30 -16.09 13.84
N GLY C 379 -47.30 -16.81 13.33
CA GLY C 379 -47.00 -16.79 11.91
C GLY C 379 -46.15 -15.62 11.46
N ARG C 380 -45.73 -14.75 12.37
CA ARG C 380 -44.96 -13.59 12.00
C ARG C 380 -43.57 -14.01 11.54
N ILE C 381 -42.91 -13.10 10.84
CA ILE C 381 -41.50 -13.26 10.49
C ILE C 381 -40.67 -12.46 11.48
N GLU C 382 -39.71 -13.13 12.13
CA GLU C 382 -38.92 -12.52 13.17
C GLU C 382 -37.44 -12.71 12.86
N LEU C 383 -36.69 -11.62 12.93
CA LEU C 383 -35.26 -11.62 12.62
C LEU C 383 -34.56 -10.77 13.67
N ASN C 384 -33.26 -11.03 13.84
CA ASN C 384 -32.43 -10.22 14.71
C ASN C 384 -31.97 -8.93 14.01
N VAL C 385 -32.04 -7.83 14.74
CA VAL C 385 -31.60 -6.54 14.21
C VAL C 385 -30.09 -6.55 13.99
N GLN C 386 -29.67 -6.16 12.79
CA GLN C 386 -28.27 -6.19 12.40
C GLN C 386 -27.46 -5.10 13.12
N ASP C 387 -26.15 -5.34 13.21
CA ASP C 387 -25.21 -4.34 13.70
C ASP C 387 -24.64 -3.56 12.52
N CYS C 388 -24.64 -2.25 12.62
CA CYS C 388 -24.10 -1.43 11.55
C CYS C 388 -22.58 -1.28 11.70
N PRO C 389 -21.85 -1.13 10.61
CA PRO C 389 -20.38 -1.02 10.69
C PRO C 389 -19.93 0.37 11.13
N VAL C 390 -18.60 0.53 11.23
CA VAL C 390 -18.03 1.81 11.58
C VAL C 390 -18.37 2.85 10.53
N SER C 391 -18.73 4.05 10.96
CA SER C 391 -19.04 5.14 10.05
C SER C 391 -18.25 6.38 10.44
N PRO C 392 -17.96 7.26 9.48
CA PRO C 392 -17.18 8.46 9.81
C PRO C 392 -17.94 9.33 10.80
N ASP C 393 -17.18 10.06 11.61
CA ASP C 393 -17.74 10.84 12.71
C ASP C 393 -18.91 11.69 12.23
N GLY C 394 -19.98 11.69 13.03
CA GLY C 394 -21.16 12.48 12.73
C GLY C 394 -22.05 11.90 11.67
N ASN C 395 -21.97 10.58 11.45
CA ASN C 395 -22.82 9.88 10.46
C ASN C 395 -23.36 8.63 11.14
N LYS C 396 -24.34 8.79 12.02
CA LYS C 396 -24.90 7.65 12.72
C LYS C 396 -25.69 6.78 11.74
N LEU C 397 -25.30 5.51 11.65
CA LEU C 397 -25.99 4.56 10.79
C LEU C 397 -27.15 3.90 11.53
N HIS C 398 -28.29 3.78 10.84
CA HIS C 398 -29.46 3.11 11.39
C HIS C 398 -29.72 1.80 10.65
N PRO C 399 -30.07 0.73 11.36
CA PRO C 399 -30.47 -0.50 10.67
C PRO C 399 -31.80 -0.29 9.95
N ARG C 400 -31.90 -0.83 8.74
CA ARG C 400 -33.08 -0.68 7.91
C ARG C 400 -33.56 -2.06 7.46
N LEU C 401 -34.86 -2.16 7.21
CA LEU C 401 -35.45 -3.37 6.66
C LEU C 401 -36.66 -3.00 5.83
N SER C 402 -36.83 -3.72 4.72
CA SER C 402 -37.99 -3.56 3.86
C SER C 402 -38.41 -4.92 3.33
N ALA C 403 -39.67 -5.00 2.90
CA ALA C 403 -40.22 -6.21 2.34
C ALA C 403 -40.98 -5.89 1.07
N SER C 404 -40.79 -6.70 0.05
CA SER C 404 -41.51 -6.61 -1.20
C SER C 404 -42.23 -7.92 -1.45
N ILE C 405 -43.41 -7.84 -2.06
CA ILE C 405 -44.21 -9.02 -2.26
C ILE C 405 -43.57 -9.88 -3.33
N ALA C 406 -43.39 -11.17 -3.02
CA ALA C 406 -42.82 -12.15 -3.93
C ALA C 406 -43.88 -13.04 -4.56
N SER C 407 -44.89 -13.44 -3.78
CA SER C 407 -46.02 -14.19 -4.31
C SER C 407 -47.19 -13.99 -3.35
N ILE C 408 -48.40 -13.89 -3.92
CA ILE C 408 -49.59 -13.63 -3.13
C ILE C 408 -50.82 -14.15 -3.88
N VAL C 409 -51.63 -14.96 -3.20
CA VAL C 409 -52.88 -15.48 -3.73
C VAL C 409 -53.95 -15.44 -2.66
N ALA C 410 -55.21 -15.31 -3.10
CA ALA C 410 -56.37 -15.24 -2.21
C ALA C 410 -56.95 -16.65 -2.00
N ASP C 411 -56.18 -17.46 -1.28
CA ASP C 411 -56.56 -18.84 -1.03
C ASP C 411 -57.74 -18.93 -0.05
N THR C 412 -58.51 -20.01 -0.18
CA THR C 412 -59.65 -20.28 0.68
C THR C 412 -59.60 -21.73 1.16
N LYS C 413 -60.49 -22.03 2.11
CA LYS C 413 -60.62 -23.38 2.65
C LYS C 413 -61.03 -24.36 1.55
N ASP C 414 -60.45 -25.56 1.57
CA ASP C 414 -60.84 -26.62 0.65
C ASP C 414 -61.94 -27.49 1.28
N SER C 415 -62.25 -28.63 0.65
CA SER C 415 -63.30 -29.51 1.14
C SER C 415 -62.99 -30.09 2.52
N ASN C 416 -61.73 -30.00 2.95
CA ASN C 416 -61.32 -30.51 4.26
C ASN C 416 -61.01 -29.37 5.22
N GLY C 417 -61.35 -28.13 4.85
CA GLY C 417 -61.04 -26.99 5.69
C GLY C 417 -59.58 -26.65 5.76
N LYS C 418 -58.78 -27.15 4.83
CA LYS C 418 -57.35 -26.88 4.80
C LYS C 418 -56.99 -25.92 3.67
N TYR C 419 -55.89 -25.21 3.85
CA TYR C 419 -55.38 -24.28 2.85
C TYR C 419 -54.16 -24.92 2.20
N GLN C 420 -54.19 -25.05 0.87
CA GLN C 420 -53.17 -25.80 0.16
C GLN C 420 -52.04 -24.94 -0.38
N ALA C 421 -52.32 -23.69 -0.75
CA ALA C 421 -51.30 -22.81 -1.30
C ALA C 421 -50.22 -22.53 -0.26
N ASP C 422 -48.96 -22.71 -0.64
CA ASP C 422 -47.84 -22.57 0.30
C ASP C 422 -46.63 -22.02 -0.45
N PHE C 423 -46.12 -20.88 0.01
CA PHE C 423 -44.96 -20.24 -0.60
C PHE C 423 -43.74 -20.25 0.30
N SER C 424 -43.64 -21.22 1.20
CA SER C 424 -42.50 -21.25 2.11
C SER C 424 -41.19 -21.60 1.39
N SER C 425 -41.27 -22.27 0.24
CA SER C 425 -40.11 -22.65 -0.55
C SER C 425 -40.25 -22.10 -1.95
N LEU C 426 -39.33 -21.21 -2.35
CA LEU C 426 -39.42 -20.51 -3.63
C LEU C 426 -39.39 -21.47 -4.82
N ALA C 427 -38.63 -22.57 -4.70
CA ALA C 427 -38.52 -23.49 -5.83
C ALA C 427 -39.79 -24.31 -6.07
N GLY C 428 -40.81 -24.16 -5.23
CA GLY C 428 -42.03 -24.92 -5.35
C GLY C 428 -43.27 -24.11 -5.07
N ASN C 429 -43.25 -22.83 -5.45
CA ASN C 429 -44.37 -21.95 -5.15
C ASN C 429 -45.62 -22.35 -5.93
N ARG C 430 -45.45 -22.96 -7.09
CA ARG C 430 -46.58 -23.32 -7.93
C ARG C 430 -47.10 -24.74 -7.69
N ASN C 431 -46.44 -25.55 -6.85
CA ASN C 431 -46.78 -26.97 -6.80
C ASN C 431 -48.04 -27.30 -6.01
N SER C 432 -48.46 -26.43 -5.09
CA SER C 432 -49.74 -26.58 -4.39
C SER C 432 -50.61 -25.37 -4.73
N GLY C 433 -51.70 -25.61 -5.45
CA GLY C 433 -52.47 -24.53 -6.02
C GLY C 433 -53.47 -23.82 -5.12
N GLY C 434 -54.21 -24.56 -4.31
CA GLY C 434 -55.24 -23.96 -3.50
C GLY C 434 -56.51 -23.67 -4.26
N GLN C 435 -57.46 -23.07 -3.55
CA GLN C 435 -58.77 -22.72 -4.07
C GLN C 435 -58.95 -21.21 -3.95
N LEU C 436 -58.82 -20.50 -5.06
CA LEU C 436 -58.68 -19.06 -5.01
C LEU C 436 -60.03 -18.36 -5.09
N GLY C 437 -60.17 -17.32 -4.29
CA GLY C 437 -61.24 -16.36 -4.36
C GLY C 437 -60.75 -15.08 -5.02
N TYR C 438 -61.31 -13.95 -4.59
CA TYR C 438 -60.90 -12.65 -5.09
C TYR C 438 -60.03 -11.97 -4.05
N LEU C 439 -58.93 -11.38 -4.51
CA LEU C 439 -57.96 -10.73 -3.62
C LEU C 439 -58.36 -9.27 -3.38
N SER C 440 -58.34 -8.87 -2.11
CA SER C 440 -58.50 -7.47 -1.75
C SER C 440 -57.16 -6.75 -1.57
N GLY C 441 -56.08 -7.49 -1.40
CA GLY C 441 -54.76 -6.92 -1.21
C GLY C 441 -54.16 -7.33 0.12
N THR C 442 -53.06 -6.68 0.48
CA THR C 442 -52.38 -6.99 1.72
C THR C 442 -51.76 -5.72 2.31
N ALA C 443 -51.73 -5.68 3.65
CA ALA C 443 -51.05 -4.63 4.40
C ALA C 443 -49.92 -5.32 5.16
N ILE C 444 -48.68 -4.98 4.79
CA ILE C 444 -47.50 -5.61 5.37
C ILE C 444 -46.81 -4.60 6.28
N GLN C 445 -46.58 -4.99 7.52
CA GLN C 445 -46.07 -4.09 8.54
C GLN C 445 -44.75 -4.60 9.09
N VAL C 446 -43.82 -3.68 9.29
CA VAL C 446 -42.50 -3.98 9.83
C VAL C 446 -42.32 -3.10 11.06
N ASN C 447 -42.05 -3.73 12.20
CA ASN C 447 -41.80 -3.01 13.43
C ASN C 447 -40.49 -3.51 14.02
N GLN C 448 -40.00 -2.79 15.02
CA GLN C 448 -38.76 -3.20 15.65
C GLN C 448 -38.80 -2.86 17.13
N SER C 449 -38.23 -3.73 17.94
CA SER C 449 -37.86 -3.42 19.30
C SER C 449 -36.38 -3.07 19.32
N GLY C 450 -35.75 -3.11 20.49
CA GLY C 450 -34.33 -2.88 20.56
C GLY C 450 -33.50 -3.99 19.93
N SER C 451 -34.05 -5.20 19.84
CA SER C 451 -33.29 -6.35 19.42
C SER C 451 -33.91 -7.15 18.27
N LYS C 452 -35.18 -6.94 17.94
CA LYS C 452 -35.86 -7.81 16.99
C LYS C 452 -36.57 -7.02 15.90
N TRP C 453 -36.56 -7.57 14.69
CA TRP C 453 -37.43 -7.13 13.62
C TRP C 453 -38.67 -8.02 13.62
N TYR C 454 -39.84 -7.38 13.54
CA TYR C 454 -41.10 -8.11 13.43
C TYR C 454 -41.77 -7.73 12.13
N ILE C 455 -42.02 -8.72 11.28
CA ILE C 455 -42.68 -8.50 10.01
C ILE C 455 -44.00 -9.26 10.06
N THR C 456 -45.11 -8.54 9.90
CA THR C 456 -46.43 -9.10 9.97
C THR C 456 -47.24 -8.56 8.80
N ALA C 457 -48.37 -9.20 8.53
CA ALA C 457 -49.15 -8.82 7.35
C ALA C 457 -50.60 -9.23 7.53
N THR C 458 -51.49 -8.49 6.86
CA THR C 458 -52.92 -8.76 6.87
C THR C 458 -53.42 -8.78 5.44
N MET C 459 -54.18 -9.82 5.07
CA MET C 459 -54.69 -9.99 3.72
C MET C 459 -56.21 -10.11 3.71
N GLY C 460 -56.85 -9.41 2.78
CA GLY C 460 -58.30 -9.49 2.58
C GLY C 460 -58.64 -10.35 1.38
N VAL C 461 -59.62 -11.24 1.57
CA VAL C 461 -60.02 -12.19 0.55
C VAL C 461 -61.54 -12.33 0.55
N PHE C 462 -62.14 -12.36 -0.64
CA PHE C 462 -63.56 -12.66 -0.83
C PHE C 462 -63.71 -14.04 -1.46
N ASP C 463 -64.52 -14.89 -0.82
CA ASP C 463 -64.83 -16.21 -1.35
C ASP C 463 -66.12 -16.16 -2.14
N PRO C 464 -66.11 -16.28 -3.46
CA PRO C 464 -67.36 -16.22 -4.23
C PRO C 464 -68.22 -17.46 -4.11
N LEU C 465 -67.68 -18.58 -3.60
CA LEU C 465 -68.49 -19.78 -3.44
C LEU C 465 -69.47 -19.64 -2.29
N THR C 466 -69.05 -19.02 -1.19
CA THR C 466 -69.88 -18.86 0.00
C THR C 466 -70.32 -17.43 0.23
N ASN C 467 -69.93 -16.50 -0.64
CA ASN C 467 -70.21 -15.08 -0.45
C ASN C 467 -69.78 -14.60 0.93
N THR C 468 -68.64 -15.09 1.39
CA THR C 468 -68.11 -14.82 2.73
C THR C 468 -66.82 -14.02 2.63
N THR C 469 -66.69 -13.05 3.53
CA THR C 469 -65.56 -12.14 3.60
C THR C 469 -64.55 -12.60 4.64
N TYR C 470 -63.28 -12.65 4.25
CA TYR C 470 -62.21 -13.12 5.13
C TYR C 470 -61.10 -12.08 5.27
N VAL C 471 -60.52 -12.04 6.47
CA VAL C 471 -59.30 -11.31 6.76
C VAL C 471 -58.30 -12.29 7.36
N TYR C 472 -57.15 -12.46 6.70
CA TYR C 472 -56.13 -13.42 7.11
C TYR C 472 -54.94 -12.71 7.77
N LEU C 473 -54.36 -13.36 8.79
CA LEU C 473 -53.18 -12.86 9.48
C LEU C 473 -51.98 -13.76 9.20
N ASN C 474 -50.89 -13.15 8.74
CA ASN C 474 -49.61 -13.81 8.45
C ASN C 474 -49.79 -15.14 7.69
N PRO C 475 -50.33 -15.11 6.48
CA PRO C 475 -50.65 -16.37 5.79
C PRO C 475 -49.43 -16.97 5.09
N LYS C 476 -49.42 -18.30 5.02
CA LYS C 476 -48.34 -19.00 4.33
C LYS C 476 -48.40 -18.84 2.82
N PHE C 477 -49.51 -18.32 2.26
CA PHE C 477 -49.60 -18.04 0.84
C PHE C 477 -49.19 -16.61 0.50
N LEU C 478 -48.64 -15.88 1.45
CA LEU C 478 -48.01 -14.58 1.20
C LEU C 478 -46.53 -14.69 1.56
N SER C 479 -45.66 -14.40 0.59
CA SER C 479 -44.22 -14.44 0.80
C SER C 479 -43.59 -13.13 0.34
N VAL C 480 -42.50 -12.77 1.00
CA VAL C 480 -41.83 -11.50 0.74
C VAL C 480 -40.34 -11.74 0.55
N ASN C 481 -39.73 -10.87 -0.25
CA ASN C 481 -38.28 -10.72 -0.31
C ASN C 481 -37.88 -9.60 0.64
N ILE C 482 -37.12 -9.94 1.68
CA ILE C 482 -36.76 -9.01 2.73
C ILE C 482 -35.38 -8.44 2.42
N THR C 483 -35.29 -7.12 2.36
CA THR C 483 -34.04 -6.41 2.13
C THR C 483 -33.60 -5.77 3.45
N THR C 484 -32.37 -6.03 3.85
CA THR C 484 -31.83 -5.47 5.09
C THR C 484 -30.52 -4.75 4.78
N TRP C 485 -30.33 -3.58 5.41
CA TRP C 485 -29.12 -2.79 5.22
C TRP C 485 -29.05 -1.75 6.33
N CYS C 486 -27.98 -0.95 6.31
CA CYS C 486 -27.81 0.19 7.20
C CYS C 486 -27.69 1.46 6.39
N SER C 487 -28.17 2.58 6.95
CA SER C 487 -28.22 3.84 6.23
C SER C 487 -28.33 4.99 7.22
N THR C 488 -27.97 6.18 6.74
CA THR C 488 -28.20 7.41 7.48
C THR C 488 -29.64 7.89 7.40
N GLU C 489 -30.42 7.38 6.45
CA GLU C 489 -31.83 7.68 6.35
C GLU C 489 -32.61 6.83 7.34
N PRO C 490 -33.39 7.43 8.24
CA PRO C 490 -34.03 6.67 9.31
C PRO C 490 -35.21 5.84 8.80
N GLN C 491 -35.70 4.97 9.68
CA GLN C 491 -36.84 4.10 9.40
C GLN C 491 -38.16 4.81 9.63
N SER D 5 -45.25 -2.79 19.11
CA SER D 5 -46.46 -2.00 19.32
C SER D 5 -47.69 -2.71 18.77
N GLU D 6 -48.42 -2.02 17.92
CA GLU D 6 -49.76 -2.45 17.53
C GLU D 6 -49.78 -3.10 16.15
N GLY D 7 -50.87 -3.80 15.90
CA GLY D 7 -51.22 -4.22 14.56
C GLY D 7 -52.73 -4.29 14.46
N GLY D 8 -53.25 -3.87 13.32
CA GLY D 8 -54.68 -3.81 13.13
C GLY D 8 -55.13 -4.49 11.85
N ALA D 9 -56.38 -4.96 11.87
CA ALA D 9 -56.97 -5.58 10.69
C ALA D 9 -57.72 -4.52 9.89
N PHE D 10 -58.34 -4.94 8.78
CA PHE D 10 -59.16 -4.02 7.99
C PHE D 10 -60.51 -4.63 7.67
N THR D 11 -61.49 -3.74 7.51
CA THR D 11 -62.84 -4.15 7.16
C THR D 11 -62.94 -4.34 5.65
N VAL D 12 -63.56 -5.44 5.24
CA VAL D 12 -63.89 -5.67 3.85
C VAL D 12 -65.42 -5.68 3.75
N ASN D 13 -65.92 -5.77 2.52
CA ASN D 13 -67.31 -5.46 2.21
C ASN D 13 -68.13 -6.72 1.93
N MET D 14 -69.42 -6.49 1.66
CA MET D 14 -70.40 -7.55 1.42
C MET D 14 -71.40 -7.12 0.35
N PRO D 15 -71.52 -7.86 -0.75
CA PRO D 15 -72.35 -7.49 -1.91
C PRO D 15 -73.81 -7.22 -1.55
N SER E 5 -44.04 12.07 -19.39
CA SER E 5 -44.73 11.58 -20.57
C SER E 5 -46.20 11.25 -20.28
N GLU E 6 -46.62 10.04 -20.63
CA GLU E 6 -48.03 9.67 -20.60
C GLU E 6 -48.32 8.62 -19.54
N GLY E 7 -49.55 8.66 -19.01
CA GLY E 7 -50.05 7.64 -18.12
C GLY E 7 -51.55 7.44 -18.31
N GLY E 8 -52.00 6.18 -18.44
CA GLY E 8 -53.39 5.90 -18.72
C GLY E 8 -53.98 4.89 -17.77
N ALA E 9 -55.31 4.87 -17.74
CA ALA E 9 -56.05 3.93 -16.91
C ALA E 9 -56.59 2.80 -17.76
N PHE E 10 -57.57 2.07 -17.22
CA PHE E 10 -58.07 0.90 -17.91
C PHE E 10 -59.56 0.73 -17.65
N THR E 11 -60.23 0.08 -18.61
CA THR E 11 -61.63 -0.24 -18.47
C THR E 11 -61.79 -1.50 -17.64
N VAL E 12 -62.84 -1.53 -16.82
CA VAL E 12 -63.20 -2.71 -16.05
C VAL E 12 -64.66 -3.03 -16.34
N ASN E 13 -65.06 -4.27 -16.08
CA ASN E 13 -66.31 -4.81 -16.56
C ASN E 13 -67.38 -4.83 -15.46
N MET E 14 -68.64 -4.94 -15.92
CA MET E 14 -69.81 -4.95 -15.08
C MET E 14 -70.59 -6.25 -15.29
N PRO E 15 -70.97 -6.94 -14.22
CA PRO E 15 -71.76 -8.19 -14.27
C PRO E 15 -73.08 -8.04 -15.01
N SER F 5 -37.16 -28.52 -12.38
CA SER F 5 -38.07 -29.62 -12.08
C SER F 5 -39.46 -29.32 -12.59
N GLU F 6 -40.45 -29.52 -11.72
CA GLU F 6 -41.84 -29.41 -12.10
C GLU F 6 -42.34 -27.98 -11.95
N GLY F 7 -43.56 -27.77 -12.45
CA GLY F 7 -44.32 -26.57 -12.20
C GLY F 7 -45.79 -26.94 -12.17
N GLY F 8 -46.60 -26.08 -11.56
CA GLY F 8 -48.02 -26.36 -11.45
C GLY F 8 -48.86 -25.11 -11.50
N ALA F 9 -50.17 -25.32 -11.62
CA ALA F 9 -51.15 -24.24 -11.63
C ALA F 9 -52.05 -24.35 -10.40
N PHE F 10 -52.91 -23.34 -10.22
CA PHE F 10 -53.89 -23.33 -9.16
C PHE F 10 -55.31 -23.21 -9.72
N THR F 11 -56.28 -23.61 -8.92
CA THR F 11 -57.68 -23.65 -9.30
C THR F 11 -58.41 -22.43 -8.76
N VAL F 12 -59.21 -21.78 -9.60
CA VAL F 12 -60.06 -20.67 -9.19
C VAL F 12 -61.51 -21.11 -9.29
N ASN F 13 -62.41 -20.32 -8.69
CA ASN F 13 -63.78 -20.73 -8.49
C ASN F 13 -64.70 -20.22 -9.60
N MET F 14 -65.80 -20.95 -9.81
CA MET F 14 -66.90 -20.54 -10.66
C MET F 14 -68.03 -20.02 -9.78
N PRO F 15 -68.64 -18.87 -10.13
CA PRO F 15 -69.67 -18.21 -9.32
C PRO F 15 -70.95 -19.04 -9.22
#